data_8SMK
#
_entry.id   8SMK
#
loop_
_entity.id
_entity.type
_entity.pdbx_description
1 polymer 'Protein-arginine deiminase type-4'
2 polymer 'Activating Fab 362 heavy chain'
3 polymer 'Activating Fab 362 light chain'
4 non-polymer 'CALCIUM ION'
#
loop_
_entity_poly.entity_id
_entity_poly.type
_entity_poly.pdbx_seq_one_letter_code
_entity_poly.pdbx_strand_id
1 'polypeptide(L)'
;HHHHHHASGGLNDIFEAQKIEWHEENLYFQGTSAQGTLIRVTPEQPTHAVCVLGTLTQLDICSSAPEDCTSFSINASPGV
VVDIAHGPPAKKKSTGSSTWPLDPGVEVTLTMKAASGSTGDQKVQISYYGPKTPPVKALLYLTGVEISLCADITRTGKVK
PTRAVKDQRTWTWGPCGQGAILLVNCDRDNLESSAMDCEDDEVLDSEDLQDMSLMTLSTKTPKDFFTNHTLVLHVARSEM
DKVRVFQATRGKLSSKCSVVLGPKWPSHYLMVPGGKHNMDFYVEALAFPDTDFPGLITLTISLLDTSNLELPEAVVFQDS
VVFRVAPWIMTPNTQPPQEVYACSIFENEDFLKSVTTLAMKAKCKLTICPEEENMDDQWMQDEMEIGYIQAPHKTLPVVF
DSPRNRGLKEFPIKRVMGPDFGYVTRGPQTGGISGLDSFGNLEVSPPVTVRGKEYPLGRILFGDSCYPSNDSRQMHQALQ
DFLSAQQVQAPVKLYSDWLSVGHVDEFLSFVPAPDRKGFRLLLASPRSCYKLFQEQQNEGHGEALLFEGIKKKKQQKIKN
ILSNKTLREHNSFVERCIDWNRELLKRELGLAESDIIDIPQLFKLKEFSKAEAFFPNMVNMLVLGKHLGIPKPFGPVING
RCCLEEKVCSLLEPLGLQCTFINDFFTYHIRHGEVHCGTNVRRKPFSFKWWNMVP
;
A,D
2 'polypeptide(L)'
;EVQLVESGGGLVQPGGSLRLSCAASGFNVSYYSIHWVRQAPGKGLEWVASISPYYGSTYYADSVKGRFTISADTSKNTAY
LQMNSLRAEDTAVYYCARHPYRKGYSGLDYWGQGTLVTVSSASTKGPSVFPLAPSSKSTSGGTAALGCLVKDYFPEPVTV
SWNSGALTSGVHTFPAVLQSSGLYSLSSVVTVPSSSLGTQTYICNVNHKPSNTKVDKKVEPKSCDKTHT
;
B,E
3 'polypeptide(L)'
;DIQMTQSPSSLSASVGDRVTITCRASQSVSSAVAWYQQKPGKAPKLLIYSASSLYSGVPSRFSGSRSGTDFTLTISSLQP
EDFATYYCQQSSYLPLFTFGQGTKVEIKRTVAAPSVFIFPPSDSQLKSGTASVVCLLNNFYPREAKVQWKVDNALQSGNS
QESVTEQDSKDSTYSLSSTLTLSKADYEKHKVYACEVTHQGLSSPVTKSFNRGEC
;
C,F
#
# COMPACT_ATOMS: atom_id res chain seq x y z
N GLY A 36 2.86 -39.23 -5.31
CA GLY A 36 1.92 -38.13 -5.20
C GLY A 36 0.54 -38.54 -4.69
N THR A 37 -0.47 -38.41 -5.56
CA THR A 37 -1.87 -38.73 -5.22
C THR A 37 -2.05 -40.21 -4.81
N LEU A 38 -2.78 -40.43 -3.71
CA LEU A 38 -3.06 -41.75 -3.13
C LEU A 38 -4.31 -42.39 -3.75
N ILE A 39 -4.18 -43.65 -4.15
CA ILE A 39 -5.24 -44.49 -4.72
C ILE A 39 -5.61 -45.59 -3.71
N ARG A 40 -6.90 -45.74 -3.40
CA ARG A 40 -7.40 -46.76 -2.48
C ARG A 40 -7.47 -48.13 -3.17
N VAL A 41 -6.92 -49.16 -2.53
CA VAL A 41 -7.00 -50.56 -2.95
C VAL A 41 -7.52 -51.40 -1.78
N THR A 42 -8.54 -52.23 -2.00
CA THR A 42 -9.17 -53.03 -0.94
C THR A 42 -9.84 -54.30 -1.48
N PRO A 43 -9.86 -55.42 -0.74
CA PRO A 43 -10.72 -56.57 -1.05
C PRO A 43 -12.22 -56.31 -0.89
N GLU A 44 -12.62 -55.22 -0.23
CA GLU A 44 -14.03 -54.91 0.07
C GLU A 44 -14.92 -54.80 -1.19
N GLN A 45 -14.37 -54.24 -2.28
CA GLN A 45 -15.00 -54.04 -3.58
C GLN A 45 -13.94 -53.54 -4.60
N PRO A 46 -14.10 -53.74 -5.91
CA PRO A 46 -13.19 -53.17 -6.91
C PRO A 46 -13.18 -51.63 -6.88
N THR A 47 -12.01 -51.02 -7.06
CA THR A 47 -11.88 -49.54 -7.16
C THR A 47 -11.34 -49.10 -8.52
N HIS A 48 -11.35 -47.78 -8.76
CA HIS A 48 -10.94 -47.14 -10.01
C HIS A 48 -10.24 -45.81 -9.74
N ALA A 49 -9.21 -45.47 -10.50
CA ALA A 49 -8.53 -44.18 -10.41
C ALA A 49 -8.01 -43.67 -11.76
N VAL A 50 -7.82 -42.35 -11.86
CA VAL A 50 -7.28 -41.67 -13.05
C VAL A 50 -5.85 -41.24 -12.79
N CYS A 51 -4.92 -41.58 -13.67
CA CYS A 51 -3.51 -41.18 -13.57
C CYS A 51 -3.14 -40.26 -14.73
N VAL A 52 -2.46 -39.14 -14.45
CA VAL A 52 -2.06 -38.20 -15.50
C VAL A 52 -0.61 -38.46 -15.90
N LEU A 53 -0.32 -38.57 -17.19
CA LEU A 53 1.04 -38.88 -17.67
C LEU A 53 2.10 -37.89 -17.17
N GLY A 54 3.19 -38.41 -16.63
CA GLY A 54 4.26 -37.66 -15.97
C GLY A 54 4.13 -37.59 -14.44
N THR A 55 2.99 -37.95 -13.86
CA THR A 55 2.77 -37.96 -12.41
C THR A 55 2.91 -39.37 -11.82
N LEU A 56 3.70 -39.52 -10.76
CA LEU A 56 3.89 -40.78 -10.03
C LEU A 56 2.94 -40.84 -8.83
N THR A 57 2.07 -41.85 -8.79
CA THR A 57 1.06 -41.99 -7.72
C THR A 57 1.37 -43.16 -6.80
N GLN A 58 0.72 -43.21 -5.64
CA GLN A 58 0.96 -44.24 -4.62
C GLN A 58 -0.27 -45.13 -4.46
N LEU A 59 -0.08 -46.44 -4.22
CA LEU A 59 -1.18 -47.38 -4.00
C LEU A 59 -1.32 -47.77 -2.53
N ASP A 60 -2.50 -47.55 -1.94
CA ASP A 60 -2.84 -47.91 -0.55
C ASP A 60 -3.22 -49.39 -0.35
N ILE A 61 -2.25 -50.31 -0.36
CA ILE A 61 -2.50 -51.77 -0.29
C ILE A 61 -2.45 -52.33 1.14
N CYS A 62 -1.45 -51.91 1.93
CA CYS A 62 -1.25 -52.40 3.30
C CYS A 62 -2.34 -51.97 4.30
N SER A 63 -3.23 -51.01 3.98
CA SER A 63 -4.27 -50.59 4.93
C SER A 63 -5.46 -51.56 5.02
N SER A 64 -5.61 -52.50 4.09
CA SER A 64 -6.73 -53.46 4.04
C SER A 64 -6.31 -54.83 3.49
N ALA A 65 -6.68 -55.92 4.17
CA ALA A 65 -6.40 -57.30 3.75
C ALA A 65 -7.38 -58.29 4.38
N SER A 71 2.62 -58.75 3.04
CA SER A 71 3.07 -59.77 2.10
C SER A 71 2.06 -59.97 0.95
N PHE A 72 2.38 -59.46 -0.24
CA PHE A 72 1.52 -59.55 -1.43
C PHE A 72 2.32 -59.43 -2.74
N SER A 73 1.69 -59.81 -3.86
CA SER A 73 2.23 -59.68 -5.22
C SER A 73 1.37 -58.71 -6.04
N ILE A 74 2.03 -57.98 -6.94
CA ILE A 74 1.40 -57.01 -7.85
C ILE A 74 1.47 -57.52 -9.29
N ASN A 75 0.31 -57.72 -9.91
CA ASN A 75 0.20 -58.15 -11.31
C ASN A 75 -0.37 -56.99 -12.15
N ALA A 76 0.48 -56.27 -12.87
CA ALA A 76 0.10 -55.13 -13.68
C ALA A 76 -0.08 -55.51 -15.16
N SER A 77 -1.17 -55.04 -15.79
CA SER A 77 -1.45 -55.27 -17.21
C SER A 77 -0.48 -54.49 -18.14
N PRO A 78 -0.39 -54.82 -19.45
CA PRO A 78 0.50 -54.13 -20.38
C PRO A 78 0.34 -52.60 -20.43
N GLY A 79 1.46 -51.88 -20.47
CA GLY A 79 1.48 -50.40 -20.44
C GLY A 79 1.48 -49.78 -19.03
N VAL A 80 1.35 -50.59 -17.98
CA VAL A 80 1.36 -50.18 -16.57
C VAL A 80 2.66 -50.65 -15.91
N VAL A 81 3.39 -49.72 -15.29
CA VAL A 81 4.67 -49.97 -14.61
C VAL A 81 4.54 -49.63 -13.13
N VAL A 82 4.85 -50.59 -12.24
CA VAL A 82 4.80 -50.40 -10.79
C VAL A 82 6.13 -50.80 -10.13
N ASP A 83 6.69 -49.90 -9.34
CA ASP A 83 7.93 -50.09 -8.57
C ASP A 83 7.64 -50.14 -7.06
N ILE A 84 8.51 -50.85 -6.32
CA ILE A 84 8.45 -50.99 -4.87
C ILE A 84 9.77 -50.48 -4.27
N ALA A 85 9.69 -49.60 -3.27
CA ALA A 85 10.87 -49.06 -2.58
C ALA A 85 10.98 -49.56 -1.14
N GLU A 107 5.39 -49.01 0.21
CA GLU A 107 6.05 -48.06 -0.70
C GLU A 107 5.89 -48.50 -2.16
N VAL A 108 4.66 -48.44 -2.68
CA VAL A 108 4.31 -48.86 -4.05
C VAL A 108 3.95 -47.68 -4.94
N THR A 109 4.74 -47.47 -5.99
CA THR A 109 4.63 -46.36 -6.96
C THR A 109 4.13 -46.88 -8.31
N LEU A 110 3.05 -46.28 -8.79
CA LEU A 110 2.36 -46.58 -10.03
C LEU A 110 2.64 -45.47 -11.06
N THR A 111 2.92 -45.83 -12.32
CA THR A 111 2.97 -44.91 -13.45
C THR A 111 2.46 -45.59 -14.73
N MET A 112 1.97 -44.82 -15.70
CA MET A 112 1.43 -45.33 -16.97
C MET A 112 2.15 -44.74 -18.18
N LYS A 113 2.39 -45.56 -19.21
CA LYS A 113 3.16 -45.17 -20.41
C LYS A 113 2.41 -44.27 -21.38
N ALA A 114 1.09 -44.41 -21.53
CA ALA A 114 0.29 -43.67 -22.51
C ALA A 114 -1.17 -43.50 -22.07
N ALA A 115 -1.87 -42.51 -22.63
CA ALA A 115 -3.28 -42.23 -22.34
C ALA A 115 -4.20 -43.34 -22.87
N SER A 116 -5.28 -43.63 -22.15
CA SER A 116 -6.28 -44.63 -22.50
C SER A 116 -7.30 -44.13 -23.50
N GLY A 117 -7.86 -45.04 -24.32
CA GLY A 117 -8.97 -44.74 -25.23
C GLY A 117 -10.36 -45.07 -24.65
N SER A 118 -10.42 -45.66 -23.47
CA SER A 118 -11.66 -46.07 -22.80
C SER A 118 -11.51 -46.05 -21.28
N THR A 119 -12.63 -45.99 -20.56
CA THR A 119 -12.63 -45.99 -19.08
C THR A 119 -12.29 -47.39 -18.56
N GLY A 120 -11.32 -47.49 -17.65
CA GLY A 120 -10.91 -48.78 -17.07
C GLY A 120 -10.10 -49.66 -18.04
N ASP A 121 -9.34 -49.05 -18.96
CA ASP A 121 -8.55 -49.73 -19.99
C ASP A 121 -7.49 -50.69 -19.43
N GLN A 122 -6.84 -50.33 -18.32
CA GLN A 122 -5.80 -51.12 -17.68
C GLN A 122 -6.19 -51.44 -16.23
N LYS A 123 -5.62 -52.51 -15.67
CA LYS A 123 -5.89 -52.95 -14.28
C LYS A 123 -4.67 -53.55 -13.62
N VAL A 124 -4.67 -53.50 -12.30
CA VAL A 124 -3.66 -54.10 -11.42
C VAL A 124 -4.37 -55.00 -10.41
N GLN A 125 -3.94 -56.25 -10.33
CA GLN A 125 -4.43 -57.27 -9.41
C GLN A 125 -3.45 -57.42 -8.24
N ILE A 126 -3.97 -57.50 -7.03
CA ILE A 126 -3.16 -57.70 -5.81
C ILE A 126 -3.51 -59.06 -5.21
N SER A 127 -2.51 -59.89 -4.95
CA SER A 127 -2.68 -61.20 -4.31
C SER A 127 -1.92 -61.24 -2.99
N TYR A 128 -2.59 -61.56 -1.90
CA TYR A 128 -2.00 -61.58 -0.56
C TYR A 128 -1.50 -62.98 -0.19
N LYS A 137 -7.69 -61.24 -1.90
CA LYS A 137 -7.37 -60.59 -3.20
C LYS A 137 -8.02 -59.20 -3.33
N ALA A 138 -7.46 -58.32 -4.15
CA ALA A 138 -8.00 -57.00 -4.48
C ALA A 138 -7.77 -56.57 -5.94
N LEU A 139 -8.66 -55.72 -6.47
CA LEU A 139 -8.62 -55.26 -7.87
C LEU A 139 -8.81 -53.73 -8.00
N LEU A 140 -7.90 -53.08 -8.73
CA LEU A 140 -7.89 -51.66 -9.08
C LEU A 140 -7.92 -51.47 -10.60
N TYR A 141 -8.83 -50.64 -11.09
CA TYR A 141 -8.92 -50.20 -12.50
C TYR A 141 -8.24 -48.84 -12.69
N LEU A 142 -7.56 -48.66 -13.83
CA LEU A 142 -6.82 -47.44 -14.16
C LEU A 142 -7.27 -46.84 -15.48
N THR A 143 -7.42 -45.52 -15.51
CA THR A 143 -7.61 -44.74 -16.75
C THR A 143 -6.46 -43.73 -16.85
N GLY A 144 -5.70 -43.74 -17.94
CA GLY A 144 -4.62 -42.79 -18.16
C GLY A 144 -5.10 -41.61 -19.01
N VAL A 145 -4.68 -40.40 -18.65
CA VAL A 145 -4.96 -39.17 -19.40
C VAL A 145 -3.70 -38.33 -19.55
N GLU A 146 -3.66 -37.47 -20.55
CA GLU A 146 -2.60 -36.48 -20.71
C GLU A 146 -3.23 -35.12 -20.42
N ILE A 147 -2.74 -34.38 -19.43
CA ILE A 147 -3.17 -33.02 -19.11
C ILE A 147 -1.91 -32.22 -18.78
N SER A 148 -1.57 -31.21 -19.58
CA SER A 148 -0.41 -30.35 -19.33
C SER A 148 -0.58 -28.95 -19.92
N LEU A 149 0.07 -27.95 -19.33
CA LEU A 149 0.07 -26.57 -19.80
C LEU A 149 1.52 -26.09 -20.01
N CYS A 150 1.88 -25.66 -21.22
CA CYS A 150 3.28 -25.31 -21.55
C CYS A 150 3.76 -23.89 -21.17
N ALA A 151 3.29 -22.84 -21.84
CA ALA A 151 3.64 -21.42 -21.61
C ALA A 151 5.12 -20.95 -21.77
N ASP A 152 5.90 -21.39 -22.76
CA ASP A 152 7.29 -20.91 -22.99
C ASP A 152 8.25 -20.95 -21.77
N ILE A 153 8.31 -22.08 -21.04
CA ILE A 153 9.16 -22.21 -19.84
C ILE A 153 10.68 -22.05 -20.02
N THR A 154 11.28 -22.42 -21.16
CA THR A 154 12.74 -22.36 -21.40
C THR A 154 13.25 -21.01 -21.94
N ARG A 155 12.37 -20.00 -22.10
CA ARG A 155 12.68 -18.66 -22.66
C ARG A 155 13.14 -18.58 -24.13
N THR A 156 12.73 -19.45 -25.05
CA THR A 156 13.09 -19.26 -26.48
C THR A 156 11.91 -18.92 -27.39
N GLY A 157 10.68 -19.15 -26.93
CA GLY A 157 9.49 -18.98 -27.76
C GLY A 157 9.11 -20.31 -28.43
N LYS A 158 7.81 -20.54 -28.60
CA LYS A 158 7.22 -21.73 -29.24
C LYS A 158 7.76 -23.06 -28.68
N VAL A 159 7.86 -23.19 -27.35
CA VAL A 159 8.35 -24.42 -26.69
C VAL A 159 7.42 -25.62 -26.92
N LYS A 160 6.09 -25.40 -26.84
CA LYS A 160 5.04 -26.42 -27.05
C LYS A 160 5.24 -27.71 -26.20
N ARG A 169 6.63 -26.07 -10.72
CA ARG A 169 7.85 -25.36 -10.29
C ARG A 169 7.68 -23.83 -10.31
N THR A 170 8.58 -23.12 -9.64
CA THR A 170 8.63 -21.65 -9.51
C THR A 170 9.53 -20.98 -10.56
N TRP A 171 9.47 -19.65 -10.69
CA TRP A 171 10.28 -18.83 -11.60
C TRP A 171 11.69 -18.57 -11.06
N THR A 172 12.73 -18.77 -11.87
CA THR A 172 14.13 -18.53 -11.49
C THR A 172 14.91 -17.65 -12.48
N TRP A 173 16.01 -17.06 -11.98
CA TRP A 173 16.89 -16.14 -12.68
C TRP A 173 18.13 -16.84 -13.25
N GLY A 174 18.68 -16.29 -14.34
CA GLY A 174 19.96 -16.70 -14.90
C GLY A 174 19.88 -17.61 -16.13
N PRO A 175 21.01 -17.81 -16.83
CA PRO A 175 21.07 -18.60 -18.05
C PRO A 175 20.73 -20.09 -17.86
N CYS A 176 20.76 -20.59 -16.63
CA CYS A 176 20.41 -21.96 -16.29
C CYS A 176 19.04 -22.10 -15.60
N GLY A 177 18.21 -21.05 -15.55
CA GLY A 177 16.88 -21.08 -14.91
C GLY A 177 15.72 -21.45 -15.85
N GLN A 178 14.48 -21.24 -15.39
CA GLN A 178 13.24 -21.54 -16.10
C GLN A 178 12.10 -20.63 -15.62
N GLY A 179 11.03 -20.49 -16.40
CA GLY A 179 9.84 -19.74 -16.05
C GLY A 179 9.38 -18.83 -17.19
N ALA A 180 8.07 -18.63 -17.35
CA ALA A 180 7.48 -17.88 -18.45
C ALA A 180 7.59 -16.37 -18.24
N ILE A 181 7.45 -15.55 -19.29
CA ILE A 181 7.53 -14.08 -19.21
C ILE A 181 6.33 -13.42 -19.87
N LEU A 182 5.79 -12.35 -19.28
CA LEU A 182 4.71 -11.53 -19.86
C LEU A 182 5.20 -10.13 -20.21
N LEU A 183 4.60 -9.50 -21.22
CA LEU A 183 4.74 -8.06 -21.45
C LEU A 183 3.50 -7.33 -20.94
N VAL A 184 3.64 -6.11 -20.44
CA VAL A 184 2.46 -5.29 -20.12
C VAL A 184 1.92 -4.74 -21.43
N ASN A 185 0.64 -4.94 -21.74
CA ASN A 185 0.06 -4.50 -23.01
C ASN A 185 -0.22 -2.99 -22.99
N CYS A 186 0.84 -2.18 -22.93
CA CYS A 186 0.82 -0.74 -22.69
C CYS A 186 0.95 0.12 -23.95
N ASP A 187 0.88 -0.47 -25.13
CA ASP A 187 0.90 0.23 -26.42
C ASP A 187 -0.53 0.43 -26.93
N ARG A 188 -0.68 0.95 -28.14
CA ARG A 188 -1.99 1.24 -28.74
C ARG A 188 -2.06 0.76 -30.18
N ASP A 189 -2.38 -0.51 -30.40
CA ASP A 189 -2.36 -1.14 -31.73
C ASP A 189 -3.59 -0.80 -32.59
N ASN A 190 -4.75 -0.53 -31.97
CA ASN A 190 -5.96 -0.12 -32.67
C ASN A 190 -6.09 1.42 -32.67
N LEU A 191 -5.86 2.04 -33.83
CA LEU A 191 -5.80 3.51 -33.97
C LEU A 191 -7.16 4.22 -33.98
N GLU A 192 -8.28 3.49 -33.86
CA GLU A 192 -9.62 4.09 -33.82
C GLU A 192 -10.03 4.61 -32.43
N SER A 193 -9.21 4.34 -31.39
CA SER A 193 -9.43 4.73 -30.00
C SER A 193 -8.15 5.26 -29.33
N SER A 194 -8.28 6.23 -28.43
CA SER A 194 -7.18 6.78 -27.62
C SER A 194 -6.83 5.95 -26.37
N ALA A 195 -7.63 4.94 -26.02
CA ALA A 195 -7.43 4.12 -24.83
C ALA A 195 -6.20 3.19 -24.95
N MET A 196 -5.62 2.80 -23.82
CA MET A 196 -4.50 1.85 -23.79
C MET A 196 -5.02 0.41 -24.00
N ASP A 197 -4.32 -0.45 -24.74
CA ASP A 197 -4.82 -1.79 -25.03
C ASP A 197 -5.15 -2.67 -23.82
N CYS A 198 -4.45 -2.54 -22.69
CA CYS A 198 -4.72 -3.30 -21.46
C CYS A 198 -5.90 -2.76 -20.62
N GLU A 199 -6.40 -1.54 -20.88
CA GLU A 199 -7.52 -0.93 -20.14
C GLU A 199 -8.91 -1.55 -20.43
N ASP A 200 -9.17 -2.05 -21.63
CA ASP A 200 -10.42 -2.74 -21.99
C ASP A 200 -10.34 -4.26 -21.82
N ASP A 201 -11.44 -4.95 -22.09
CA ASP A 201 -11.57 -6.41 -22.04
C ASP A 201 -11.66 -7.10 -23.42
N GLU A 202 -11.13 -6.49 -24.48
CA GLU A 202 -11.22 -6.98 -25.87
C GLU A 202 -9.88 -6.99 -26.61
N VAL A 203 -9.72 -7.91 -27.56
CA VAL A 203 -8.64 -7.88 -28.56
C VAL A 203 -9.24 -7.51 -29.91
N LEU A 204 -9.01 -6.28 -30.36
CA LEU A 204 -9.67 -5.71 -31.53
C LEU A 204 -8.91 -5.92 -32.85
N ASP A 205 -7.71 -6.47 -32.82
CA ASP A 205 -6.88 -6.66 -34.02
C ASP A 205 -5.82 -7.76 -33.85
N SER A 206 -5.52 -8.54 -34.89
CA SER A 206 -4.49 -9.59 -34.83
C SER A 206 -3.10 -9.04 -34.49
N GLU A 207 -2.82 -7.75 -34.74
CA GLU A 207 -1.53 -7.17 -34.38
C GLU A 207 -1.34 -7.12 -32.86
N ASP A 208 -2.41 -6.95 -32.08
CA ASP A 208 -2.30 -6.86 -30.62
C ASP A 208 -1.88 -8.21 -30.02
N LEU A 209 -2.18 -9.31 -30.69
CA LEU A 209 -1.72 -10.65 -30.28
C LEU A 209 -0.20 -10.83 -30.31
N GLN A 210 0.55 -10.03 -31.07
CA GLN A 210 2.01 -10.14 -31.08
C GLN A 210 2.61 -9.60 -29.78
N ASP A 211 1.85 -8.84 -29.00
CA ASP A 211 2.28 -8.30 -27.71
C ASP A 211 1.87 -9.17 -26.53
N MET A 212 1.24 -10.33 -26.77
CA MET A 212 0.73 -11.24 -25.73
C MET A 212 1.47 -12.56 -25.74
N SER A 213 1.62 -13.16 -24.56
CA SER A 213 2.29 -14.44 -24.40
C SER A 213 1.34 -15.60 -24.66
N LEU A 214 1.78 -16.51 -25.51
CA LEU A 214 0.98 -17.65 -25.95
C LEU A 214 1.27 -18.87 -25.06
N MET A 215 0.23 -19.54 -24.58
CA MET A 215 0.37 -20.82 -23.90
C MET A 215 -0.64 -21.83 -24.43
N THR A 216 -0.23 -23.08 -24.58
CA THR A 216 -1.06 -24.15 -25.14
C THR A 216 -1.47 -25.12 -24.06
N LEU A 217 -2.75 -25.45 -23.96
CA LEU A 217 -3.28 -26.49 -23.08
C LEU A 217 -3.41 -27.77 -23.89
N SER A 218 -2.61 -28.78 -23.56
CA SER A 218 -2.59 -30.04 -24.29
C SER A 218 -3.29 -31.14 -23.51
N THR A 219 -4.31 -31.76 -24.10
CA THR A 219 -5.07 -32.84 -23.46
C THR A 219 -5.23 -34.10 -24.33
N LYS A 220 -5.33 -35.28 -23.71
CA LYS A 220 -5.73 -36.53 -24.38
C LYS A 220 -6.47 -37.46 -23.42
N THR A 221 -7.77 -37.68 -23.66
CA THR A 221 -8.63 -38.50 -22.79
C THR A 221 -9.52 -39.44 -23.61
N PRO A 222 -10.10 -40.50 -23.00
CA PRO A 222 -11.16 -41.27 -23.63
C PRO A 222 -12.31 -40.39 -24.12
N LYS A 223 -12.98 -40.74 -25.22
CA LYS A 223 -14.04 -39.89 -25.80
C LYS A 223 -15.16 -39.53 -24.82
N ASP A 224 -15.42 -40.39 -23.82
CA ASP A 224 -16.47 -40.20 -22.82
C ASP A 224 -15.94 -39.72 -21.46
N PHE A 225 -14.64 -39.41 -21.34
CA PHE A 225 -14.01 -39.05 -20.07
C PHE A 225 -14.64 -37.85 -19.35
N PHE A 226 -14.92 -36.77 -20.07
CA PHE A 226 -15.44 -35.54 -19.49
C PHE A 226 -16.92 -35.60 -19.10
N THR A 227 -17.59 -36.75 -19.17
CA THR A 227 -18.97 -36.86 -18.60
C THR A 227 -18.99 -36.97 -17.08
N ASN A 228 -17.86 -37.32 -16.46
CA ASN A 228 -17.68 -37.40 -15.00
C ASN A 228 -16.52 -36.52 -14.48
N HIS A 229 -15.95 -35.66 -15.31
CA HIS A 229 -14.81 -34.81 -14.98
C HIS A 229 -14.96 -33.43 -15.62
N THR A 230 -14.35 -32.40 -15.05
CA THR A 230 -14.26 -31.07 -15.67
C THR A 230 -12.95 -30.38 -15.34
N LEU A 231 -12.48 -29.47 -16.19
CA LEU A 231 -11.27 -28.69 -16.00
C LEU A 231 -11.59 -27.21 -15.80
N VAL A 232 -10.99 -26.59 -14.80
CA VAL A 232 -11.16 -25.18 -14.44
C VAL A 232 -9.82 -24.45 -14.48
N LEU A 233 -9.70 -23.35 -15.21
CA LEU A 233 -8.49 -22.54 -15.25
C LEU A 233 -8.69 -21.35 -14.31
N HIS A 234 -7.72 -21.03 -13.45
CA HIS A 234 -7.82 -19.90 -12.52
C HIS A 234 -6.50 -19.24 -12.17
N VAL A 235 -6.58 -18.02 -11.66
CA VAL A 235 -5.50 -17.18 -11.15
C VAL A 235 -5.80 -16.84 -9.69
N ALA A 236 -4.79 -16.78 -8.83
CA ALA A 236 -5.03 -16.44 -7.43
C ALA A 236 -5.81 -15.13 -7.29
N ARG A 237 -6.82 -15.07 -6.42
CA ARG A 237 -7.65 -13.87 -6.27
C ARG A 237 -6.85 -12.58 -6.04
N SER A 238 -5.79 -12.65 -5.23
CA SER A 238 -4.95 -11.50 -4.87
C SER A 238 -4.23 -10.86 -6.06
N GLU A 239 -4.09 -11.54 -7.20
CA GLU A 239 -3.45 -11.01 -8.40
C GLU A 239 -4.34 -11.01 -9.65
N MET A 240 -5.66 -11.16 -9.50
CA MET A 240 -6.59 -11.22 -10.64
C MET A 240 -6.68 -9.89 -11.40
N ASP A 241 -6.34 -8.76 -10.80
CA ASP A 241 -6.32 -7.46 -11.47
C ASP A 241 -4.95 -7.15 -12.11
N LYS A 242 -4.00 -8.09 -12.11
CA LYS A 242 -2.68 -7.97 -12.76
C LYS A 242 -2.57 -8.72 -14.07
N VAL A 243 -3.51 -9.60 -14.42
CA VAL A 243 -3.46 -10.44 -15.62
C VAL A 243 -4.83 -10.58 -16.27
N ARG A 244 -4.90 -10.69 -17.60
CA ARG A 244 -6.13 -11.03 -18.33
C ARG A 244 -5.82 -12.13 -19.33
N VAL A 245 -6.67 -13.14 -19.40
CA VAL A 245 -6.45 -14.30 -20.29
C VAL A 245 -7.59 -14.43 -21.28
N PHE A 246 -7.26 -14.43 -22.58
CA PHE A 246 -8.20 -14.52 -23.70
C PHE A 246 -8.26 -15.90 -24.34
N GLN A 247 -9.42 -16.25 -24.88
CA GLN A 247 -9.64 -17.47 -25.68
C GLN A 247 -9.13 -17.32 -27.13
N ALA A 248 -8.19 -18.16 -27.54
CA ALA A 248 -7.58 -18.09 -28.87
C ALA A 248 -8.45 -18.76 -29.96
N THR A 249 -9.63 -18.22 -30.23
CA THR A 249 -10.44 -18.71 -31.36
C THR A 249 -9.65 -18.47 -32.66
N ARG A 250 -9.51 -19.49 -33.51
CA ARG A 250 -8.62 -19.48 -34.71
C ARG A 250 -7.10 -19.43 -34.46
N GLY A 251 -6.65 -19.76 -33.25
CA GLY A 251 -5.21 -19.90 -32.96
C GLY A 251 -4.40 -18.60 -33.09
N LYS A 252 -3.45 -18.56 -34.02
CA LYS A 252 -2.57 -17.39 -34.26
C LYS A 252 -3.29 -16.11 -34.72
N LEU A 253 -4.53 -16.24 -35.21
CA LEU A 253 -5.35 -15.14 -35.72
C LEU A 253 -6.32 -14.60 -34.66
N SER A 254 -6.72 -13.34 -34.79
CA SER A 254 -7.78 -12.78 -33.94
C SER A 254 -9.14 -13.01 -34.58
N SER A 255 -10.13 -13.29 -33.74
CA SER A 255 -11.54 -13.40 -34.15
C SER A 255 -12.44 -12.86 -33.04
N LYS A 256 -12.19 -11.61 -32.61
CA LYS A 256 -12.88 -10.94 -31.49
C LYS A 256 -12.91 -11.83 -30.25
N CYS A 257 -11.73 -12.20 -29.76
CA CYS A 257 -11.57 -13.17 -28.68
C CYS A 257 -12.28 -12.74 -27.38
N SER A 258 -12.99 -13.68 -26.75
CA SER A 258 -13.62 -13.49 -25.43
C SER A 258 -12.63 -13.75 -24.30
N VAL A 259 -12.99 -13.34 -23.10
CA VAL A 259 -12.14 -13.41 -21.90
C VAL A 259 -12.37 -14.69 -21.11
N VAL A 260 -11.32 -15.39 -20.73
CA VAL A 260 -11.39 -16.58 -19.86
C VAL A 260 -11.23 -16.15 -18.39
N LEU A 261 -10.21 -15.36 -18.08
CA LEU A 261 -9.90 -14.78 -16.76
C LEU A 261 -9.72 -13.28 -16.87
N GLY A 262 -9.94 -12.55 -15.78
CA GLY A 262 -9.60 -11.14 -15.71
C GLY A 262 -10.10 -10.47 -14.45
N PRO A 263 -10.03 -9.13 -14.38
CA PRO A 263 -10.47 -8.32 -13.25
C PRO A 263 -11.93 -8.53 -12.82
N LYS A 264 -12.79 -9.11 -13.66
CA LYS A 264 -14.20 -9.39 -13.35
C LYS A 264 -14.46 -10.79 -12.77
N TRP A 265 -13.49 -11.70 -12.79
CA TRP A 265 -13.60 -13.03 -12.17
C TRP A 265 -12.29 -13.85 -12.28
N PRO A 266 -11.84 -14.50 -11.20
CA PRO A 266 -10.53 -15.14 -11.13
C PRO A 266 -10.47 -16.57 -11.68
N SER A 267 -11.59 -17.18 -12.06
CA SER A 267 -11.65 -18.59 -12.44
C SER A 267 -12.78 -18.85 -13.44
N HIS A 268 -12.63 -19.86 -14.28
CA HIS A 268 -13.69 -20.28 -15.19
C HIS A 268 -13.51 -21.72 -15.65
N TYR A 269 -14.61 -22.45 -15.87
CA TYR A 269 -14.56 -23.80 -16.42
C TYR A 269 -14.31 -23.79 -17.92
N LEU A 270 -13.71 -24.86 -18.45
CA LEU A 270 -13.44 -25.03 -19.88
C LEU A 270 -14.11 -26.30 -20.39
N MET A 271 -14.89 -26.21 -21.48
CA MET A 271 -15.58 -27.34 -22.11
C MET A 271 -14.64 -28.19 -22.98
N VAL A 272 -13.72 -28.94 -22.37
CA VAL A 272 -12.73 -29.73 -23.09
C VAL A 272 -13.35 -31.04 -23.59
N PRO A 273 -13.38 -31.32 -24.89
CA PRO A 273 -13.91 -32.58 -25.42
C PRO A 273 -12.91 -33.73 -25.23
N GLY A 274 -13.36 -34.97 -25.42
CA GLY A 274 -12.48 -36.14 -25.40
C GLY A 274 -11.65 -36.30 -26.69
N GLY A 275 -10.63 -37.16 -26.64
CA GLY A 275 -9.66 -37.36 -27.72
C GLY A 275 -8.43 -36.47 -27.54
N LYS A 276 -7.60 -36.30 -28.58
CA LYS A 276 -6.35 -35.52 -28.53
C LYS A 276 -6.61 -34.11 -29.06
N HIS A 277 -6.46 -33.09 -28.21
CA HIS A 277 -6.75 -31.69 -28.53
C HIS A 277 -5.71 -30.74 -27.96
N ASN A 278 -5.59 -29.56 -28.59
CA ASN A 278 -4.73 -28.46 -28.16
C ASN A 278 -5.50 -27.14 -28.25
N MET A 279 -5.67 -26.44 -27.12
CA MET A 279 -6.31 -25.14 -27.02
C MET A 279 -5.27 -24.06 -26.68
N ASP A 280 -5.30 -22.95 -27.40
CA ASP A 280 -4.40 -21.82 -27.19
C ASP A 280 -5.04 -20.72 -26.34
N PHE A 281 -4.24 -20.12 -25.48
CA PHE A 281 -4.59 -18.97 -24.67
C PHE A 281 -3.61 -17.83 -24.91
N TYR A 282 -4.10 -16.59 -24.83
CA TYR A 282 -3.25 -15.40 -24.84
C TYR A 282 -3.31 -14.68 -23.51
N VAL A 283 -2.16 -14.54 -22.87
CA VAL A 283 -2.01 -13.97 -21.52
C VAL A 283 -1.27 -12.64 -21.62
N GLU A 284 -1.84 -11.59 -21.04
CA GLU A 284 -1.24 -10.25 -20.99
C GLU A 284 -1.14 -9.72 -19.56
N ALA A 285 -0.10 -8.96 -19.26
CA ALA A 285 0.00 -8.30 -17.97
C ALA A 285 -0.69 -6.94 -18.02
N LEU A 286 -1.33 -6.56 -16.92
CA LEU A 286 -2.09 -5.30 -16.80
C LEU A 286 -1.37 -4.21 -16.00
N ALA A 287 -0.21 -4.52 -15.41
CA ALA A 287 0.52 -3.58 -14.56
C ALA A 287 2.01 -3.92 -14.49
N PHE A 288 2.84 -2.92 -14.21
CA PHE A 288 4.27 -3.08 -13.97
C PHE A 288 4.55 -3.47 -12.51
N PRO A 289 5.68 -4.12 -12.20
CA PRO A 289 6.09 -4.36 -10.83
C PRO A 289 6.14 -3.07 -10.00
N ASP A 290 5.77 -3.15 -8.73
CA ASP A 290 5.67 -2.02 -7.82
C ASP A 290 5.79 -2.54 -6.38
N THR A 291 5.73 -1.66 -5.38
CA THR A 291 5.88 -2.03 -3.96
C THR A 291 5.00 -3.21 -3.54
N ASP A 292 3.74 -3.22 -3.95
CA ASP A 292 2.76 -4.28 -3.66
C ASP A 292 2.67 -5.39 -4.72
N PHE A 293 3.58 -5.43 -5.71
CA PHE A 293 3.56 -6.43 -6.77
C PHE A 293 4.97 -6.93 -7.13
N PRO A 294 5.39 -8.09 -6.61
CA PRO A 294 6.69 -8.71 -6.88
C PRO A 294 7.00 -9.04 -8.34
N GLY A 295 6.00 -9.07 -9.22
CA GLY A 295 6.15 -9.38 -10.63
C GLY A 295 5.76 -10.80 -11.05
N LEU A 296 5.49 -11.74 -10.15
CA LEU A 296 5.10 -13.10 -10.52
C LEU A 296 3.57 -13.27 -10.55
N ILE A 297 3.07 -13.97 -11.57
CA ILE A 297 1.67 -14.32 -11.80
C ILE A 297 1.58 -15.83 -12.07
N THR A 298 0.72 -16.58 -11.38
CA THR A 298 0.59 -18.04 -11.54
C THR A 298 -0.79 -18.43 -12.04
N LEU A 299 -0.86 -19.22 -13.11
CA LEU A 299 -2.12 -19.75 -13.66
C LEU A 299 -2.17 -21.25 -13.46
N THR A 300 -3.24 -21.73 -12.84
CA THR A 300 -3.41 -23.12 -12.44
C THR A 300 -4.65 -23.72 -13.07
N ILE A 301 -4.59 -24.99 -13.46
CA ILE A 301 -5.71 -25.76 -14.00
C ILE A 301 -6.07 -26.86 -13.00
N SER A 302 -7.34 -26.95 -12.59
CA SER A 302 -7.84 -27.96 -11.66
C SER A 302 -8.67 -28.97 -12.41
N LEU A 303 -8.44 -30.27 -12.20
CA LEU A 303 -9.30 -31.35 -12.68
C LEU A 303 -10.21 -31.80 -11.54
N LEU A 304 -11.52 -31.71 -11.72
CA LEU A 304 -12.50 -31.99 -10.67
C LEU A 304 -13.26 -33.28 -10.97
N ASP A 305 -13.60 -34.04 -9.95
CA ASP A 305 -14.45 -35.22 -10.11
C ASP A 305 -15.93 -34.83 -9.92
N THR A 306 -16.70 -34.94 -10.99
CA THR A 306 -18.10 -34.52 -11.09
C THR A 306 -19.07 -35.70 -11.16
N SER A 307 -18.58 -36.92 -10.93
CA SER A 307 -19.31 -38.18 -11.15
C SER A 307 -20.62 -38.30 -10.37
N ASN A 308 -20.74 -37.68 -9.19
CA ASN A 308 -21.97 -37.71 -8.37
C ASN A 308 -22.60 -36.31 -8.37
N LEU A 309 -23.73 -36.13 -9.06
CA LEU A 309 -24.36 -34.83 -9.28
C LEU A 309 -25.00 -34.21 -8.04
N GLU A 310 -25.18 -34.96 -6.96
CA GLU A 310 -25.78 -34.43 -5.71
C GLU A 310 -24.75 -34.27 -4.58
N LEU A 311 -23.48 -34.50 -4.91
CA LEU A 311 -22.32 -34.51 -4.02
C LEU A 311 -21.31 -33.43 -4.48
N PRO A 312 -20.73 -32.60 -3.59
CA PRO A 312 -19.76 -31.57 -4.00
C PRO A 312 -18.55 -32.12 -4.79
N GLU A 313 -18.05 -31.34 -5.75
CA GLU A 313 -16.91 -31.73 -6.60
C GLU A 313 -15.60 -31.76 -5.82
N ALA A 314 -14.75 -32.75 -6.11
CA ALA A 314 -13.47 -32.93 -5.46
C ALA A 314 -12.33 -32.68 -6.43
N VAL A 315 -11.20 -32.15 -5.97
CA VAL A 315 -10.02 -32.01 -6.82
C VAL A 315 -9.22 -33.32 -6.84
N VAL A 316 -8.85 -33.79 -8.02
CA VAL A 316 -8.05 -35.02 -8.20
C VAL A 316 -6.69 -34.79 -8.84
N PHE A 317 -6.49 -33.68 -9.55
CA PHE A 317 -5.23 -33.30 -10.19
C PHE A 317 -5.16 -31.79 -10.38
N GLN A 318 -3.99 -31.17 -10.18
CA GLN A 318 -3.70 -29.79 -10.55
C GLN A 318 -2.38 -29.67 -11.27
N ASP A 319 -2.26 -28.68 -12.14
CA ASP A 319 -1.03 -28.31 -12.83
C ASP A 319 -1.00 -26.80 -13.05
N SER A 320 0.17 -26.20 -13.16
CA SER A 320 0.28 -24.75 -13.25
C SER A 320 1.57 -24.29 -13.90
N VAL A 321 1.58 -23.04 -14.37
CA VAL A 321 2.75 -22.35 -14.90
C VAL A 321 2.90 -21.00 -14.23
N VAL A 322 4.14 -20.54 -14.06
CA VAL A 322 4.46 -19.27 -13.42
C VAL A 322 5.06 -18.31 -14.43
N PHE A 323 4.52 -17.10 -14.50
CA PHE A 323 4.99 -16.02 -15.36
C PHE A 323 5.67 -14.93 -14.54
N ARG A 324 6.64 -14.20 -15.10
CA ARG A 324 7.10 -12.93 -14.53
C ARG A 324 6.80 -11.79 -15.49
N VAL A 325 6.37 -10.64 -14.99
CA VAL A 325 6.11 -9.47 -15.82
C VAL A 325 7.43 -8.77 -16.15
N ALA A 326 7.71 -8.55 -17.43
CA ALA A 326 8.95 -7.91 -17.85
C ALA A 326 9.09 -6.50 -17.26
N PRO A 327 10.19 -6.17 -16.56
CA PRO A 327 10.41 -4.86 -15.98
C PRO A 327 10.77 -3.81 -17.05
N TRP A 328 10.55 -2.54 -16.73
CA TRP A 328 11.00 -1.41 -17.54
C TRP A 328 12.52 -1.22 -17.45
N ILE A 329 13.21 -1.22 -18.59
CA ILE A 329 14.67 -1.11 -18.67
C ILE A 329 15.05 0.20 -19.37
N MET A 330 15.98 0.98 -18.83
CA MET A 330 16.47 2.21 -19.45
C MET A 330 17.76 2.02 -20.26
N THR A 331 17.93 2.83 -21.31
CA THR A 331 19.11 2.84 -22.17
C THR A 331 20.07 3.99 -21.84
N PRO A 332 21.37 3.74 -21.55
CA PRO A 332 22.37 4.80 -21.31
C PRO A 332 22.90 5.42 -22.61
N ASN A 333 23.76 6.45 -22.52
CA ASN A 333 24.37 7.12 -23.67
C ASN A 333 25.30 6.24 -24.52
N THR A 334 25.72 5.08 -24.04
CA THR A 334 26.61 4.17 -24.79
C THR A 334 25.87 3.19 -25.71
N GLN A 335 24.53 3.16 -25.68
CA GLN A 335 23.78 2.34 -26.62
C GLN A 335 23.62 3.08 -27.95
N PRO A 336 23.81 2.45 -29.12
CA PRO A 336 23.64 3.12 -30.40
C PRO A 336 22.26 3.79 -30.55
N PRO A 337 22.17 5.04 -31.04
CA PRO A 337 20.89 5.72 -31.24
C PRO A 337 20.09 5.16 -32.42
N GLN A 338 18.76 5.33 -32.35
CA GLN A 338 17.80 4.99 -33.41
C GLN A 338 17.07 6.22 -33.96
N GLU A 339 16.47 7.05 -33.12
CA GLU A 339 15.76 8.25 -33.58
C GLU A 339 15.82 9.41 -32.58
N VAL A 340 15.66 10.63 -33.09
CA VAL A 340 15.74 11.88 -32.33
C VAL A 340 14.44 12.66 -32.52
N TYR A 341 13.84 13.12 -31.43
CA TYR A 341 12.68 13.99 -31.44
C TYR A 341 13.16 15.39 -31.08
N ALA A 342 12.95 16.39 -31.94
CA ALA A 342 13.36 17.77 -31.69
C ALA A 342 12.32 18.80 -32.11
N PHE A 351 19.12 25.95 -33.91
CA PHE A 351 19.32 24.74 -33.12
C PHE A 351 19.10 23.48 -33.96
N LEU A 352 17.99 23.41 -34.70
CA LEU A 352 17.64 22.24 -35.51
C LEU A 352 18.62 21.99 -36.65
N LYS A 353 19.30 23.01 -37.17
CA LYS A 353 20.34 22.87 -38.21
C LYS A 353 21.53 22.04 -37.70
N SER A 354 21.93 22.26 -36.45
CA SER A 354 23.00 21.49 -35.80
C SER A 354 22.52 20.09 -35.43
N VAL A 355 21.28 19.94 -34.96
CA VAL A 355 20.72 18.61 -34.65
C VAL A 355 20.57 17.77 -35.93
N THR A 356 20.12 18.36 -37.04
CA THR A 356 20.02 17.65 -38.34
C THR A 356 21.38 17.20 -38.83
N THR A 357 22.40 18.06 -38.71
CA THR A 357 23.79 17.73 -39.08
C THR A 357 24.30 16.53 -38.29
N LEU A 358 24.08 16.51 -36.96
CA LEU A 358 24.43 15.39 -36.11
C LEU A 358 23.61 14.13 -36.43
N ALA A 359 22.31 14.26 -36.67
CA ALA A 359 21.45 13.13 -37.02
C ALA A 359 21.90 12.45 -38.33
N MET A 360 22.30 13.25 -39.33
CA MET A 360 22.87 12.75 -40.58
C MET A 360 24.22 12.04 -40.38
N LYS A 361 25.18 12.64 -39.67
CA LYS A 361 26.48 11.98 -39.42
C LYS A 361 26.36 10.68 -38.61
N ALA A 362 25.41 10.62 -37.67
CA ALA A 362 25.11 9.45 -36.85
C ALA A 362 24.17 8.43 -37.53
N LYS A 363 23.69 8.70 -38.75
CA LYS A 363 22.74 7.86 -39.51
C LYS A 363 21.43 7.59 -38.75
N CYS A 364 20.87 8.61 -38.08
CA CYS A 364 19.64 8.51 -37.29
C CYS A 364 18.43 9.19 -37.96
N LYS A 365 17.23 8.75 -37.57
CA LYS A 365 15.95 9.35 -38.00
C LYS A 365 15.54 10.50 -37.09
N LEU A 366 15.47 11.71 -37.63
CA LEU A 366 15.13 12.96 -36.92
C LEU A 366 13.68 13.36 -37.25
N THR A 367 12.82 13.51 -36.23
CA THR A 367 11.41 13.90 -36.42
C THR A 367 10.94 14.99 -35.44
N ILE A 368 9.68 15.41 -35.57
CA ILE A 368 9.01 16.44 -34.76
C ILE A 368 8.63 15.91 -33.37
N GLN A 381 6.23 17.94 -27.41
CA GLN A 381 6.29 17.04 -26.26
C GLN A 381 7.33 17.53 -25.23
N ASP A 382 7.17 17.11 -23.97
CA ASP A 382 8.10 17.43 -22.88
C ASP A 382 9.27 16.44 -22.79
N GLU A 383 10.18 16.65 -21.83
CA GLU A 383 11.24 15.67 -21.59
C GLU A 383 10.65 14.42 -20.89
N MET A 384 10.94 13.24 -21.43
CA MET A 384 10.49 11.95 -20.91
C MET A 384 11.63 10.95 -21.07
N GLU A 385 11.64 9.90 -20.28
CA GLU A 385 12.69 8.89 -20.39
C GLU A 385 12.18 7.71 -21.23
N ILE A 386 12.85 7.38 -22.33
CA ILE A 386 12.44 6.32 -23.25
C ILE A 386 13.25 5.08 -22.96
N GLY A 387 12.57 4.01 -22.57
CA GLY A 387 13.13 2.69 -22.31
C GLY A 387 12.43 1.61 -23.10
N TYR A 388 12.39 0.39 -22.60
CA TYR A 388 11.74 -0.73 -23.24
C TYR A 388 11.41 -1.86 -22.26
N ILE A 389 10.54 -2.78 -22.66
CA ILE A 389 10.31 -4.09 -22.03
C ILE A 389 10.51 -5.19 -23.04
N GLN A 390 11.14 -6.28 -22.63
CA GLN A 390 11.53 -7.36 -23.54
C GLN A 390 11.06 -8.72 -23.06
N ALA A 391 10.56 -9.54 -23.97
CA ALA A 391 10.21 -10.93 -23.77
C ALA A 391 10.76 -11.77 -24.92
N PRO A 392 10.93 -13.10 -24.78
CA PRO A 392 11.54 -13.89 -25.85
C PRO A 392 10.89 -13.72 -27.23
N HIS A 393 9.59 -13.44 -27.29
CA HIS A 393 8.83 -13.32 -28.54
C HIS A 393 8.77 -11.91 -29.15
N LYS A 394 9.11 -10.83 -28.41
CA LYS A 394 8.99 -9.43 -28.86
C LYS A 394 9.70 -8.43 -27.93
N THR A 395 10.22 -7.33 -28.48
CA THR A 395 10.75 -6.18 -27.73
C THR A 395 9.90 -4.94 -28.01
N LEU A 396 9.47 -4.22 -26.98
CA LEU A 396 8.58 -3.06 -27.08
C LEU A 396 9.23 -1.81 -26.44
N PRO A 397 9.39 -0.68 -27.15
CA PRO A 397 9.75 0.59 -26.53
C PRO A 397 8.66 1.09 -25.57
N VAL A 398 9.04 1.68 -24.43
CA VAL A 398 8.11 2.21 -23.42
C VAL A 398 8.55 3.59 -22.94
N VAL A 399 7.63 4.55 -22.85
CA VAL A 399 7.89 5.91 -22.34
C VAL A 399 7.54 6.01 -20.86
N PHE A 400 8.44 6.51 -20.02
CA PHE A 400 8.20 6.69 -18.58
C PHE A 400 7.96 8.17 -18.26
N ASP A 401 6.77 8.48 -17.74
CA ASP A 401 6.28 9.85 -17.50
C ASP A 401 6.17 10.19 -15.99
N SER A 402 7.00 11.13 -15.53
CA SER A 402 7.00 11.60 -14.14
C SER A 402 5.74 12.40 -13.75
N VAL A 416 0.42 10.00 -26.98
CA VAL A 416 1.74 9.53 -26.58
C VAL A 416 1.96 8.05 -26.92
N MET A 417 0.89 7.26 -26.98
CA MET A 417 0.93 5.84 -27.35
C MET A 417 0.82 5.64 -28.87
N GLY A 418 1.54 4.65 -29.38
CA GLY A 418 1.53 4.22 -30.78
C GLY A 418 1.45 2.70 -30.91
N PRO A 419 1.36 2.14 -32.14
CA PRO A 419 1.16 0.70 -32.34
C PRO A 419 2.10 -0.21 -31.52
N ASP A 420 3.38 0.14 -31.47
CA ASP A 420 4.37 -0.54 -30.64
C ASP A 420 5.20 0.49 -29.88
N PHE A 421 4.55 1.54 -29.36
CA PHE A 421 5.19 2.61 -28.58
C PHE A 421 4.45 2.79 -27.24
N GLY A 422 4.95 2.12 -26.20
CA GLY A 422 4.28 1.96 -24.90
C GLY A 422 4.32 3.19 -23.98
N TYR A 423 3.39 3.27 -23.04
CA TYR A 423 3.30 4.37 -22.09
C TYR A 423 3.01 3.91 -20.65
N VAL A 424 3.85 4.30 -19.69
CA VAL A 424 3.71 3.96 -18.26
C VAL A 424 3.92 5.19 -17.38
N THR A 425 3.15 5.33 -16.28
CA THR A 425 3.28 6.46 -15.33
C THR A 425 3.85 6.07 -13.97
N ARG A 426 3.02 5.60 -13.03
CA ARG A 426 3.38 5.14 -11.66
C ARG A 426 4.11 6.19 -10.78
N GLY A 427 3.76 7.47 -10.92
CA GLY A 427 4.37 8.58 -10.18
C GLY A 427 3.62 8.92 -8.89
N LEU A 436 9.09 16.70 -6.95
CA LEU A 436 9.08 17.88 -7.82
C LEU A 436 10.32 17.94 -8.74
N ASP A 437 11.16 16.91 -8.71
CA ASP A 437 12.35 16.79 -9.53
C ASP A 437 12.04 16.03 -10.85
N SER A 438 12.23 16.73 -11.97
CA SER A 438 11.98 16.27 -13.36
C SER A 438 13.07 15.31 -13.86
N PHE A 439 12.93 14.77 -15.07
CA PHE A 439 13.83 13.73 -15.60
C PHE A 439 15.27 14.16 -15.90
N GLY A 440 15.60 15.45 -15.81
CA GLY A 440 16.99 15.89 -15.77
C GLY A 440 17.77 15.33 -14.55
N ASN A 441 17.06 14.89 -13.52
CA ASN A 441 17.60 14.26 -12.32
C ASN A 441 17.61 12.71 -12.35
N LEU A 442 17.23 12.07 -13.45
CA LEU A 442 17.25 10.61 -13.56
C LEU A 442 18.05 10.17 -14.79
N GLU A 443 19.16 9.45 -14.61
CA GLU A 443 20.07 8.97 -15.67
C GLU A 443 20.54 7.54 -15.43
N VAL A 444 21.32 6.96 -16.34
CA VAL A 444 21.73 5.55 -16.28
C VAL A 444 23.20 5.39 -16.61
N SER A 445 23.92 4.55 -15.89
CA SER A 445 25.32 4.26 -16.25
C SER A 445 25.39 3.23 -17.39
N PRO A 446 26.53 3.11 -18.08
CA PRO A 446 26.84 1.95 -18.89
C PRO A 446 26.97 0.66 -18.05
N PRO A 447 27.08 -0.53 -18.67
CA PRO A 447 27.32 -1.78 -17.95
C PRO A 447 28.58 -1.73 -17.08
N VAL A 448 28.50 -2.23 -15.85
CA VAL A 448 29.63 -2.21 -14.89
C VAL A 448 29.84 -3.53 -14.16
N THR A 449 31.01 -3.69 -13.55
CA THR A 449 31.30 -4.75 -12.57
C THR A 449 31.73 -4.13 -11.24
N VAL A 450 31.02 -4.42 -10.15
CA VAL A 450 31.19 -3.78 -8.84
C VAL A 450 31.64 -4.84 -7.81
N ARG A 451 32.92 -4.83 -7.42
CA ARG A 451 33.51 -5.78 -6.45
C ARG A 451 33.21 -7.26 -6.77
N GLY A 452 33.26 -7.62 -8.05
CA GLY A 452 33.00 -8.97 -8.56
C GLY A 452 31.57 -9.23 -9.04
N LYS A 453 30.59 -8.36 -8.74
CA LYS A 453 29.20 -8.53 -9.17
C LYS A 453 28.96 -7.80 -10.50
N GLU A 454 28.39 -8.46 -11.49
CA GLU A 454 28.15 -7.87 -12.81
C GLU A 454 26.75 -7.24 -12.88
N TYR A 455 26.66 -6.09 -13.56
CA TYR A 455 25.41 -5.40 -13.89
C TYR A 455 25.33 -5.22 -15.41
N PRO A 456 24.92 -6.25 -16.17
CA PRO A 456 24.93 -6.22 -17.62
C PRO A 456 24.15 -5.07 -18.26
N LEU A 457 23.17 -4.51 -17.55
CA LEU A 457 22.31 -3.41 -17.99
C LEU A 457 22.65 -2.08 -17.30
N GLY A 458 23.77 -1.99 -16.59
CA GLY A 458 24.20 -0.80 -15.84
C GLY A 458 23.41 -0.59 -14.54
N ARG A 459 23.47 0.63 -13.99
CA ARG A 459 22.77 1.05 -12.77
C ARG A 459 22.04 2.36 -13.00
N ILE A 460 20.95 2.63 -12.29
CA ILE A 460 20.14 3.84 -12.50
C ILE A 460 20.54 4.89 -11.47
N LEU A 461 20.96 6.08 -11.90
CA LEU A 461 21.47 7.13 -11.04
C LEU A 461 20.41 8.21 -10.88
N PHE A 462 20.11 8.63 -9.65
CA PHE A 462 19.27 9.81 -9.41
C PHE A 462 19.82 10.64 -8.25
N GLY A 463 19.58 11.94 -8.28
CA GLY A 463 20.10 12.88 -7.29
C GLY A 463 19.14 13.12 -6.14
N ASP A 464 19.64 13.34 -4.92
CA ASP A 464 18.87 13.79 -3.77
C ASP A 464 19.75 14.49 -2.70
N SER A 465 19.27 14.61 -1.46
CA SER A 465 20.01 15.20 -0.34
C SER A 465 20.90 14.20 0.41
N CYS A 466 22.06 14.65 0.89
CA CYS A 466 23.03 13.86 1.68
C CYS A 466 22.51 13.40 3.06
N TYR A 467 21.53 14.10 3.62
CA TYR A 467 20.76 13.73 4.80
C TYR A 467 19.46 14.56 4.84
N PRO A 468 18.30 14.01 5.23
CA PRO A 468 17.05 14.74 5.21
C PRO A 468 17.02 15.89 6.22
N SER A 469 16.31 16.97 5.94
CA SER A 469 16.12 18.11 6.86
C SER A 469 14.70 18.67 6.74
N ASN A 470 14.41 19.77 7.43
CA ASN A 470 13.13 20.46 7.40
C ASN A 470 12.96 21.37 6.17
N ASP A 471 13.97 21.48 5.30
CA ASP A 471 13.87 22.26 4.05
C ASP A 471 14.62 21.64 2.84
N SER A 472 14.97 20.36 2.87
CA SER A 472 15.71 19.70 1.78
C SER A 472 14.78 19.15 0.71
N ARG A 473 15.33 18.70 -0.44
CA ARG A 473 14.57 18.12 -1.55
C ARG A 473 15.00 16.69 -1.85
N GLN A 474 14.09 15.87 -2.36
CA GLN A 474 14.35 14.51 -2.83
C GLN A 474 13.34 14.08 -3.90
N MET A 475 13.71 13.13 -4.75
CA MET A 475 12.80 12.52 -5.72
C MET A 475 11.66 11.80 -4.98
N HIS A 476 10.40 12.00 -5.39
CA HIS A 476 9.22 11.45 -4.72
C HIS A 476 9.32 9.94 -4.49
N GLN A 477 8.91 9.45 -3.33
CA GLN A 477 9.07 8.03 -2.98
C GLN A 477 8.42 7.08 -3.98
N ALA A 478 7.31 7.43 -4.61
CA ALA A 478 6.68 6.59 -5.63
C ALA A 478 7.63 6.27 -6.79
N LEU A 479 8.50 7.21 -7.17
CA LEU A 479 9.48 7.00 -8.25
C LEU A 479 10.64 6.13 -7.76
N GLN A 480 11.07 6.31 -6.52
CA GLN A 480 12.13 5.47 -5.96
C GLN A 480 11.65 4.03 -5.81
N ASP A 481 10.39 3.82 -5.40
CA ASP A 481 9.77 2.51 -5.26
C ASP A 481 9.53 1.82 -6.61
N PHE A 482 9.05 2.55 -7.61
CA PHE A 482 8.88 2.01 -8.96
C PHE A 482 10.21 1.56 -9.56
N LEU A 483 11.24 2.41 -9.54
CA LEU A 483 12.56 2.06 -10.09
C LEU A 483 13.24 0.94 -9.29
N SER A 484 13.06 0.89 -7.97
CA SER A 484 13.65 -0.15 -7.11
C SER A 484 12.92 -1.48 -7.21
N ALA A 485 11.62 -1.46 -7.52
CA ALA A 485 10.78 -2.65 -7.70
C ALA A 485 11.16 -3.51 -8.92
N GLN A 486 11.97 -2.96 -9.82
CA GLN A 486 12.42 -3.58 -11.06
C GLN A 486 13.93 -3.80 -10.97
N GLN A 487 14.31 -4.89 -10.30
CA GLN A 487 15.66 -5.17 -9.84
C GLN A 487 16.72 -5.45 -10.91
N VAL A 488 16.38 -5.50 -12.19
CA VAL A 488 17.32 -5.67 -13.31
C VAL A 488 18.32 -4.52 -13.47
N GLN A 489 18.03 -3.32 -12.98
CA GLN A 489 18.95 -2.17 -12.99
C GLN A 489 18.96 -1.53 -11.60
N ALA A 490 19.97 -1.84 -10.79
CA ALA A 490 20.05 -1.38 -9.41
C ALA A 490 20.16 0.15 -9.32
N PRO A 491 19.46 0.82 -8.40
CA PRO A 491 19.59 2.26 -8.23
C PRO A 491 20.85 2.70 -7.47
N VAL A 492 21.28 3.94 -7.70
CA VAL A 492 22.33 4.65 -6.96
C VAL A 492 21.84 6.03 -6.55
N LYS A 493 22.11 6.41 -5.29
CA LYS A 493 21.78 7.73 -4.73
C LYS A 493 23.00 8.65 -4.90
N LEU A 494 22.84 9.78 -5.58
CA LEU A 494 23.87 10.82 -5.74
C LEU A 494 23.47 12.12 -5.04
N TYR A 495 24.43 12.97 -4.72
CA TYR A 495 24.14 14.22 -4.03
C TYR A 495 23.90 15.34 -5.02
N SER A 496 22.67 15.83 -5.16
CA SER A 496 22.37 16.91 -6.10
C SER A 496 21.62 18.09 -5.48
N ASP A 497 21.15 17.99 -4.24
CA ASP A 497 20.38 19.07 -3.61
C ASP A 497 21.15 20.41 -3.51
N TRP A 498 22.47 20.43 -3.69
CA TRP A 498 23.29 21.65 -3.71
C TRP A 498 23.04 22.53 -4.94
N LEU A 499 22.42 22.03 -6.00
CA LEU A 499 22.11 22.77 -7.22
C LEU A 499 20.79 23.53 -7.10
N SER A 500 20.62 24.63 -7.85
CA SER A 500 19.39 25.42 -7.88
C SER A 500 18.19 24.62 -8.35
N VAL A 501 18.41 23.63 -9.23
CA VAL A 501 17.38 22.75 -9.82
C VAL A 501 17.41 21.33 -9.24
N GLY A 502 18.52 20.94 -8.63
CA GLY A 502 18.73 19.60 -8.05
C GLY A 502 18.94 18.45 -9.03
N HIS A 503 19.41 18.67 -10.26
CA HIS A 503 19.50 17.60 -11.27
C HIS A 503 20.90 17.02 -11.44
N VAL A 504 21.02 15.70 -11.53
CA VAL A 504 22.29 14.99 -11.84
C VAL A 504 22.95 15.45 -13.14
N ASP A 505 22.17 15.67 -14.20
CA ASP A 505 22.70 16.03 -15.52
C ASP A 505 23.51 17.34 -15.54
N GLU A 506 23.38 18.18 -14.51
CA GLU A 506 24.15 19.42 -14.38
C GLU A 506 25.66 19.19 -14.14
N PHE A 507 26.08 18.10 -13.50
CA PHE A 507 27.51 17.83 -13.29
C PHE A 507 28.04 16.50 -13.83
N LEU A 508 27.16 15.54 -14.10
CA LEU A 508 27.52 14.18 -14.51
C LEU A 508 26.92 13.81 -15.86
N SER A 509 27.74 13.29 -16.77
CA SER A 509 27.31 12.70 -18.04
C SER A 509 28.28 11.60 -18.47
N PHE A 510 27.86 10.73 -19.39
CA PHE A 510 28.65 9.60 -19.90
C PHE A 510 28.80 9.72 -21.42
N VAL A 511 29.95 9.29 -21.95
CA VAL A 511 30.18 9.16 -23.39
C VAL A 511 30.86 7.83 -23.75
N PRO A 512 30.77 7.35 -25.00
CA PRO A 512 31.51 6.14 -25.39
C PRO A 512 33.03 6.32 -25.38
N ALA A 513 33.75 5.21 -25.28
CA ALA A 513 35.19 5.17 -25.45
C ALA A 513 35.62 3.83 -26.09
N PRO A 514 36.61 3.82 -26.99
CA PRO A 514 36.98 2.61 -27.73
C PRO A 514 37.84 1.64 -26.91
N ASP A 515 38.45 2.10 -25.82
CA ASP A 515 39.48 1.35 -25.09
C ASP A 515 38.94 0.59 -23.85
N ARG A 516 39.84 0.18 -22.95
CA ARG A 516 39.65 -0.79 -21.87
C ARG A 516 38.25 -0.86 -21.28
N LYS A 517 37.75 0.25 -20.75
CA LYS A 517 36.45 0.36 -20.08
C LYS A 517 35.22 0.34 -20.99
N GLY A 518 35.35 0.88 -22.19
CA GLY A 518 34.26 1.04 -23.15
C GLY A 518 33.50 2.38 -23.05
N PHE A 519 33.80 3.18 -22.02
CA PHE A 519 33.14 4.46 -21.74
C PHE A 519 34.00 5.40 -20.88
N ARG A 520 33.59 6.66 -20.79
CA ARG A 520 34.13 7.64 -19.85
C ARG A 520 33.01 8.28 -19.04
N LEU A 521 33.32 8.57 -17.78
CA LEU A 521 32.49 9.31 -16.86
C LEU A 521 32.96 10.75 -16.87
N LEU A 522 32.10 11.71 -17.19
CA LEU A 522 32.45 13.12 -17.30
C LEU A 522 31.89 13.88 -16.10
N LEU A 523 32.74 14.58 -15.36
CA LEU A 523 32.32 15.45 -14.25
C LEU A 523 32.64 16.90 -14.56
N ALA A 524 31.79 17.81 -14.10
CA ALA A 524 32.13 19.22 -14.05
C ALA A 524 33.31 19.43 -13.10
N SER A 525 34.27 20.27 -13.46
CA SER A 525 35.44 20.54 -12.63
C SER A 525 35.78 22.02 -12.62
N PRO A 526 35.45 22.75 -11.54
CA PRO A 526 35.92 24.11 -11.33
C PRO A 526 37.43 24.20 -11.29
N ARG A 527 38.11 23.13 -10.85
CA ARG A 527 39.58 23.04 -10.79
C ARG A 527 40.20 23.08 -12.18
N SER A 528 39.63 22.37 -13.15
CA SER A 528 40.07 22.40 -14.54
C SER A 528 39.91 23.78 -15.19
N CYS A 529 38.84 24.52 -14.90
CA CYS A 529 38.64 25.86 -15.44
C CYS A 529 39.59 26.90 -14.83
N TYR A 530 39.79 26.87 -13.51
CA TYR A 530 40.74 27.77 -12.86
C TYR A 530 42.18 27.50 -13.30
N LYS A 531 42.59 26.25 -13.47
CA LYS A 531 43.92 25.93 -14.02
C LYS A 531 44.07 26.47 -15.44
N LEU A 532 43.06 26.29 -16.31
CA LEU A 532 43.09 26.82 -17.67
C LEU A 532 43.19 28.35 -17.70
N PHE A 533 42.43 29.06 -16.87
CA PHE A 533 42.52 30.51 -16.79
C PHE A 533 43.87 30.99 -16.22
N GLN A 534 44.43 30.34 -15.19
CA GLN A 534 45.73 30.73 -14.64
C GLN A 534 46.86 30.52 -15.66
N GLU A 535 46.84 29.47 -16.47
CA GLU A 535 47.83 29.28 -17.53
C GLU A 535 47.76 30.38 -18.59
N GLN A 536 46.57 30.84 -18.98
CA GLN A 536 46.41 31.97 -19.90
C GLN A 536 46.93 33.29 -19.30
N GLN A 537 46.66 33.53 -18.02
CA GLN A 537 47.18 34.67 -17.26
C GLN A 537 48.71 34.65 -17.17
N ASN A 538 49.32 33.48 -16.94
CA ASN A 538 50.77 33.32 -16.91
C ASN A 538 51.42 33.59 -18.28
N GLU A 539 50.73 33.32 -19.39
CA GLU A 539 51.24 33.60 -20.74
C GLU A 539 50.94 35.04 -21.23
N GLY A 540 50.33 35.89 -20.41
CA GLY A 540 50.03 37.30 -20.73
C GLY A 540 48.68 37.59 -21.40
N HIS A 541 47.69 36.73 -21.24
CA HIS A 541 46.34 36.89 -21.81
C HIS A 541 45.26 37.34 -20.80
N GLY A 542 45.64 37.91 -19.65
CA GLY A 542 44.70 38.34 -18.60
C GLY A 542 43.58 39.30 -19.05
N GLU A 543 43.77 40.04 -20.15
CA GLU A 543 42.79 40.97 -20.70
C GLU A 543 41.72 40.31 -21.58
N ALA A 544 41.83 39.01 -21.90
CA ALA A 544 40.85 38.31 -22.74
C ALA A 544 39.49 38.14 -22.03
N LEU A 545 38.40 38.29 -22.77
CA LEU A 545 37.03 38.13 -22.28
C LEU A 545 36.25 36.99 -22.96
N LYS A 557 36.69 39.39 -17.83
CA LYS A 557 38.08 39.16 -18.20
C LYS A 557 38.70 38.05 -17.37
N ILE A 558 39.76 37.38 -17.85
CA ILE A 558 40.46 36.33 -17.10
C ILE A 558 41.04 36.88 -15.79
N LYS A 559 41.71 38.04 -15.81
CA LYS A 559 42.25 38.63 -14.57
C LYS A 559 41.16 38.98 -13.56
N ASN A 560 39.97 39.35 -14.02
CA ASN A 560 38.85 39.71 -13.14
C ASN A 560 38.19 38.46 -12.53
N ILE A 561 38.24 37.31 -13.22
CA ILE A 561 37.77 36.02 -12.69
C ILE A 561 38.78 35.44 -11.70
N LEU A 562 40.07 35.41 -12.02
CA LEU A 562 41.09 34.85 -11.11
C LEU A 562 41.25 35.66 -9.81
N SER A 563 41.03 36.98 -9.84
CA SER A 563 41.08 37.88 -8.67
C SER A 563 39.81 37.93 -7.83
N ASN A 564 38.71 37.29 -8.24
CA ASN A 564 37.43 37.35 -7.53
C ASN A 564 37.34 36.30 -6.41
N LYS A 565 37.61 36.73 -5.17
CA LYS A 565 37.66 35.87 -3.97
C LYS A 565 36.31 35.23 -3.66
N THR A 566 35.21 35.95 -3.85
CA THR A 566 33.85 35.43 -3.63
C THR A 566 33.53 34.30 -4.61
N LEU A 567 33.89 34.43 -5.88
CA LEU A 567 33.67 33.37 -6.85
C LEU A 567 34.50 32.12 -6.52
N ARG A 568 35.76 32.27 -6.11
CA ARG A 568 36.59 31.15 -5.69
C ARG A 568 36.01 30.42 -4.47
N GLU A 569 35.48 31.14 -3.48
CA GLU A 569 34.88 30.50 -2.30
C GLU A 569 33.60 29.75 -2.64
N HIS A 570 32.76 30.27 -3.56
CA HIS A 570 31.58 29.56 -4.03
C HIS A 570 31.94 28.26 -4.75
N ASN A 571 32.98 28.29 -5.58
CA ASN A 571 33.46 27.09 -6.26
C ASN A 571 34.13 26.11 -5.30
N SER A 572 34.79 26.54 -4.23
CA SER A 572 35.34 25.64 -3.21
C SER A 572 34.27 24.75 -2.56
N PHE A 573 33.11 25.31 -2.22
CA PHE A 573 31.96 24.53 -1.77
C PHE A 573 31.56 23.49 -2.83
N VAL A 574 31.43 23.91 -4.10
CA VAL A 574 31.05 23.01 -5.19
C VAL A 574 32.10 21.92 -5.41
N GLU A 575 33.40 22.23 -5.36
CA GLU A 575 34.46 21.23 -5.47
C GLU A 575 34.27 20.09 -4.47
N ARG A 576 34.01 20.37 -3.19
CA ARG A 576 33.71 19.30 -2.21
C ARG A 576 32.41 18.55 -2.55
N CYS A 577 31.37 19.20 -3.05
CA CYS A 577 30.14 18.52 -3.44
C CYS A 577 30.35 17.55 -4.59
N ILE A 578 31.04 17.96 -5.65
CA ILE A 578 31.27 17.08 -6.81
C ILE A 578 32.26 15.98 -6.42
N ASP A 579 33.31 16.30 -5.65
CA ASP A 579 34.22 15.27 -5.16
C ASP A 579 33.54 14.20 -4.27
N TRP A 580 32.54 14.56 -3.48
CA TRP A 580 31.74 13.57 -2.75
C TRP A 580 31.04 12.62 -3.72
N ASN A 581 30.45 13.16 -4.80
CA ASN A 581 29.85 12.34 -5.85
C ASN A 581 30.86 11.51 -6.62
N ARG A 582 32.07 12.00 -6.85
CA ARG A 582 33.18 11.23 -7.43
C ARG A 582 33.43 9.95 -6.64
N GLU A 583 33.47 10.03 -5.31
CA GLU A 583 33.60 8.85 -4.45
C GLU A 583 32.41 7.92 -4.55
N LEU A 584 31.17 8.43 -4.53
CA LEU A 584 29.98 7.59 -4.63
C LEU A 584 29.93 6.87 -5.97
N LEU A 585 30.29 7.56 -7.05
CA LEU A 585 30.26 7.03 -8.40
C LEU A 585 31.34 5.98 -8.57
N LYS A 586 32.61 6.24 -8.21
CA LYS A 586 33.63 5.21 -8.36
C LYS A 586 33.46 4.02 -7.41
N ARG A 587 32.86 4.19 -6.22
CA ARG A 587 32.56 3.07 -5.30
C ARG A 587 31.43 2.18 -5.80
N GLU A 588 30.32 2.76 -6.24
CA GLU A 588 29.11 2.01 -6.65
C GLU A 588 29.15 1.46 -8.08
N LEU A 589 29.88 2.12 -8.99
CA LEU A 589 30.00 1.75 -10.40
C LEU A 589 31.29 0.98 -10.76
N GLY A 590 32.15 0.69 -9.79
CA GLY A 590 33.41 -0.05 -9.97
C GLY A 590 34.48 0.62 -10.84
N LEU A 591 34.66 1.94 -10.72
CA LEU A 591 35.55 2.75 -11.58
C LEU A 591 36.91 3.11 -10.95
N ALA A 592 37.88 3.46 -11.80
CA ALA A 592 39.19 3.99 -11.45
C ALA A 592 39.26 5.50 -11.74
N GLU A 593 40.19 6.25 -11.14
CA GLU A 593 40.35 7.68 -11.46
C GLU A 593 40.65 7.95 -12.95
N SER A 594 41.35 7.05 -13.63
CA SER A 594 41.67 7.14 -15.06
C SER A 594 40.44 7.02 -15.97
N ASP A 595 39.28 6.61 -15.43
CA ASP A 595 38.02 6.45 -16.17
C ASP A 595 37.16 7.71 -16.14
N ILE A 596 37.63 8.75 -15.45
CA ILE A 596 36.90 9.98 -15.17
C ILE A 596 37.64 11.15 -15.84
N ILE A 597 36.93 12.02 -16.56
CA ILE A 597 37.50 13.22 -17.17
C ILE A 597 36.93 14.47 -16.49
N ASP A 598 37.82 15.41 -16.16
CA ASP A 598 37.49 16.63 -15.44
C ASP A 598 37.29 17.80 -16.42
N ILE A 599 36.05 18.13 -16.77
CA ILE A 599 35.74 19.15 -17.78
C ILE A 599 35.60 20.53 -17.12
N PRO A 600 36.34 21.57 -17.57
CA PRO A 600 36.31 22.88 -16.94
C PRO A 600 34.88 23.44 -16.92
N GLN A 601 34.38 23.81 -15.73
CA GLN A 601 33.04 24.36 -15.52
C GLN A 601 33.01 25.10 -14.19
N LEU A 602 32.67 26.39 -14.17
CA LEU A 602 32.54 27.19 -12.95
C LEU A 602 31.07 27.34 -12.52
N PHE A 603 30.89 27.51 -11.22
CA PHE A 603 29.60 27.70 -10.56
C PHE A 603 29.61 28.94 -9.65
N LYS A 604 28.43 29.51 -9.42
CA LYS A 604 28.15 30.61 -8.49
C LYS A 604 26.93 30.26 -7.64
N LEU A 605 26.81 30.78 -6.43
CA LEU A 605 25.65 30.54 -5.56
C LEU A 605 24.61 31.65 -5.72
N LYS A 606 23.32 31.32 -5.72
CA LYS A 606 22.22 32.30 -5.87
C LYS A 606 21.80 32.91 -4.54
N GLU A 607 20.79 33.79 -4.55
CA GLU A 607 20.28 34.47 -3.33
C GLU A 607 19.70 33.49 -2.30
N PHE A 608 19.44 32.24 -2.69
CA PHE A 608 18.98 31.16 -1.80
C PHE A 608 20.09 30.14 -1.43
N SER A 609 21.36 30.45 -1.71
CA SER A 609 22.59 29.67 -1.49
C SER A 609 22.78 28.38 -2.31
N LYS A 610 21.97 28.15 -3.35
CA LYS A 610 22.10 27.00 -4.25
C LYS A 610 22.96 27.33 -5.47
N ALA A 611 23.71 26.34 -5.96
CA ALA A 611 24.62 26.46 -7.09
C ALA A 611 23.93 26.59 -8.45
N GLU A 612 24.44 27.48 -9.30
CA GLU A 612 24.03 27.72 -10.70
C GLU A 612 25.29 27.84 -11.56
N ALA A 613 25.20 27.53 -12.86
CA ALA A 613 26.36 27.62 -13.76
C ALA A 613 26.80 29.07 -13.96
N PHE A 614 28.11 29.34 -13.95
CA PHE A 614 28.71 30.65 -14.28
C PHE A 614 28.65 30.96 -15.79
N PHE A 615 28.89 29.97 -16.64
CA PHE A 615 28.82 30.03 -18.09
C PHE A 615 28.21 28.73 -18.64
N PRO A 616 27.70 28.69 -19.88
CA PRO A 616 26.91 27.58 -20.41
C PRO A 616 27.49 26.19 -20.09
N ASN A 617 26.63 25.27 -19.67
CA ASN A 617 27.07 23.97 -19.16
C ASN A 617 27.63 23.05 -20.24
N MET A 618 28.93 22.74 -20.18
CA MET A 618 29.58 21.91 -21.19
C MET A 618 29.55 20.42 -20.89
N VAL A 619 28.91 19.97 -19.81
CA VAL A 619 28.81 18.54 -19.46
C VAL A 619 27.49 17.94 -19.91
N ASN A 620 26.39 18.68 -19.80
CA ASN A 620 25.03 18.29 -20.18
C ASN A 620 24.84 18.33 -21.72
N MET A 621 25.53 17.45 -22.44
CA MET A 621 25.58 17.39 -23.91
C MET A 621 24.64 16.34 -24.52
N LEU A 622 24.35 16.48 -25.82
CA LEU A 622 23.57 15.54 -26.63
C LEU A 622 24.49 14.47 -27.25
N VAL A 623 24.33 13.19 -26.91
CA VAL A 623 25.21 12.11 -27.37
C VAL A 623 24.50 11.22 -28.37
N LEU A 624 24.99 11.15 -29.61
CA LEU A 624 24.51 10.27 -30.67
C LEU A 624 25.66 9.41 -31.20
N GLY A 625 25.91 8.27 -30.56
CA GLY A 625 27.07 7.44 -30.89
C GLY A 625 28.36 8.22 -30.64
N LYS A 626 29.23 8.34 -31.64
CA LYS A 626 30.50 9.08 -31.50
C LYS A 626 30.39 10.59 -31.77
N HIS A 627 29.21 11.15 -32.02
CA HIS A 627 29.04 12.58 -32.32
C HIS A 627 28.37 13.34 -31.16
N LEU A 628 29.02 14.38 -30.63
CA LEU A 628 28.61 15.10 -29.43
C LEU A 628 28.08 16.49 -29.77
N GLY A 629 26.84 16.78 -29.40
CA GLY A 629 26.22 18.09 -29.51
C GLY A 629 26.40 18.87 -28.22
N ILE A 630 27.46 19.66 -28.12
CA ILE A 630 27.90 20.29 -26.87
C ILE A 630 27.46 21.76 -26.85
N PRO A 631 26.81 22.27 -25.78
CA PRO A 631 26.48 23.70 -25.70
C PRO A 631 27.71 24.58 -25.86
N LYS A 632 27.64 25.64 -26.68
CA LYS A 632 28.79 26.51 -26.96
C LYS A 632 29.10 27.46 -25.80
N PRO A 633 30.34 27.50 -25.27
CA PRO A 633 30.76 28.52 -24.31
C PRO A 633 31.11 29.84 -25.03
N PHE A 634 31.07 30.97 -24.30
CA PHE A 634 31.45 32.29 -24.82
C PHE A 634 32.54 32.93 -23.95
N GLY A 635 33.52 32.11 -23.56
CA GLY A 635 34.66 32.49 -22.73
C GLY A 635 35.83 33.10 -23.51
N PRO A 636 36.98 33.31 -22.86
CA PRO A 636 38.13 33.95 -23.47
C PRO A 636 38.61 33.26 -24.75
N VAL A 637 38.98 34.05 -25.76
CA VAL A 637 39.42 33.57 -27.07
C VAL A 637 40.87 33.97 -27.34
N ILE A 638 41.71 32.98 -27.71
CA ILE A 638 43.12 33.13 -28.06
C ILE A 638 43.36 32.53 -29.45
N ASN A 639 43.96 33.30 -30.36
CA ASN A 639 44.28 32.90 -31.75
C ASN A 639 43.06 32.36 -32.56
N GLY A 640 41.87 32.95 -32.39
CA GLY A 640 40.65 32.58 -33.11
C GLY A 640 39.80 31.46 -32.51
N ARG A 641 40.22 30.82 -31.41
CA ARG A 641 39.51 29.71 -30.74
C ARG A 641 39.22 30.02 -29.27
N CYS A 642 38.05 29.65 -28.78
CA CYS A 642 37.73 29.79 -27.36
C CYS A 642 38.57 28.80 -26.53
N CYS A 643 39.22 29.26 -25.46
CA CYS A 643 40.07 28.41 -24.62
C CYS A 643 39.32 27.22 -24.02
N LEU A 644 38.05 27.40 -23.66
CA LEU A 644 37.20 26.34 -23.12
C LEU A 644 36.92 25.28 -24.18
N GLU A 645 36.71 25.65 -25.44
CA GLU A 645 36.50 24.69 -26.51
C GLU A 645 37.77 23.90 -26.83
N GLU A 646 38.94 24.54 -26.84
CA GLU A 646 40.18 23.81 -27.09
C GLU A 646 40.45 22.80 -25.96
N LYS A 647 40.19 23.16 -24.70
CA LYS A 647 40.42 22.23 -23.59
C LYS A 647 39.49 21.03 -23.67
N VAL A 648 38.21 21.22 -23.99
CA VAL A 648 37.23 20.14 -24.16
C VAL A 648 37.64 19.22 -25.31
N CYS A 649 38.02 19.77 -26.46
CA CYS A 649 38.47 18.97 -27.60
C CYS A 649 39.68 18.10 -27.26
N SER A 650 40.66 18.64 -26.54
CA SER A 650 41.87 17.90 -26.16
C SER A 650 41.60 16.73 -25.22
N LEU A 651 40.42 16.69 -24.58
CA LEU A 651 40.02 15.65 -23.64
C LEU A 651 39.14 14.58 -24.31
N LEU A 652 38.29 14.98 -25.27
CA LEU A 652 37.32 14.08 -25.91
C LEU A 652 37.74 13.61 -27.31
N GLU A 653 38.37 14.44 -28.14
CA GLU A 653 38.73 14.03 -29.51
C GLU A 653 39.72 12.86 -29.56
N PRO A 654 40.69 12.68 -28.63
CA PRO A 654 41.55 11.50 -28.61
C PRO A 654 40.82 10.16 -28.48
N LEU A 655 39.54 10.15 -28.09
CA LEU A 655 38.74 8.93 -27.95
C LEU A 655 37.98 8.56 -29.24
N GLY A 656 38.11 9.36 -30.31
CA GLY A 656 37.38 9.23 -31.57
C GLY A 656 36.06 10.02 -31.61
N LEU A 657 35.71 10.73 -30.53
CA LEU A 657 34.47 11.50 -30.44
C LEU A 657 34.57 12.84 -31.18
N GLN A 658 33.57 13.14 -32.00
CA GLN A 658 33.49 14.33 -32.85
C GLN A 658 32.70 15.42 -32.11
N CYS A 659 33.34 16.55 -31.80
CA CYS A 659 32.75 17.60 -30.96
C CYS A 659 32.24 18.77 -31.81
N THR A 660 30.97 19.15 -31.66
CA THR A 660 30.44 20.39 -32.26
C THR A 660 29.78 21.26 -31.22
N PHE A 661 30.06 22.56 -31.25
CA PHE A 661 29.59 23.50 -30.23
C PHE A 661 28.39 24.27 -30.76
N ILE A 662 27.24 24.11 -30.12
CA ILE A 662 25.93 24.59 -30.56
C ILE A 662 25.57 25.92 -29.88
N ASN A 663 25.27 26.94 -30.68
CA ASN A 663 24.83 28.24 -30.18
C ASN A 663 23.43 28.16 -29.54
N ASP A 664 23.27 28.74 -28.35
CA ASP A 664 21.99 28.81 -27.63
C ASP A 664 21.28 27.44 -27.48
N PHE A 665 22.04 26.42 -27.08
CA PHE A 665 21.56 25.03 -26.93
C PHE A 665 20.28 24.93 -26.08
N PHE A 666 20.23 25.63 -24.94
CA PHE A 666 19.12 25.61 -23.99
C PHE A 666 18.08 26.72 -24.28
N GLY A 678 12.10 20.05 -24.74
CA GLY A 678 11.30 19.19 -25.59
C GLY A 678 12.08 18.32 -26.58
N THR A 679 13.28 17.86 -26.20
CA THR A 679 14.16 16.98 -27.01
C THR A 679 14.29 15.60 -26.34
N ASN A 680 14.06 14.52 -27.09
CA ASN A 680 14.13 13.14 -26.61
C ASN A 680 14.84 12.26 -27.65
N VAL A 681 15.68 11.31 -27.22
CA VAL A 681 16.39 10.38 -28.12
C VAL A 681 16.12 8.95 -27.72
N ARG A 682 15.68 8.10 -28.66
CA ARG A 682 15.46 6.67 -28.40
C ARG A 682 16.70 5.89 -28.79
N ARG A 683 17.23 5.07 -27.89
CA ARG A 683 18.42 4.25 -28.13
C ARG A 683 18.04 2.79 -28.36
N LYS A 684 18.92 2.06 -29.05
CA LYS A 684 18.82 0.63 -29.30
C LYS A 684 18.77 -0.16 -27.98
N PRO A 685 17.83 -1.09 -27.77
CA PRO A 685 17.78 -1.96 -26.58
C PRO A 685 19.05 -2.78 -26.38
N PHE A 686 19.35 -3.23 -25.16
CA PHE A 686 20.55 -4.05 -24.94
C PHE A 686 20.48 -5.39 -25.66
N SER A 687 21.62 -5.85 -26.18
CA SER A 687 21.77 -7.19 -26.74
C SER A 687 21.65 -8.28 -25.68
N PHE A 688 21.99 -7.98 -24.42
CA PHE A 688 21.83 -8.89 -23.28
C PHE A 688 20.36 -9.04 -22.88
N LYS A 689 19.91 -10.28 -22.59
CA LYS A 689 18.54 -10.55 -22.16
C LYS A 689 18.39 -10.45 -20.63
N TRP A 690 17.53 -9.57 -20.13
CA TRP A 690 17.46 -9.25 -18.69
C TRP A 690 17.17 -10.45 -17.78
N TRP A 691 16.46 -11.47 -18.26
CA TRP A 691 16.16 -12.68 -17.48
C TRP A 691 17.37 -13.58 -17.25
N ASN A 692 18.50 -13.34 -17.93
CA ASN A 692 19.75 -14.07 -17.67
C ASN A 692 20.63 -13.41 -16.59
N MET A 693 20.21 -12.29 -16.01
CA MET A 693 20.89 -11.67 -14.88
C MET A 693 20.47 -12.33 -13.56
N VAL A 694 21.32 -12.30 -12.53
CA VAL A 694 20.95 -12.77 -11.18
C VAL A 694 21.10 -11.60 -10.19
N PRO A 695 20.04 -10.81 -9.99
CA PRO A 695 20.02 -9.69 -9.05
C PRO A 695 20.38 -10.05 -7.61
N GLU B 1 -39.13 -32.84 -10.77
CA GLU B 1 -38.92 -32.53 -12.18
C GLU B 1 -38.42 -31.09 -12.38
N VAL B 2 -37.72 -30.83 -13.49
CA VAL B 2 -37.15 -29.51 -13.81
C VAL B 2 -38.09 -28.66 -14.65
N GLN B 3 -38.30 -27.40 -14.25
CA GLN B 3 -39.15 -26.44 -14.94
C GLN B 3 -38.55 -25.03 -14.94
N LEU B 4 -38.65 -24.33 -16.07
CA LEU B 4 -38.23 -22.93 -16.24
C LEU B 4 -39.45 -22.10 -16.64
N VAL B 5 -39.76 -21.02 -15.92
CA VAL B 5 -40.91 -20.16 -16.21
C VAL B 5 -40.47 -18.73 -16.40
N GLU B 6 -40.54 -18.25 -17.64
CA GLU B 6 -40.20 -16.87 -18.00
C GLU B 6 -41.34 -15.88 -17.68
N SER B 7 -40.98 -14.64 -17.37
CA SER B 7 -41.90 -13.52 -17.18
C SER B 7 -41.21 -12.20 -17.49
N GLY B 8 -41.92 -11.07 -17.34
CA GLY B 8 -41.38 -9.73 -17.57
C GLY B 8 -41.57 -9.19 -19.00
N GLY B 9 -42.25 -9.93 -19.88
CA GLY B 9 -42.49 -9.51 -21.26
C GLY B 9 -43.58 -8.44 -21.38
N GLY B 10 -43.88 -8.07 -22.62
CA GLY B 10 -44.86 -7.04 -22.95
C GLY B 10 -44.41 -6.09 -24.06
N LEU B 11 -45.09 -4.96 -24.15
CA LEU B 11 -44.94 -3.94 -25.17
C LEU B 11 -44.18 -2.72 -24.62
N VAL B 12 -43.12 -2.27 -25.31
CA VAL B 12 -42.37 -1.06 -24.92
C VAL B 12 -42.12 -0.11 -26.10
N GLN B 13 -41.72 1.12 -25.78
CA GLN B 13 -41.38 2.17 -26.76
C GLN B 13 -39.91 2.06 -27.21
N PRO B 14 -39.59 2.41 -28.47
CA PRO B 14 -38.20 2.51 -28.94
C PRO B 14 -37.38 3.46 -28.06
N GLY B 15 -36.16 3.05 -27.71
CA GLY B 15 -35.27 3.78 -26.81
C GLY B 15 -35.46 3.46 -25.32
N GLY B 16 -36.48 2.68 -24.95
CA GLY B 16 -36.79 2.34 -23.55
C GLY B 16 -36.04 1.12 -23.03
N SER B 17 -36.47 0.64 -21.87
CA SER B 17 -35.89 -0.51 -21.15
C SER B 17 -36.96 -1.48 -20.67
N LEU B 18 -36.55 -2.72 -20.40
CA LEU B 18 -37.41 -3.81 -19.96
C LEU B 18 -36.57 -4.87 -19.25
N ARG B 19 -37.01 -5.44 -18.14
CA ARG B 19 -36.32 -6.54 -17.43
C ARG B 19 -37.11 -7.83 -17.51
N LEU B 20 -36.49 -8.90 -17.98
CA LEU B 20 -37.04 -10.25 -17.96
C LEU B 20 -36.55 -11.00 -16.73
N SER B 21 -37.33 -11.98 -16.30
CA SER B 21 -37.00 -12.90 -15.21
C SER B 21 -37.37 -14.32 -15.62
N CYS B 22 -36.73 -15.32 -15.03
CA CYS B 22 -37.08 -16.72 -15.20
C CYS B 22 -36.87 -17.49 -13.90
N ALA B 23 -37.95 -17.97 -13.30
CA ALA B 23 -37.89 -18.71 -12.05
C ALA B 23 -37.60 -20.19 -12.33
N ALA B 24 -36.65 -20.76 -11.59
CA ALA B 24 -36.27 -22.16 -11.71
C ALA B 24 -36.90 -23.04 -10.63
N SER B 25 -37.29 -24.26 -10.99
CA SER B 25 -37.76 -25.27 -10.05
C SER B 25 -37.20 -26.65 -10.41
N GLY B 26 -36.85 -27.47 -9.42
CA GLY B 26 -36.26 -28.80 -9.60
C GLY B 26 -34.73 -28.85 -9.54
N PHE B 27 -34.03 -27.72 -9.54
CA PHE B 27 -32.58 -27.62 -9.45
C PHE B 27 -32.15 -26.28 -8.84
N ASN B 28 -30.92 -26.19 -8.36
CA ASN B 28 -30.34 -24.96 -7.82
C ASN B 28 -29.51 -24.24 -8.90
N VAL B 29 -29.96 -23.05 -9.34
CA VAL B 29 -29.30 -22.31 -10.42
C VAL B 29 -27.82 -22.02 -10.19
N SER B 30 -27.31 -22.06 -8.95
CA SER B 30 -25.89 -21.80 -8.71
C SER B 30 -24.98 -22.87 -9.29
N TYR B 31 -25.49 -24.02 -9.70
CA TYR B 31 -24.65 -25.08 -10.27
C TYR B 31 -24.79 -25.23 -11.79
N TYR B 32 -25.51 -24.34 -12.48
CA TYR B 32 -25.75 -24.40 -13.93
C TYR B 32 -25.44 -23.05 -14.60
N SER B 33 -25.11 -23.08 -15.88
CA SER B 33 -25.00 -21.85 -16.68
C SER B 33 -26.36 -21.55 -17.29
N ILE B 34 -26.81 -20.31 -17.25
CA ILE B 34 -28.13 -19.91 -17.76
C ILE B 34 -27.94 -19.07 -19.01
N HIS B 35 -28.65 -19.41 -20.08
CA HIS B 35 -28.58 -18.75 -21.39
C HIS B 35 -29.91 -18.10 -21.75
N TRP B 36 -29.86 -17.03 -22.54
CA TRP B 36 -31.03 -16.47 -23.21
C TRP B 36 -30.88 -16.56 -24.72
N VAL B 37 -31.92 -17.01 -25.42
CA VAL B 37 -31.94 -17.17 -26.88
C VAL B 37 -33.14 -16.44 -27.44
N ARG B 38 -32.94 -15.63 -28.47
CA ARG B 38 -33.94 -14.79 -29.11
C ARG B 38 -34.37 -15.35 -30.45
N GLN B 39 -35.66 -15.28 -30.77
CA GLN B 39 -36.20 -15.66 -32.07
C GLN B 39 -37.20 -14.62 -32.56
N ALA B 40 -36.81 -13.82 -33.55
CA ALA B 40 -37.70 -12.82 -34.13
C ALA B 40 -38.81 -13.49 -34.95
N PRO B 41 -40.01 -12.89 -35.10
CA PRO B 41 -41.08 -13.51 -35.89
C PRO B 41 -40.64 -13.88 -37.31
N GLY B 42 -40.84 -15.13 -37.71
CA GLY B 42 -40.44 -15.64 -39.02
C GLY B 42 -38.95 -15.95 -39.21
N LYS B 43 -38.13 -15.79 -38.17
CA LYS B 43 -36.66 -15.99 -38.21
C LYS B 43 -36.20 -17.17 -37.35
N GLY B 44 -34.91 -17.48 -37.38
CA GLY B 44 -34.30 -18.55 -36.59
C GLY B 44 -33.83 -18.13 -35.20
N LEU B 45 -32.99 -18.94 -34.56
CA LEU B 45 -32.51 -18.70 -33.20
C LEU B 45 -31.25 -17.84 -33.20
N GLU B 46 -31.17 -16.87 -32.30
CA GLU B 46 -30.01 -16.01 -32.07
C GLU B 46 -29.60 -16.12 -30.61
N TRP B 47 -28.34 -16.47 -30.31
CA TRP B 47 -27.84 -16.50 -28.94
C TRP B 47 -27.68 -15.06 -28.42
N VAL B 48 -28.15 -14.75 -27.21
CA VAL B 48 -28.13 -13.38 -26.67
C VAL B 48 -27.05 -13.20 -25.62
N ALA B 49 -27.12 -13.96 -24.53
CA ALA B 49 -26.27 -13.77 -23.38
C ALA B 49 -26.22 -15.03 -22.51
N SER B 50 -25.19 -15.15 -21.68
CA SER B 50 -25.06 -16.23 -20.70
C SER B 50 -24.42 -15.76 -19.40
N ILE B 51 -24.76 -16.41 -18.30
CA ILE B 51 -24.23 -16.16 -16.96
C ILE B 51 -23.91 -17.49 -16.29
N SER B 52 -22.85 -17.53 -15.50
CA SER B 52 -22.50 -18.70 -14.70
C SER B 52 -22.37 -18.31 -13.23
N PRO B 53 -23.45 -18.31 -12.43
CA PRO B 53 -23.40 -17.75 -11.08
C PRO B 53 -22.30 -18.32 -10.18
N TYR B 54 -21.90 -19.58 -10.40
CA TYR B 54 -20.80 -20.20 -9.64
C TYR B 54 -19.46 -19.49 -9.82
N TYR B 55 -19.17 -18.96 -11.01
CA TYR B 55 -17.90 -18.27 -11.30
C TYR B 55 -18.05 -16.75 -11.39
N GLY B 56 -19.26 -16.25 -11.59
CA GLY B 56 -19.59 -14.83 -11.66
C GLY B 56 -19.42 -14.19 -13.04
N SER B 57 -19.06 -14.96 -14.06
CA SER B 57 -18.82 -14.47 -15.42
C SER B 57 -20.11 -14.21 -16.19
N THR B 58 -20.06 -13.27 -17.13
CA THR B 58 -21.13 -13.02 -18.09
C THR B 58 -20.58 -12.85 -19.50
N TYR B 59 -21.34 -13.24 -20.51
CA TYR B 59 -21.00 -13.03 -21.92
C TYR B 59 -22.21 -12.55 -22.72
N TYR B 60 -21.98 -11.73 -23.75
CA TYR B 60 -23.04 -11.15 -24.58
C TYR B 60 -22.73 -11.29 -26.07
N ALA B 61 -23.75 -11.42 -26.89
CA ALA B 61 -23.62 -11.36 -28.35
C ALA B 61 -23.28 -9.95 -28.83
N ASP B 62 -22.54 -9.83 -29.92
CA ASP B 62 -22.14 -8.53 -30.48
C ASP B 62 -23.33 -7.59 -30.74
N SER B 63 -24.49 -8.15 -31.10
CA SER B 63 -25.70 -7.37 -31.41
C SER B 63 -26.30 -6.67 -30.18
N VAL B 64 -25.94 -7.06 -28.95
CA VAL B 64 -26.46 -6.47 -27.70
C VAL B 64 -25.38 -5.97 -26.74
N LYS B 65 -24.09 -6.17 -27.04
CA LYS B 65 -22.98 -5.69 -26.20
C LYS B 65 -23.13 -4.19 -25.95
N GLY B 66 -23.03 -3.81 -24.69
CA GLY B 66 -23.18 -2.43 -24.22
C GLY B 66 -24.62 -2.01 -23.92
N ARG B 67 -25.64 -2.82 -24.23
CA ARG B 67 -27.05 -2.48 -23.95
C ARG B 67 -27.65 -3.45 -22.93
N PHE B 68 -27.45 -4.75 -23.17
CA PHE B 68 -27.98 -5.82 -22.34
C PHE B 68 -27.10 -6.11 -21.13
N THR B 69 -27.70 -6.41 -19.98
CA THR B 69 -27.01 -6.87 -18.77
C THR B 69 -27.71 -8.10 -18.21
N ILE B 70 -26.97 -9.16 -17.91
CA ILE B 70 -27.50 -10.41 -17.37
C ILE B 70 -27.05 -10.59 -15.92
N SER B 71 -27.93 -11.11 -15.06
CA SER B 71 -27.64 -11.33 -13.64
C SER B 71 -28.48 -12.48 -13.08
N ALA B 72 -28.19 -12.92 -11.86
CA ALA B 72 -28.93 -14.00 -11.19
C ALA B 72 -28.95 -13.85 -9.68
N ASP B 73 -29.99 -14.37 -9.04
CA ASP B 73 -30.16 -14.39 -7.58
C ASP B 73 -30.26 -15.84 -7.11
N THR B 74 -29.22 -16.31 -6.42
CA THR B 74 -29.12 -17.70 -5.94
C THR B 74 -29.97 -17.97 -4.70
N SER B 75 -30.51 -16.93 -4.04
CA SER B 75 -31.41 -17.08 -2.89
C SER B 75 -32.86 -17.20 -3.35
N LYS B 76 -33.20 -16.59 -4.49
CA LYS B 76 -34.52 -16.66 -5.14
C LYS B 76 -34.60 -17.70 -6.26
N ASN B 77 -33.51 -18.40 -6.56
CA ASN B 77 -33.44 -19.41 -7.62
C ASN B 77 -33.94 -18.87 -8.97
N THR B 78 -33.64 -17.61 -9.26
CA THR B 78 -34.18 -16.88 -10.41
C THR B 78 -33.09 -16.18 -11.20
N ALA B 79 -33.17 -16.22 -12.53
CA ALA B 79 -32.29 -15.49 -13.44
C ALA B 79 -33.00 -14.24 -14.00
N TYR B 80 -32.23 -13.22 -14.37
CA TYR B 80 -32.73 -11.94 -14.87
C TYR B 80 -31.98 -11.51 -16.12
N LEU B 81 -32.63 -10.75 -16.99
CA LEU B 81 -31.99 -10.10 -18.14
C LEU B 81 -32.55 -8.68 -18.30
N GLN B 82 -31.69 -7.67 -18.15
CA GLN B 82 -32.04 -6.27 -18.18
C GLN B 82 -31.71 -5.72 -19.57
N MET B 83 -32.72 -5.21 -20.27
CA MET B 83 -32.57 -4.60 -21.59
C MET B 83 -32.61 -3.08 -21.47
N ASN B 84 -31.82 -2.40 -22.29
CA ASN B 84 -31.75 -0.94 -22.36
C ASN B 84 -31.64 -0.53 -23.84
N SER B 85 -32.06 0.69 -24.18
CA SER B 85 -31.96 1.23 -25.54
C SER B 85 -32.51 0.28 -26.61
N LEU B 86 -33.69 -0.28 -26.39
CA LEU B 86 -34.31 -1.22 -27.33
C LEU B 86 -34.72 -0.53 -28.63
N ARG B 87 -34.57 -1.21 -29.76
CA ARG B 87 -34.92 -0.76 -31.10
C ARG B 87 -35.90 -1.73 -31.72
N ALA B 88 -36.58 -1.36 -32.81
CA ALA B 88 -37.60 -2.22 -33.43
C ALA B 88 -37.08 -3.62 -33.79
N GLU B 89 -35.80 -3.74 -34.17
CA GLU B 89 -35.11 -4.99 -34.48
C GLU B 89 -34.99 -5.96 -33.30
N ASP B 90 -35.23 -5.51 -32.06
CA ASP B 90 -35.14 -6.36 -30.88
C ASP B 90 -36.45 -7.10 -30.58
N THR B 91 -37.51 -6.92 -31.38
CA THR B 91 -38.79 -7.62 -31.23
C THR B 91 -38.66 -9.10 -31.52
N ALA B 92 -38.99 -9.95 -30.56
CA ALA B 92 -38.77 -11.39 -30.66
C ALA B 92 -39.33 -12.14 -29.45
N VAL B 93 -39.42 -13.47 -29.53
CA VAL B 93 -39.66 -14.26 -28.32
C VAL B 93 -38.32 -14.60 -27.69
N TYR B 94 -38.16 -14.36 -26.40
CA TYR B 94 -36.94 -14.60 -25.63
C TYR B 94 -37.16 -15.85 -24.77
N TYR B 95 -36.32 -16.87 -24.99
CA TYR B 95 -36.35 -18.13 -24.27
C TYR B 95 -35.23 -18.16 -23.23
N CYS B 96 -35.49 -18.74 -22.07
CA CYS B 96 -34.48 -19.02 -21.06
C CYS B 96 -34.18 -20.52 -21.05
N ALA B 97 -32.91 -20.92 -21.06
CA ALA B 97 -32.51 -22.32 -21.09
C ALA B 97 -31.36 -22.62 -20.15
N ARG B 98 -31.32 -23.85 -19.62
CA ARG B 98 -30.31 -24.34 -18.69
C ARG B 98 -29.17 -25.05 -19.42
N HIS B 99 -27.92 -24.76 -19.10
CA HIS B 99 -26.75 -25.46 -19.67
C HIS B 99 -26.01 -26.26 -18.58
N PRO B 100 -26.20 -27.59 -18.47
CA PRO B 100 -25.55 -28.41 -17.44
C PRO B 100 -24.10 -28.74 -17.77
N TYR B 101 -23.23 -27.73 -17.80
CA TYR B 101 -21.82 -27.90 -18.16
C TYR B 101 -21.07 -28.92 -17.31
N ARG B 102 -21.56 -29.23 -16.10
CA ARG B 102 -20.97 -30.24 -15.20
C ARG B 102 -21.06 -31.67 -15.75
N LYS B 103 -21.92 -31.90 -16.76
CA LYS B 103 -22.12 -33.20 -17.43
C LYS B 103 -21.22 -33.38 -18.66
N GLY B 104 -20.40 -32.38 -19.01
CA GLY B 104 -19.43 -32.45 -20.10
C GLY B 104 -19.92 -32.06 -21.50
N TYR B 105 -21.22 -31.79 -21.70
CA TYR B 105 -21.76 -31.44 -23.02
C TYR B 105 -22.12 -29.96 -23.15
N SER B 106 -22.13 -29.43 -24.38
CA SER B 106 -22.49 -28.03 -24.64
C SER B 106 -23.98 -27.79 -24.91
N GLY B 107 -24.76 -28.80 -25.30
CA GLY B 107 -26.20 -28.64 -25.56
C GLY B 107 -27.02 -28.17 -24.37
N LEU B 108 -28.13 -27.48 -24.65
CA LEU B 108 -29.07 -26.91 -23.68
C LEU B 108 -30.24 -27.87 -23.47
N ASP B 109 -30.37 -28.48 -22.29
CA ASP B 109 -31.36 -29.55 -22.09
C ASP B 109 -32.79 -29.07 -21.82
N TYR B 110 -33.02 -28.31 -20.75
CA TYR B 110 -34.34 -27.80 -20.39
C TYR B 110 -34.49 -26.35 -20.83
N TRP B 111 -35.61 -26.07 -21.50
CA TRP B 111 -35.99 -24.76 -21.98
C TRP B 111 -37.33 -24.38 -21.36
N GLY B 112 -37.57 -23.09 -21.18
CA GLY B 112 -38.86 -22.58 -20.76
C GLY B 112 -39.84 -22.46 -21.93
N GLN B 113 -40.95 -21.77 -21.70
CA GLN B 113 -42.03 -21.61 -22.68
C GLN B 113 -41.83 -20.39 -23.59
N GLY B 114 -41.07 -19.38 -23.15
CA GLY B 114 -40.74 -18.17 -23.90
C GLY B 114 -41.69 -17.02 -23.60
N THR B 115 -41.16 -15.79 -23.57
CA THR B 115 -41.95 -14.57 -23.36
C THR B 115 -41.68 -13.53 -24.45
N LEU B 116 -42.75 -12.98 -25.02
CA LEU B 116 -42.68 -12.08 -26.17
C LEU B 116 -42.37 -10.66 -25.71
N VAL B 117 -41.36 -10.04 -26.31
CA VAL B 117 -41.02 -8.63 -26.11
C VAL B 117 -41.22 -7.89 -27.43
N THR B 118 -42.10 -6.89 -27.44
CA THR B 118 -42.40 -6.08 -28.63
C THR B 118 -41.95 -4.64 -28.44
N VAL B 119 -41.20 -4.12 -29.39
CA VAL B 119 -40.69 -2.75 -29.39
C VAL B 119 -41.35 -1.99 -30.54
N SER B 120 -42.25 -1.06 -30.22
CA SER B 120 -42.99 -0.32 -31.25
C SER B 120 -43.59 0.98 -30.71
N SER B 121 -43.64 2.01 -31.55
CA SER B 121 -44.35 3.27 -31.27
C SER B 121 -45.87 3.20 -31.50
N ALA B 122 -46.37 2.10 -32.09
CA ALA B 122 -47.78 1.93 -32.40
C ALA B 122 -48.64 1.89 -31.14
N SER B 123 -49.79 2.56 -31.17
CA SER B 123 -50.79 2.54 -30.10
C SER B 123 -51.73 1.33 -30.23
N THR B 124 -52.46 1.02 -29.17
CA THR B 124 -53.52 0.00 -29.23
C THR B 124 -54.62 0.50 -30.17
N LYS B 125 -55.02 -0.31 -31.17
CA LYS B 125 -56.00 0.08 -32.20
C LYS B 125 -56.79 -1.10 -32.74
N GLY B 126 -58.12 -0.96 -32.74
CA GLY B 126 -59.05 -1.93 -33.31
C GLY B 126 -58.99 -2.07 -34.84
N PRO B 127 -59.23 -3.27 -35.40
CA PRO B 127 -59.17 -3.55 -36.84
C PRO B 127 -60.27 -2.87 -37.63
N SER B 128 -59.97 -2.54 -38.87
CA SER B 128 -60.95 -2.06 -39.82
C SER B 128 -61.19 -3.24 -40.77
N VAL B 129 -62.41 -3.75 -40.81
CA VAL B 129 -62.73 -4.94 -41.59
C VAL B 129 -63.41 -4.50 -42.86
N PHE B 130 -62.98 -5.08 -43.98
CA PHE B 130 -63.50 -4.77 -45.30
C PHE B 130 -63.87 -6.05 -46.06
N PRO B 131 -65.11 -6.19 -46.50
CA PRO B 131 -65.50 -7.44 -47.13
C PRO B 131 -64.89 -7.55 -48.52
N LEU B 132 -64.62 -8.78 -48.91
CA LEU B 132 -64.24 -9.07 -50.25
C LEU B 132 -65.40 -9.87 -50.82
N ALA B 133 -66.34 -9.15 -51.44
CA ALA B 133 -67.54 -9.77 -51.92
C ALA B 133 -67.20 -10.69 -53.07
N PRO B 134 -67.89 -11.85 -53.14
CA PRO B 134 -67.74 -12.75 -54.28
C PRO B 134 -68.36 -12.18 -55.56
N SER B 135 -67.75 -12.48 -56.70
CA SER B 135 -68.22 -12.03 -58.01
C SER B 135 -67.61 -12.92 -59.08
N SER B 136 -67.89 -12.61 -60.35
CA SER B 136 -67.31 -13.33 -61.50
C SER B 136 -65.75 -13.22 -61.58
N LYS B 137 -65.18 -12.29 -60.82
CA LYS B 137 -63.73 -12.09 -60.77
C LYS B 137 -63.03 -13.06 -59.80
N SER B 138 -63.83 -13.69 -58.94
CA SER B 138 -63.32 -14.69 -58.00
C SER B 138 -63.93 -16.07 -58.22
N THR B 139 -64.52 -16.29 -59.40
CA THR B 139 -65.13 -17.59 -59.71
C THR B 139 -64.27 -18.46 -60.63
N SER B 140 -64.08 -19.72 -60.24
CA SER B 140 -63.31 -20.69 -61.02
C SER B 140 -63.94 -22.07 -60.87
N GLY B 141 -64.31 -22.67 -61.99
CA GLY B 141 -64.97 -23.97 -61.96
C GLY B 141 -66.33 -23.82 -61.31
N GLY B 142 -66.60 -24.62 -60.28
CA GLY B 142 -67.90 -24.57 -59.64
C GLY B 142 -67.89 -23.81 -58.34
N THR B 143 -66.76 -23.16 -58.03
CA THR B 143 -66.60 -22.44 -56.79
C THR B 143 -66.25 -20.96 -56.89
N ALA B 144 -66.43 -20.25 -55.78
CA ALA B 144 -66.09 -18.85 -55.72
C ALA B 144 -65.32 -18.52 -54.45
N ALA B 145 -64.37 -17.61 -54.57
CA ALA B 145 -63.57 -17.23 -53.42
C ALA B 145 -64.17 -15.96 -52.91
N LEU B 146 -64.19 -15.85 -51.59
CA LEU B 146 -64.56 -14.63 -50.92
C LEU B 146 -63.80 -14.57 -49.62
N GLY B 147 -63.80 -13.40 -48.97
CA GLY B 147 -63.11 -13.26 -47.71
C GLY B 147 -63.30 -11.89 -47.09
N CYS B 148 -62.50 -11.62 -46.08
CA CYS B 148 -62.47 -10.36 -45.37
C CYS B 148 -61.03 -9.91 -45.23
N LEU B 149 -60.83 -8.61 -45.29
CA LEU B 149 -59.56 -8.02 -44.93
C LEU B 149 -59.74 -7.52 -43.50
N VAL B 150 -58.70 -7.68 -42.72
CA VAL B 150 -58.73 -7.19 -41.38
C VAL B 150 -57.47 -6.39 -41.31
N LYS B 151 -57.60 -5.09 -41.50
CA LYS B 151 -56.45 -4.22 -41.72
C LYS B 151 -56.30 -3.20 -40.62
N ASP B 152 -55.07 -2.73 -40.44
CA ASP B 152 -54.73 -1.65 -39.52
C ASP B 152 -55.08 -1.89 -38.05
N TYR B 153 -54.52 -2.99 -37.51
CA TYR B 153 -54.69 -3.27 -36.09
C TYR B 153 -53.38 -3.44 -35.37
N PHE B 154 -53.45 -3.24 -34.05
CA PHE B 154 -52.33 -3.41 -33.14
C PHE B 154 -52.83 -3.55 -31.68
N PRO B 155 -52.19 -4.41 -30.85
CA PRO B 155 -51.18 -5.42 -31.20
C PRO B 155 -51.80 -6.75 -31.69
N GLU B 156 -50.95 -7.74 -31.99
CA GLU B 156 -51.36 -9.12 -32.25
C GLU B 156 -51.97 -9.67 -30.94
N PRO B 157 -52.70 -10.78 -30.92
CA PRO B 157 -53.22 -11.48 -32.10
C PRO B 157 -54.65 -11.03 -32.48
N VAL B 158 -55.10 -11.43 -33.66
CA VAL B 158 -56.51 -11.29 -33.96
C VAL B 158 -57.05 -12.69 -34.29
N THR B 159 -58.18 -13.04 -33.72
CA THR B 159 -58.75 -14.33 -33.99
C THR B 159 -59.93 -14.12 -34.96
N VAL B 160 -59.96 -14.89 -36.05
CA VAL B 160 -61.02 -14.71 -37.05
C VAL B 160 -61.72 -16.02 -37.30
N SER B 161 -63.05 -16.02 -37.30
CA SER B 161 -63.81 -17.22 -37.66
C SER B 161 -65.03 -16.81 -38.47
N TRP B 162 -65.64 -17.79 -39.16
CA TRP B 162 -66.78 -17.53 -40.01
C TRP B 162 -68.03 -18.14 -39.44
N ASN B 163 -69.13 -17.38 -39.46
CA ASN B 163 -70.39 -17.91 -38.96
C ASN B 163 -70.21 -18.47 -37.58
N SER B 164 -69.46 -17.74 -36.77
CA SER B 164 -69.15 -18.10 -35.41
C SER B 164 -68.59 -19.52 -35.26
N GLY B 165 -67.77 -19.95 -36.21
CA GLY B 165 -67.17 -21.27 -36.13
C GLY B 165 -67.91 -22.36 -36.90
N ALA B 166 -69.12 -22.05 -37.37
CA ALA B 166 -69.93 -23.00 -38.12
C ALA B 166 -69.28 -23.32 -39.44
N LEU B 167 -68.62 -22.31 -40.04
CA LEU B 167 -67.96 -22.48 -41.31
C LEU B 167 -66.44 -22.56 -41.16
N THR B 168 -65.91 -23.77 -41.27
CA THR B 168 -64.48 -23.97 -41.18
C THR B 168 -63.92 -24.61 -42.44
N SER B 169 -64.77 -25.24 -43.24
CA SER B 169 -64.31 -25.93 -44.45
C SER B 169 -64.00 -24.97 -45.58
N GLY B 170 -62.77 -25.08 -46.08
CA GLY B 170 -62.36 -24.25 -47.16
C GLY B 170 -61.89 -22.93 -46.62
N VAL B 171 -61.77 -22.78 -45.28
CA VAL B 171 -61.35 -21.53 -44.67
C VAL B 171 -59.85 -21.50 -44.39
N HIS B 172 -59.20 -20.43 -44.81
CA HIS B 172 -57.79 -20.25 -44.65
C HIS B 172 -57.61 -18.88 -44.08
N THR B 173 -56.98 -18.79 -42.91
CA THR B 173 -56.75 -17.51 -42.29
C THR B 173 -55.26 -17.37 -42.38
N PHE B 174 -54.79 -16.22 -42.85
CA PHE B 174 -53.35 -16.09 -43.07
C PHE B 174 -52.67 -15.45 -41.88
N PRO B 175 -51.39 -15.73 -41.67
CA PRO B 175 -50.61 -14.97 -40.67
C PRO B 175 -50.62 -13.54 -41.11
N ALA B 176 -50.59 -12.60 -40.16
CA ALA B 176 -50.60 -11.18 -40.49
C ALA B 176 -49.24 -10.65 -40.95
N VAL B 177 -49.25 -9.59 -41.74
CA VAL B 177 -47.99 -8.97 -42.11
C VAL B 177 -47.90 -7.59 -41.53
N LEU B 178 -46.74 -7.32 -40.94
CA LEU B 178 -46.44 -6.05 -40.31
C LEU B 178 -46.34 -5.02 -41.43
N GLN B 179 -47.05 -3.91 -41.32
CA GLN B 179 -46.96 -2.89 -42.34
C GLN B 179 -45.95 -1.85 -41.91
N SER B 180 -45.49 -1.05 -42.87
CA SER B 180 -44.49 -0.04 -42.58
C SER B 180 -45.09 1.02 -41.64
N SER B 181 -46.41 1.04 -41.53
CA SER B 181 -47.07 2.00 -40.64
C SER B 181 -46.90 1.63 -39.14
N GLY B 182 -46.47 0.41 -38.82
CA GLY B 182 -46.39 -0.11 -37.45
C GLY B 182 -47.61 -0.96 -37.05
N LEU B 183 -48.66 -1.00 -37.86
CA LEU B 183 -49.85 -1.83 -37.65
C LEU B 183 -49.76 -3.14 -38.45
N TYR B 184 -50.51 -4.15 -38.04
CA TYR B 184 -50.63 -5.43 -38.72
C TYR B 184 -51.88 -5.50 -39.61
N SER B 185 -51.78 -6.33 -40.66
CA SER B 185 -52.87 -6.57 -41.60
C SER B 185 -52.90 -8.06 -41.95
N LEU B 186 -54.07 -8.67 -41.85
CA LEU B 186 -54.25 -10.06 -42.30
C LEU B 186 -55.42 -10.24 -43.26
N SER B 187 -55.45 -11.37 -43.94
CA SER B 187 -56.60 -11.70 -44.76
C SER B 187 -57.19 -13.03 -44.33
N SER B 188 -58.49 -13.23 -44.50
CA SER B 188 -59.06 -14.53 -44.20
C SER B 188 -60.03 -14.84 -45.30
N VAL B 189 -59.87 -15.99 -45.93
CA VAL B 189 -60.65 -16.26 -47.13
C VAL B 189 -61.27 -17.63 -47.04
N VAL B 190 -62.36 -17.80 -47.79
CA VAL B 190 -62.99 -19.09 -47.92
C VAL B 190 -63.45 -19.36 -49.33
N THR B 191 -63.30 -20.62 -49.74
CA THR B 191 -63.78 -21.09 -51.05
C THR B 191 -65.06 -21.89 -50.91
N VAL B 192 -66.12 -21.47 -51.62
CA VAL B 192 -67.41 -22.12 -51.47
C VAL B 192 -68.02 -22.49 -52.82
N PRO B 193 -68.94 -23.44 -52.84
CA PRO B 193 -69.62 -23.75 -54.08
C PRO B 193 -70.30 -22.45 -54.44
N SER B 194 -70.24 -22.08 -55.72
CA SER B 194 -70.85 -20.83 -56.17
C SER B 194 -72.35 -20.91 -56.12
N SER B 195 -72.88 -22.14 -56.06
CA SER B 195 -74.32 -22.41 -56.04
C SER B 195 -74.96 -21.93 -54.74
N SER B 196 -74.12 -21.71 -53.75
CA SER B 196 -74.48 -21.22 -52.42
C SER B 196 -74.51 -19.70 -52.25
N LEU B 197 -74.03 -18.93 -53.22
CA LEU B 197 -73.94 -17.47 -53.05
C LEU B 197 -75.32 -16.79 -52.92
N GLY B 198 -75.47 -15.95 -51.89
CA GLY B 198 -76.76 -15.33 -51.64
C GLY B 198 -77.74 -16.14 -50.82
N THR B 199 -77.39 -17.40 -50.50
CA THR B 199 -78.26 -18.32 -49.73
C THR B 199 -77.58 -18.70 -48.39
N GLN B 200 -76.29 -19.10 -48.47
CA GLN B 200 -75.45 -19.47 -47.32
C GLN B 200 -74.93 -18.20 -46.67
N THR B 201 -74.85 -18.23 -45.35
CA THR B 201 -74.39 -17.05 -44.64
C THR B 201 -72.85 -16.97 -44.68
N TYR B 202 -72.33 -15.79 -45.01
CA TYR B 202 -70.87 -15.59 -45.00
C TYR B 202 -70.55 -14.37 -44.19
N ILE B 203 -70.55 -14.52 -42.87
CA ILE B 203 -70.26 -13.43 -41.95
C ILE B 203 -68.96 -13.76 -41.30
N CYS B 204 -67.99 -12.86 -41.39
CA CYS B 204 -66.73 -13.10 -40.69
C CYS B 204 -66.72 -12.37 -39.35
N ASN B 205 -66.15 -13.04 -38.36
CA ASN B 205 -66.22 -12.57 -36.99
C ASN B 205 -64.82 -12.29 -36.64
N VAL B 206 -64.52 -11.02 -36.41
CA VAL B 206 -63.17 -10.62 -36.11
C VAL B 206 -63.09 -10.18 -34.67
N ASN B 207 -62.22 -10.82 -33.90
CA ASN B 207 -62.10 -10.53 -32.50
C ASN B 207 -60.69 -10.00 -32.15
N HIS B 208 -60.59 -8.74 -31.73
CA HIS B 208 -59.32 -8.15 -31.34
C HIS B 208 -59.47 -7.76 -29.87
N LYS B 209 -59.08 -8.68 -29.00
CA LYS B 209 -59.29 -8.55 -27.57
C LYS B 209 -58.60 -7.32 -26.91
N PRO B 210 -57.36 -6.94 -27.26
CA PRO B 210 -56.68 -5.79 -26.64
C PRO B 210 -57.43 -4.45 -26.72
N SER B 211 -58.38 -4.30 -27.65
CA SER B 211 -59.20 -3.07 -27.80
C SER B 211 -60.69 -3.30 -27.55
N ASN B 212 -61.07 -4.54 -27.19
CA ASN B 212 -62.44 -4.98 -26.99
C ASN B 212 -63.32 -4.74 -28.22
N THR B 213 -62.77 -5.05 -29.39
CA THR B 213 -63.45 -4.84 -30.65
C THR B 213 -63.90 -6.17 -31.28
N LYS B 214 -65.18 -6.25 -31.63
CA LYS B 214 -65.75 -7.43 -32.29
C LYS B 214 -66.49 -6.91 -33.48
N VAL B 215 -66.15 -7.40 -34.66
CA VAL B 215 -66.77 -6.93 -35.88
C VAL B 215 -67.43 -8.11 -36.59
N ASP B 216 -68.72 -7.99 -36.85
CA ASP B 216 -69.42 -9.03 -37.58
C ASP B 216 -69.70 -8.43 -38.96
N LYS B 217 -69.01 -8.93 -39.98
CA LYS B 217 -69.10 -8.32 -41.30
C LYS B 217 -69.68 -9.31 -42.30
N LYS B 218 -70.81 -8.97 -42.92
CA LYS B 218 -71.41 -9.87 -43.89
C LYS B 218 -70.78 -9.65 -45.26
N VAL B 219 -70.36 -10.74 -45.90
CA VAL B 219 -69.70 -10.64 -47.20
C VAL B 219 -70.67 -11.16 -48.25
N GLU B 220 -71.09 -10.29 -49.15
CA GLU B 220 -72.05 -10.70 -50.20
C GLU B 220 -71.92 -9.79 -51.43
N PRO B 221 -72.32 -10.26 -52.60
CA PRO B 221 -72.27 -9.45 -53.83
C PRO B 221 -72.91 -8.06 -53.72
N ASP C 1 -15.08 -15.92 -33.08
CA ASP C 1 -16.29 -15.65 -33.86
C ASP C 1 -16.32 -16.47 -35.16
N ILE C 2 -16.46 -17.79 -35.02
CA ILE C 2 -16.50 -18.73 -36.15
C ILE C 2 -17.92 -18.79 -36.72
N GLN C 3 -18.07 -18.52 -38.02
CA GLN C 3 -19.36 -18.48 -38.72
C GLN C 3 -19.75 -19.86 -39.27
N MET C 4 -21.05 -20.08 -39.48
CA MET C 4 -21.56 -21.34 -40.06
C MET C 4 -22.74 -21.14 -41.01
N THR C 5 -22.88 -22.03 -42.00
CA THR C 5 -23.97 -22.10 -42.97
C THR C 5 -24.71 -23.43 -42.86
N GLN C 6 -26.03 -23.45 -42.69
CA GLN C 6 -26.85 -24.67 -42.61
C GLN C 6 -27.70 -24.82 -43.89
N SER C 7 -27.80 -26.03 -44.44
CA SER C 7 -28.51 -26.33 -45.69
C SER C 7 -28.93 -27.81 -45.80
N PRO C 8 -29.83 -28.18 -46.72
CA PRO C 8 -30.71 -27.32 -47.54
C PRO C 8 -31.74 -26.55 -46.71
N SER C 9 -32.10 -25.34 -47.12
CA SER C 9 -33.08 -24.47 -46.44
C SER C 9 -34.52 -25.03 -46.44
N SER C 10 -34.82 -25.95 -47.35
CA SER C 10 -36.09 -26.67 -47.37
C SER C 10 -35.87 -28.10 -47.88
N LEU C 11 -36.36 -29.06 -47.13
CA LEU C 11 -36.30 -30.48 -47.43
C LEU C 11 -37.72 -31.05 -47.58
N SER C 12 -37.89 -32.10 -48.40
CA SER C 12 -39.17 -32.80 -48.50
C SER C 12 -39.01 -34.29 -48.70
N ALA C 13 -39.90 -35.05 -48.07
CA ALA C 13 -39.95 -36.50 -48.11
C ALA C 13 -41.35 -36.99 -47.70
N SER C 14 -41.68 -38.22 -48.07
CA SER C 14 -42.81 -38.95 -47.54
C SER C 14 -42.41 -39.71 -46.28
N VAL C 15 -43.42 -40.19 -45.54
CA VAL C 15 -43.23 -40.97 -44.31
C VAL C 15 -42.51 -42.28 -44.63
N GLY C 16 -41.48 -42.62 -43.89
CA GLY C 16 -40.67 -43.82 -44.09
C GLY C 16 -39.35 -43.62 -44.85
N ASP C 17 -39.11 -42.44 -45.42
CA ASP C 17 -37.89 -42.15 -46.17
C ASP C 17 -36.70 -41.76 -45.25
N ARG C 18 -35.53 -41.51 -45.84
CA ARG C 18 -34.29 -41.12 -45.16
C ARG C 18 -33.82 -39.77 -45.67
N VAL C 19 -33.64 -38.81 -44.76
CA VAL C 19 -33.21 -37.45 -45.06
C VAL C 19 -32.01 -37.03 -44.22
N THR C 20 -31.21 -36.11 -44.74
CA THR C 20 -30.06 -35.56 -44.02
C THR C 20 -30.02 -34.03 -44.09
N ILE C 21 -29.60 -33.40 -43.00
CA ILE C 21 -29.41 -31.95 -42.91
C ILE C 21 -27.94 -31.72 -42.55
N THR C 22 -27.28 -30.78 -43.22
CA THR C 22 -25.85 -30.50 -43.03
C THR C 22 -25.59 -29.05 -42.66
N CYS C 23 -24.45 -28.79 -42.03
CA CYS C 23 -23.97 -27.44 -41.81
C CYS C 23 -22.44 -27.39 -41.83
N ARG C 24 -21.89 -26.33 -42.42
CA ARG C 24 -20.46 -26.10 -42.60
C ARG C 24 -20.00 -24.99 -41.67
N ALA C 25 -18.98 -25.25 -40.87
CA ALA C 25 -18.31 -24.21 -40.09
C ALA C 25 -17.12 -23.67 -40.90
N SER C 26 -16.79 -22.38 -40.78
CA SER C 26 -15.60 -21.83 -41.45
C SER C 26 -14.27 -22.30 -40.84
N GLN C 27 -14.28 -22.72 -39.57
CA GLN C 27 -13.12 -23.20 -38.79
C GLN C 27 -13.57 -24.40 -37.92
N SER C 28 -12.67 -25.33 -37.61
CA SER C 28 -12.99 -26.45 -36.70
C SER C 28 -13.29 -25.99 -35.27
N VAL C 29 -14.25 -26.67 -34.63
CA VAL C 29 -14.68 -26.43 -33.24
C VAL C 29 -14.48 -27.69 -32.36
N SER C 30 -13.64 -28.63 -32.78
CA SER C 30 -13.31 -29.85 -32.03
C SER C 30 -14.57 -30.62 -31.56
N SER C 31 -15.52 -30.85 -32.47
CA SER C 31 -16.79 -31.58 -32.23
C SER C 31 -17.80 -30.89 -31.28
N ALA C 32 -17.62 -29.62 -30.96
CA ALA C 32 -18.54 -28.86 -30.09
C ALA C 32 -19.80 -28.40 -30.85
N VAL C 33 -20.73 -29.31 -31.13
CA VAL C 33 -22.00 -29.02 -31.82
C VAL C 33 -23.19 -29.65 -31.12
N ALA C 34 -24.40 -29.21 -31.44
CA ALA C 34 -25.65 -29.77 -30.95
C ALA C 34 -26.76 -29.57 -31.99
N TRP C 35 -27.82 -30.36 -31.90
CA TRP C 35 -28.98 -30.28 -32.81
C TRP C 35 -30.27 -30.12 -32.04
N TYR C 36 -31.17 -29.28 -32.53
CA TYR C 36 -32.48 -29.03 -31.95
C TYR C 36 -33.60 -29.18 -32.98
N GLN C 37 -34.79 -29.52 -32.52
CA GLN C 37 -36.02 -29.59 -33.29
C GLN C 37 -37.05 -28.61 -32.73
N GLN C 38 -37.76 -27.86 -33.56
CA GLN C 38 -38.80 -26.93 -33.13
C GLN C 38 -40.08 -27.08 -33.96
N LYS C 39 -41.21 -27.07 -33.28
CA LYS C 39 -42.57 -27.05 -33.86
C LYS C 39 -43.20 -25.67 -33.63
N PRO C 40 -44.11 -25.19 -34.48
CA PRO C 40 -44.72 -23.87 -34.30
C PRO C 40 -45.33 -23.72 -32.91
N GLY C 41 -45.01 -22.61 -32.23
CA GLY C 41 -45.50 -22.28 -30.90
C GLY C 41 -44.79 -22.98 -29.72
N LYS C 42 -43.76 -23.81 -29.95
CA LYS C 42 -43.03 -24.53 -28.89
C LYS C 42 -41.58 -24.08 -28.80
N ALA C 43 -40.98 -24.21 -27.62
CA ALA C 43 -39.55 -23.98 -27.47
C ALA C 43 -38.74 -25.08 -28.17
N PRO C 44 -37.51 -24.80 -28.65
CA PRO C 44 -36.66 -25.82 -29.23
C PRO C 44 -36.39 -26.99 -28.28
N LYS C 45 -36.38 -28.21 -28.80
CA LYS C 45 -36.07 -29.43 -28.05
C LYS C 45 -34.72 -30.00 -28.48
N LEU C 46 -33.86 -30.32 -27.52
CA LEU C 46 -32.51 -30.84 -27.76
C LEU C 46 -32.56 -32.30 -28.23
N LEU C 47 -31.87 -32.63 -29.33
CA LEU C 47 -31.74 -34.00 -29.83
C LEU C 47 -30.34 -34.54 -29.60
N ILE C 48 -29.32 -33.76 -29.97
CA ILE C 48 -27.92 -34.15 -29.92
C ILE C 48 -27.17 -33.09 -29.12
N TYR C 49 -26.40 -33.49 -28.09
CA TYR C 49 -25.69 -32.56 -27.20
C TYR C 49 -24.19 -32.39 -27.49
N SER C 50 -23.66 -33.19 -28.39
CA SER C 50 -22.27 -33.15 -28.84
C SER C 50 -22.21 -33.81 -30.24
N ALA C 51 -21.13 -33.68 -30.98
CA ALA C 51 -21.09 -34.35 -32.28
C ALA C 51 -21.50 -35.84 -32.09
N SER C 52 -22.39 -36.34 -32.93
CA SER C 52 -22.87 -37.74 -32.95
C SER C 52 -23.75 -38.21 -31.78
N SER C 53 -23.30 -38.10 -30.53
CA SER C 53 -24.04 -38.65 -29.36
C SER C 53 -25.46 -38.12 -29.14
N LEU C 54 -26.43 -39.02 -28.94
CA LEU C 54 -27.86 -38.71 -28.83
C LEU C 54 -28.26 -38.40 -27.38
N TYR C 55 -29.12 -37.41 -27.21
CA TYR C 55 -29.66 -37.04 -25.90
C TYR C 55 -30.65 -38.10 -25.38
N SER C 56 -30.59 -38.39 -24.08
CA SER C 56 -31.48 -39.37 -23.46
C SER C 56 -32.95 -39.05 -23.71
N GLY C 57 -33.74 -40.08 -24.02
CA GLY C 57 -35.17 -39.97 -24.34
C GLY C 57 -35.50 -39.73 -25.81
N VAL C 58 -34.53 -39.49 -26.70
CA VAL C 58 -34.82 -39.26 -28.12
C VAL C 58 -34.92 -40.59 -28.90
N PRO C 59 -35.90 -40.75 -29.80
CA PRO C 59 -36.03 -41.95 -30.61
C PRO C 59 -34.75 -42.31 -31.37
N SER C 60 -34.46 -43.59 -31.53
CA SER C 60 -33.25 -44.06 -32.22
C SER C 60 -33.16 -43.65 -33.69
N ARG C 61 -34.21 -43.06 -34.28
CA ARG C 61 -34.23 -42.57 -35.67
C ARG C 61 -33.19 -41.49 -35.97
N PHE C 62 -32.76 -40.77 -34.93
CA PHE C 62 -31.83 -39.64 -35.03
C PHE C 62 -30.40 -40.03 -34.69
N SER C 63 -29.44 -39.64 -35.52
CA SER C 63 -28.01 -39.77 -35.23
C SER C 63 -27.20 -38.70 -35.96
N GLY C 64 -26.06 -38.27 -35.40
CA GLY C 64 -25.21 -37.23 -36.00
C GLY C 64 -23.86 -37.74 -36.47
N SER C 65 -23.13 -36.92 -37.22
CA SER C 65 -21.75 -37.22 -37.66
C SER C 65 -20.94 -35.96 -38.01
N ARG C 66 -19.62 -36.13 -38.17
CA ARG C 66 -18.67 -35.08 -38.55
C ARG C 66 -17.69 -35.58 -39.62
N SER C 67 -17.39 -34.73 -40.60
CA SER C 67 -16.29 -34.92 -41.56
C SER C 67 -15.56 -33.60 -41.78
N GLY C 68 -14.41 -33.41 -41.14
CA GLY C 68 -13.74 -32.11 -41.12
C GLY C 68 -14.60 -31.06 -40.40
N THR C 69 -14.97 -29.99 -41.11
CA THR C 69 -15.83 -28.91 -40.58
C THR C 69 -17.31 -29.06 -40.97
N ASP C 70 -17.67 -30.12 -41.69
CA ASP C 70 -19.06 -30.39 -42.07
C ASP C 70 -19.70 -31.39 -41.11
N PHE C 71 -20.81 -30.97 -40.50
CA PHE C 71 -21.60 -31.75 -39.56
C PHE C 71 -22.94 -32.12 -40.20
N THR C 72 -23.40 -33.32 -39.92
CA THR C 72 -24.63 -33.88 -40.50
C THR C 72 -25.52 -34.50 -39.44
N LEU C 73 -26.83 -34.37 -39.63
CA LEU C 73 -27.88 -35.07 -38.91
C LEU C 73 -28.58 -35.97 -39.92
N THR C 74 -28.74 -37.24 -39.56
CA THR C 74 -29.43 -38.25 -40.34
C THR C 74 -30.69 -38.64 -39.60
N ILE C 75 -31.83 -38.63 -40.29
CA ILE C 75 -33.12 -39.05 -39.76
C ILE C 75 -33.62 -40.24 -40.57
N SER C 76 -33.57 -41.46 -40.02
CA SER C 76 -33.98 -42.67 -40.73
C SER C 76 -35.45 -42.97 -40.45
N SER C 77 -36.13 -43.62 -41.40
CA SER C 77 -37.54 -44.02 -41.27
C SER C 77 -38.42 -42.86 -40.79
N LEU C 78 -38.34 -41.71 -41.47
CA LEU C 78 -38.99 -40.44 -41.13
C LEU C 78 -40.48 -40.60 -40.78
N GLN C 79 -40.89 -40.21 -39.57
CA GLN C 79 -42.26 -40.34 -39.07
C GLN C 79 -43.02 -39.00 -39.12
N PRO C 80 -44.37 -39.00 -39.13
CA PRO C 80 -45.15 -37.76 -39.08
C PRO C 80 -44.72 -36.79 -37.98
N GLU C 81 -44.33 -37.27 -36.80
CA GLU C 81 -43.86 -36.39 -35.72
C GLU C 81 -42.48 -35.73 -35.96
N ASP C 82 -41.74 -36.16 -36.98
CA ASP C 82 -40.39 -35.63 -37.29
C ASP C 82 -40.43 -34.42 -38.25
N PHE C 83 -41.59 -34.03 -38.76
CA PHE C 83 -41.71 -32.90 -39.69
C PHE C 83 -41.78 -31.58 -38.91
N ALA C 84 -40.66 -30.87 -38.86
CA ALA C 84 -40.41 -29.73 -37.98
C ALA C 84 -39.25 -28.86 -38.52
N THR C 85 -39.00 -27.71 -37.92
CA THR C 85 -37.79 -26.93 -38.25
C THR C 85 -36.62 -27.42 -37.41
N TYR C 86 -35.46 -27.64 -38.01
CA TYR C 86 -34.25 -28.07 -37.30
C TYR C 86 -33.21 -26.99 -37.28
N TYR C 87 -32.44 -26.88 -36.20
CA TYR C 87 -31.36 -25.90 -36.09
C TYR C 87 -30.05 -26.58 -35.73
N CYS C 88 -28.96 -26.11 -36.32
CA CYS C 88 -27.63 -26.53 -35.92
C CYS C 88 -27.05 -25.49 -34.96
N GLN C 89 -26.54 -25.93 -33.82
CA GLN C 89 -25.88 -25.10 -32.82
C GLN C 89 -24.39 -25.35 -32.80
N GLN C 90 -23.59 -24.30 -32.96
CA GLN C 90 -22.14 -24.36 -32.81
C GLN C 90 -21.75 -23.77 -31.46
N SER C 91 -20.88 -24.46 -30.75
CA SER C 91 -20.46 -24.14 -29.40
C SER C 91 -18.93 -24.20 -29.35
N SER C 92 -18.31 -23.77 -28.25
CA SER C 92 -16.86 -23.90 -28.10
C SER C 92 -16.46 -23.86 -26.63
N TYR C 93 -15.20 -23.51 -26.36
CA TYR C 93 -14.74 -23.28 -24.99
C TYR C 93 -15.42 -21.98 -24.50
N LEU C 94 -15.84 -21.92 -23.22
CA LEU C 94 -16.70 -20.88 -22.65
C LEU C 94 -18.16 -20.91 -23.16
N PRO C 95 -19.15 -20.47 -22.37
CA PRO C 95 -20.56 -20.50 -22.73
C PRO C 95 -20.98 -19.44 -23.76
N LEU C 96 -20.47 -19.51 -24.98
CA LEU C 96 -20.85 -18.61 -26.08
C LEU C 96 -21.24 -19.46 -27.29
N PHE C 97 -22.51 -19.42 -27.69
CA PHE C 97 -23.09 -20.29 -28.72
C PHE C 97 -23.47 -19.50 -29.97
N THR C 98 -23.38 -20.11 -31.14
CA THR C 98 -23.82 -19.52 -32.42
C THR C 98 -24.77 -20.47 -33.13
N PHE C 99 -25.91 -19.98 -33.60
CA PHE C 99 -26.90 -20.80 -34.30
C PHE C 99 -26.82 -20.62 -35.82
N GLY C 100 -27.13 -21.67 -36.56
CA GLY C 100 -27.28 -21.61 -38.01
C GLY C 100 -28.60 -20.97 -38.43
N GLN C 101 -28.84 -20.87 -39.73
CA GLN C 101 -30.03 -20.23 -40.30
C GLN C 101 -31.31 -21.05 -40.10
N GLY C 102 -31.17 -22.38 -40.02
CA GLY C 102 -32.26 -23.32 -39.79
C GLY C 102 -32.83 -23.89 -41.08
N THR C 103 -33.37 -25.09 -41.03
CA THR C 103 -33.94 -25.79 -42.20
C THR C 103 -35.30 -26.38 -41.87
N LYS C 104 -36.25 -26.26 -42.79
CA LYS C 104 -37.60 -26.79 -42.62
C LYS C 104 -37.76 -28.10 -43.38
N VAL C 105 -38.31 -29.13 -42.76
CA VAL C 105 -38.62 -30.41 -43.42
C VAL C 105 -40.12 -30.47 -43.64
N GLU C 106 -40.58 -30.54 -44.89
CA GLU C 106 -42.02 -30.60 -45.23
C GLU C 106 -42.43 -31.93 -45.86
N ILE C 107 -43.71 -32.10 -46.19
CA ILE C 107 -44.27 -33.35 -46.72
C ILE C 107 -44.36 -33.35 -48.27
N LYS C 108 -43.78 -34.37 -48.92
CA LYS C 108 -43.78 -34.59 -50.39
C LYS C 108 -45.17 -35.00 -50.91
N ARG C 109 -45.63 -34.39 -52.01
CA ARG C 109 -46.87 -34.73 -52.73
C ARG C 109 -46.83 -34.31 -54.20
N THR C 110 -47.84 -34.70 -54.98
CA THR C 110 -47.99 -34.34 -56.41
C THR C 110 -48.16 -32.82 -56.60
N VAL C 111 -47.49 -32.23 -57.58
CA VAL C 111 -47.54 -30.78 -57.90
C VAL C 111 -48.98 -30.34 -58.23
N ALA C 112 -49.44 -29.25 -57.62
CA ALA C 112 -50.81 -28.74 -57.78
C ALA C 112 -50.83 -27.26 -58.21
N ALA C 113 -51.55 -26.98 -59.30
CA ALA C 113 -51.71 -25.69 -59.93
C ALA C 113 -52.50 -24.88 -58.94
N PRO C 114 -52.13 -23.62 -58.75
CA PRO C 114 -52.91 -22.73 -57.87
C PRO C 114 -54.22 -22.27 -58.50
N SER C 115 -55.21 -22.04 -57.66
CA SER C 115 -56.43 -21.37 -58.07
C SER C 115 -56.28 -19.87 -57.87
N VAL C 116 -56.35 -19.13 -58.97
CA VAL C 116 -56.02 -17.71 -58.96
C VAL C 116 -57.29 -16.89 -58.96
N PHE C 117 -57.43 -16.01 -57.97
CA PHE C 117 -58.55 -15.09 -57.83
C PHE C 117 -58.12 -13.65 -57.60
N ILE C 118 -58.91 -12.72 -58.09
CA ILE C 118 -58.65 -11.32 -57.92
C ILE C 118 -59.93 -10.63 -57.39
N PHE C 119 -59.73 -9.64 -56.50
CA PHE C 119 -60.81 -8.85 -55.94
C PHE C 119 -60.50 -7.37 -56.10
N PRO C 120 -61.47 -6.58 -56.57
CA PRO C 120 -61.31 -5.13 -56.53
C PRO C 120 -61.49 -4.63 -55.09
N PRO C 121 -60.98 -3.43 -54.81
CA PRO C 121 -61.30 -2.73 -53.57
C PRO C 121 -62.80 -2.46 -53.43
N SER C 122 -63.31 -2.67 -52.21
CA SER C 122 -64.72 -2.46 -51.92
C SER C 122 -64.96 -0.97 -51.68
N ASP C 123 -66.22 -0.53 -51.81
CA ASP C 123 -66.57 0.87 -51.58
C ASP C 123 -66.27 1.34 -50.14
N SER C 124 -66.43 0.44 -49.17
CA SER C 124 -66.19 0.77 -47.78
C SER C 124 -64.74 1.18 -47.47
N GLN C 125 -63.80 0.60 -48.22
CA GLN C 125 -62.39 0.93 -48.03
C GLN C 125 -62.05 2.18 -48.79
N LEU C 126 -62.58 2.29 -50.02
CA LEU C 126 -62.30 3.44 -50.88
C LEU C 126 -62.76 4.74 -50.26
N LYS C 127 -63.91 4.72 -49.59
CA LYS C 127 -64.40 5.89 -48.84
C LYS C 127 -63.53 6.39 -47.66
N SER C 128 -62.62 5.54 -47.17
CA SER C 128 -61.72 5.90 -46.08
C SER C 128 -60.35 6.43 -46.58
N GLY C 129 -60.16 6.42 -47.90
CA GLY C 129 -58.92 6.90 -48.49
C GLY C 129 -57.84 5.88 -48.80
N THR C 130 -58.20 4.61 -48.73
CA THR C 130 -57.23 3.54 -48.97
C THR C 130 -57.86 2.54 -49.94
N ALA C 131 -57.05 1.67 -50.50
CA ALA C 131 -57.55 0.61 -51.36
C ALA C 131 -56.59 -0.56 -51.32
N SER C 132 -57.15 -1.76 -51.21
CA SER C 132 -56.34 -2.95 -51.30
C SER C 132 -56.89 -3.86 -52.39
N VAL C 133 -56.00 -4.31 -53.27
CA VAL C 133 -56.34 -5.22 -54.34
C VAL C 133 -55.80 -6.57 -53.92
N VAL C 134 -56.67 -7.57 -53.93
CA VAL C 134 -56.33 -8.84 -53.36
C VAL C 134 -56.20 -9.87 -54.46
N CYS C 135 -55.14 -10.67 -54.33
CA CYS C 135 -54.91 -11.78 -55.24
C CYS C 135 -54.69 -13.04 -54.45
N LEU C 136 -55.46 -14.06 -54.73
CA LEU C 136 -55.34 -15.30 -53.97
C LEU C 136 -54.80 -16.42 -54.82
N LEU C 137 -53.91 -17.19 -54.18
CA LEU C 137 -53.35 -18.40 -54.75
C LEU C 137 -53.68 -19.51 -53.77
N ASN C 138 -54.79 -20.19 -54.02
CA ASN C 138 -55.31 -21.16 -53.12
C ASN C 138 -54.91 -22.55 -53.52
N ASN C 139 -54.60 -23.38 -52.50
CA ASN C 139 -54.40 -24.82 -52.64
C ASN C 139 -53.40 -25.26 -53.69
N PHE C 140 -52.14 -24.83 -53.59
CA PHE C 140 -51.08 -25.25 -54.52
C PHE C 140 -49.87 -25.90 -53.86
N TYR C 141 -49.07 -26.61 -54.65
CA TYR C 141 -47.86 -27.27 -54.20
C TYR C 141 -46.84 -27.40 -55.35
N PRO C 142 -45.53 -27.15 -55.13
CA PRO C 142 -44.89 -26.78 -53.87
C PRO C 142 -45.12 -25.31 -53.47
N ARG C 143 -44.62 -24.90 -52.30
CA ARG C 143 -44.79 -23.59 -51.64
C ARG C 143 -44.32 -22.36 -52.43
N GLU C 144 -43.24 -22.47 -53.19
CA GLU C 144 -42.65 -21.38 -53.95
C GLU C 144 -43.58 -21.02 -55.09
N ALA C 145 -43.83 -19.72 -55.25
CA ALA C 145 -44.64 -19.15 -56.34
C ALA C 145 -44.21 -17.73 -56.74
N LYS C 146 -44.41 -17.41 -58.02
CA LYS C 146 -44.05 -16.10 -58.55
C LYS C 146 -45.32 -15.31 -58.84
N VAL C 147 -45.54 -14.24 -58.08
CA VAL C 147 -46.73 -13.40 -58.26
C VAL C 147 -46.32 -11.98 -58.46
N GLN C 148 -46.81 -11.38 -59.55
CA GLN C 148 -46.48 -10.01 -59.90
C GLN C 148 -47.75 -9.19 -60.19
N TRP C 149 -47.72 -7.90 -59.82
CA TRP C 149 -48.79 -6.94 -60.09
C TRP C 149 -48.51 -6.00 -61.29
N LYS C 150 -49.37 -6.03 -62.31
CA LYS C 150 -49.14 -5.19 -63.50
C LYS C 150 -50.34 -4.30 -63.91
N VAL C 151 -50.42 -3.12 -63.31
CA VAL C 151 -51.54 -2.19 -63.52
C VAL C 151 -51.31 -1.25 -64.71
N ASP C 152 -52.21 -1.34 -65.68
CA ASP C 152 -52.06 -0.66 -66.98
C ASP C 152 -50.67 -0.84 -67.66
N ASN C 153 -50.15 -2.08 -67.58
CA ASN C 153 -48.80 -2.50 -68.03
C ASN C 153 -47.60 -1.95 -67.22
N ALA C 154 -47.88 -1.31 -66.09
CA ALA C 154 -46.83 -0.82 -65.19
C ALA C 154 -46.60 -1.74 -63.98
N LEU C 155 -45.51 -2.50 -64.02
CA LEU C 155 -45.13 -3.46 -62.97
C LEU C 155 -44.86 -2.77 -61.62
N GLN C 156 -45.50 -3.25 -60.56
CA GLN C 156 -45.31 -2.66 -59.23
C GLN C 156 -44.14 -3.29 -58.42
N SER C 157 -43.56 -2.51 -57.51
CA SER C 157 -42.50 -2.95 -56.61
C SER C 157 -42.51 -2.16 -55.30
N GLY C 158 -42.44 -2.86 -54.17
CA GLY C 158 -42.40 -2.21 -52.87
C GLY C 158 -43.73 -2.00 -52.17
N ASN C 159 -44.84 -2.21 -52.88
CA ASN C 159 -46.17 -2.00 -52.28
C ASN C 159 -47.07 -3.26 -52.28
N SER C 160 -46.43 -4.42 -52.30
CA SER C 160 -47.10 -5.71 -52.39
C SER C 160 -46.63 -6.61 -51.26
N GLN C 161 -47.53 -7.02 -50.39
CA GLN C 161 -47.12 -7.94 -49.33
C GLN C 161 -47.57 -9.38 -49.55
N GLU C 162 -46.85 -10.31 -48.96
CA GLU C 162 -47.19 -11.73 -49.12
C GLU C 162 -47.21 -12.38 -47.78
N SER C 163 -48.13 -13.33 -47.65
CA SER C 163 -48.26 -14.17 -46.46
C SER C 163 -48.56 -15.59 -46.92
N VAL C 164 -47.90 -16.55 -46.31
CA VAL C 164 -48.12 -17.94 -46.71
C VAL C 164 -48.47 -18.77 -45.50
N THR C 165 -49.46 -19.63 -45.66
CA THR C 165 -49.97 -20.50 -44.61
C THR C 165 -49.06 -21.72 -44.30
N GLU C 166 -49.27 -22.42 -43.20
CA GLU C 166 -48.54 -23.68 -42.99
C GLU C 166 -49.11 -24.78 -43.90
N GLN C 167 -48.31 -25.81 -44.18
CA GLN C 167 -48.72 -26.91 -45.04
C GLN C 167 -50.02 -27.55 -44.51
N ASP C 168 -51.06 -27.69 -45.33
CA ASP C 168 -52.35 -28.25 -44.94
C ASP C 168 -52.25 -29.69 -44.45
N SER C 169 -52.85 -29.92 -43.29
CA SER C 169 -52.76 -31.21 -42.62
C SER C 169 -53.57 -32.27 -43.32
N LYS C 170 -54.46 -31.85 -44.22
CA LYS C 170 -55.34 -32.83 -44.91
C LYS C 170 -54.90 -33.18 -46.31
N ASP C 171 -54.41 -32.20 -47.07
CA ASP C 171 -53.95 -32.41 -48.45
C ASP C 171 -52.54 -31.88 -48.75
N SER C 172 -51.79 -31.46 -47.74
CA SER C 172 -50.41 -31.01 -47.85
C SER C 172 -50.16 -29.88 -48.85
N THR C 173 -51.16 -29.06 -49.19
CA THR C 173 -50.99 -27.87 -50.05
C THR C 173 -50.71 -26.59 -49.25
N TYR C 174 -50.36 -25.49 -49.93
CA TYR C 174 -50.09 -24.15 -49.40
C TYR C 174 -51.08 -23.15 -50.00
N SER C 175 -51.41 -22.05 -49.30
CA SER C 175 -52.20 -21.00 -49.85
C SER C 175 -51.38 -19.75 -49.68
N LEU C 176 -51.39 -18.90 -50.67
CA LEU C 176 -50.63 -17.66 -50.60
C LEU C 176 -51.54 -16.44 -50.80
N SER C 177 -51.37 -15.47 -49.92
CA SER C 177 -52.11 -14.25 -50.02
C SER C 177 -51.20 -13.12 -50.48
N SER C 178 -51.59 -12.47 -51.58
CA SER C 178 -50.82 -11.36 -52.13
C SER C 178 -51.68 -10.12 -52.18
N THR C 179 -51.25 -9.08 -51.46
CA THR C 179 -52.02 -7.85 -51.41
C THR C 179 -51.30 -6.55 -51.85
N LEU C 180 -51.93 -5.85 -52.77
CA LEU C 180 -51.39 -4.61 -53.31
C LEU C 180 -52.04 -3.43 -52.61
N THR C 181 -51.23 -2.65 -51.90
CA THR C 181 -51.72 -1.55 -51.08
C THR C 181 -51.52 -0.18 -51.76
N LEU C 182 -52.66 0.44 -52.03
CA LEU C 182 -52.69 1.72 -52.70
C LEU C 182 -53.49 2.73 -51.90
N SER C 183 -53.14 4.00 -52.10
CA SER C 183 -53.95 5.11 -51.64
C SER C 183 -55.11 5.27 -52.61
N LYS C 184 -56.16 5.94 -52.13
CA LYS C 184 -57.34 6.24 -52.94
C LYS C 184 -56.94 6.94 -54.23
N ALA C 185 -56.08 7.96 -54.12
CA ALA C 185 -55.59 8.71 -55.28
C ALA C 185 -54.76 7.88 -56.28
N ASP C 186 -53.85 7.05 -55.79
CA ASP C 186 -53.04 6.20 -56.67
C ASP C 186 -53.87 5.13 -57.40
N TYR C 187 -54.93 4.65 -56.74
CA TYR C 187 -55.92 3.75 -57.33
C TYR C 187 -56.76 4.37 -58.45
N GLU C 188 -57.25 5.59 -58.24
CA GLU C 188 -58.03 6.32 -59.25
C GLU C 188 -57.24 6.64 -60.50
N LYS C 189 -55.93 6.85 -60.35
CA LYS C 189 -55.05 7.16 -61.47
C LYS C 189 -55.03 6.06 -62.50
N HIS C 190 -55.38 4.84 -62.08
CA HIS C 190 -55.27 3.70 -62.97
C HIS C 190 -56.60 2.99 -63.25
N LYS C 191 -56.68 2.27 -64.37
CA LYS C 191 -57.88 1.58 -64.80
C LYS C 191 -57.78 0.05 -64.74
N VAL C 192 -56.81 -0.53 -65.46
CA VAL C 192 -56.77 -1.99 -65.63
C VAL C 192 -55.82 -2.71 -64.64
N TYR C 193 -56.40 -3.50 -63.74
CA TYR C 193 -55.59 -4.21 -62.73
C TYR C 193 -55.48 -5.71 -63.00
N ALA C 194 -54.29 -6.25 -62.73
CA ALA C 194 -54.02 -7.65 -63.03
C ALA C 194 -53.04 -8.29 -62.05
N CYS C 195 -53.30 -9.56 -61.76
CA CYS C 195 -52.42 -10.34 -60.90
C CYS C 195 -51.95 -11.48 -61.78
N GLU C 196 -50.64 -11.52 -62.07
CA GLU C 196 -50.09 -12.55 -62.95
C GLU C 196 -49.37 -13.62 -62.14
N VAL C 197 -49.78 -14.87 -62.36
CA VAL C 197 -49.19 -15.95 -61.59
C VAL C 197 -48.46 -17.00 -62.40
N THR C 198 -47.25 -17.29 -61.95
CA THR C 198 -46.43 -18.36 -62.51
C THR C 198 -46.04 -19.32 -61.41
N HIS C 199 -46.21 -20.60 -61.72
CA HIS C 199 -45.97 -21.69 -60.79
C HIS C 199 -45.64 -22.93 -61.60
N GLN C 200 -44.93 -23.86 -60.97
CA GLN C 200 -44.56 -25.14 -61.58
C GLN C 200 -45.74 -25.93 -62.14
N GLY C 201 -46.90 -25.86 -61.47
CA GLY C 201 -48.12 -26.53 -61.91
C GLY C 201 -48.96 -25.90 -63.02
N LEU C 202 -48.53 -24.76 -63.53
CA LEU C 202 -49.30 -24.10 -64.59
C LEU C 202 -48.61 -24.32 -65.91
N SER C 203 -49.35 -24.89 -66.87
CA SER C 203 -48.83 -25.13 -68.22
C SER C 203 -48.60 -23.80 -68.95
N SER C 204 -49.29 -22.77 -68.47
CA SER C 204 -49.11 -21.42 -68.99
C SER C 204 -49.49 -20.40 -67.90
N PRO C 205 -48.86 -19.22 -67.92
CA PRO C 205 -49.16 -18.15 -66.96
C PRO C 205 -50.66 -17.81 -66.89
N VAL C 206 -51.15 -17.61 -65.66
CA VAL C 206 -52.56 -17.30 -65.43
C VAL C 206 -52.70 -15.93 -64.80
N THR C 207 -53.47 -15.08 -65.47
CA THR C 207 -53.71 -13.69 -65.07
C THR C 207 -55.21 -13.42 -64.91
N LYS C 208 -55.58 -12.81 -63.79
CA LYS C 208 -56.96 -12.39 -63.55
C LYS C 208 -56.94 -10.88 -63.56
N SER C 209 -57.99 -10.24 -64.05
CA SER C 209 -57.97 -8.78 -64.16
C SER C 209 -59.35 -8.14 -64.02
N PHE C 210 -59.36 -6.85 -63.70
CA PHE C 210 -60.59 -6.08 -63.64
C PHE C 210 -60.38 -4.60 -64.00
N ASN C 211 -61.47 -3.94 -64.38
CA ASN C 211 -61.40 -2.53 -64.67
C ASN C 211 -62.11 -1.68 -63.63
N ARG C 212 -61.38 -0.72 -63.08
CA ARG C 212 -61.92 0.16 -62.05
C ARG C 212 -63.21 0.86 -62.50
N GLY C 213 -64.25 0.73 -61.68
CA GLY C 213 -65.53 1.35 -61.97
C GLY C 213 -66.52 0.52 -62.79
N GLU C 214 -66.06 -0.58 -63.40
CA GLU C 214 -66.94 -1.41 -64.23
C GLU C 214 -67.52 -2.62 -63.48
N CYS C 215 -66.97 -2.88 -62.29
CA CYS C 215 -67.36 -4.00 -61.43
C CYS C 215 -67.34 -5.33 -62.13
N GLY D 36 39.19 6.18 -1.26
CA GLY D 36 37.91 6.83 -1.02
C GLY D 36 37.90 8.33 -1.31
N THR D 37 37.72 9.13 -0.26
CA THR D 37 37.66 10.60 -0.37
C THR D 37 38.96 11.20 -0.96
N LEU D 38 38.80 12.12 -1.91
CA LEU D 38 39.89 12.80 -2.62
C LEU D 38 40.36 14.06 -1.88
N ILE D 39 41.66 14.19 -1.70
CA ILE D 39 42.35 15.33 -1.07
C ILE D 39 43.12 16.11 -2.15
N ARG D 40 42.93 17.43 -2.23
CA ARG D 40 43.62 18.30 -3.18
C ARG D 40 45.05 18.60 -2.69
N VAL D 41 46.03 18.43 -3.58
CA VAL D 41 47.43 18.79 -3.37
C VAL D 41 47.91 19.67 -4.53
N THR D 42 48.52 20.81 -4.24
CA THR D 42 48.95 21.77 -5.27
C THR D 42 50.12 22.65 -4.81
N PRO D 43 51.04 23.06 -5.70
CA PRO D 43 52.01 24.12 -5.39
C PRO D 43 51.41 25.51 -5.23
N GLU D 44 50.15 25.72 -5.63
CA GLU D 44 49.49 27.04 -5.61
C GLU D 44 49.43 27.67 -4.20
N GLN D 45 49.23 26.85 -3.17
CA GLN D 45 49.14 27.21 -1.75
C GLN D 45 49.08 25.92 -0.89
N PRO D 46 49.49 25.93 0.39
CA PRO D 46 49.33 24.76 1.27
C PRO D 46 47.86 24.38 1.46
N THR D 47 47.56 23.08 1.51
CA THR D 47 46.20 22.58 1.80
C THR D 47 46.15 21.74 3.08
N HIS D 48 44.93 21.39 3.52
CA HIS D 48 44.65 20.65 4.75
C HIS D 48 43.47 19.69 4.55
N ALA D 49 43.51 18.51 5.15
CA ALA D 49 42.41 17.56 5.12
C ALA D 49 42.30 16.73 6.41
N VAL D 50 41.09 16.21 6.67
CA VAL D 50 40.79 15.34 7.82
C VAL D 50 40.64 13.91 7.35
N CYS D 51 41.33 12.97 7.99
CA CYS D 51 41.23 11.53 7.68
C CYS D 51 40.66 10.78 8.87
N VAL D 52 39.68 9.89 8.64
CA VAL D 52 39.06 9.12 9.72
C VAL D 52 39.70 7.74 9.80
N LEU D 53 40.13 7.29 10.97
CA LEU D 53 40.81 5.99 11.14
C LEU D 53 39.99 4.81 10.60
N GLY D 54 40.63 3.98 9.79
CA GLY D 54 40.01 2.86 9.05
C GLY D 54 39.63 3.20 7.60
N THR D 55 39.62 4.47 7.21
CA THR D 55 39.30 4.89 5.84
C THR D 55 40.57 5.20 5.03
N LEU D 56 40.68 4.64 3.83
CA LEU D 56 41.79 4.88 2.89
C LEU D 56 41.41 5.98 1.90
N THR D 57 42.19 7.07 1.87
CA THR D 57 41.89 8.23 1.02
C THR D 57 42.90 8.36 -0.11
N GLN D 58 42.59 9.17 -1.12
CA GLN D 58 43.43 9.34 -2.31
C GLN D 58 43.99 10.77 -2.37
N LEU D 59 45.24 10.94 -2.83
CA LEU D 59 45.86 12.27 -2.98
C LEU D 59 45.92 12.72 -4.44
N ASP D 60 45.34 13.88 -4.75
CA ASP D 60 45.35 14.50 -6.09
C ASP D 60 46.65 15.26 -6.43
N ILE D 61 47.74 14.56 -6.75
CA ILE D 61 49.07 15.17 -6.98
C ILE D 61 49.33 15.47 -8.46
N CYS D 62 49.00 14.54 -9.36
CA CYS D 62 49.26 14.67 -10.80
C CYS D 62 48.42 15.75 -11.50
N SER D 63 47.37 16.32 -10.88
CA SER D 63 46.56 17.35 -11.54
C SER D 63 47.20 18.75 -11.54
N SER D 64 48.26 18.99 -10.75
CA SER D 64 48.94 20.28 -10.63
C SER D 64 50.44 20.14 -10.38
N ALA D 65 51.28 20.86 -11.13
CA ALA D 65 52.74 20.88 -10.99
C ALA D 65 53.36 22.16 -11.56
N SER D 71 56.23 12.50 -12.23
CA SER D 71 57.48 12.18 -11.55
C SER D 71 57.67 13.02 -10.28
N PHE D 72 57.49 12.42 -9.12
CA PHE D 72 57.61 13.08 -7.80
C PHE D 72 57.92 12.09 -6.66
N SER D 73 58.36 12.62 -5.52
CA SER D 73 58.60 11.87 -4.28
C SER D 73 57.65 12.32 -3.18
N ILE D 74 57.26 11.38 -2.32
CA ILE D 74 56.37 11.60 -1.17
C ILE D 74 57.15 11.45 0.14
N ASN D 75 57.21 12.51 0.93
CA ASN D 75 57.85 12.52 2.24
C ASN D 75 56.79 12.65 3.34
N ALA D 76 56.42 11.55 3.98
CA ALA D 76 55.40 11.52 5.02
C ALA D 76 56.00 11.56 6.43
N SER D 77 55.44 12.40 7.31
CA SER D 77 55.87 12.51 8.71
C SER D 77 55.51 11.24 9.54
N PRO D 78 56.09 11.04 10.75
CA PRO D 78 55.80 9.88 11.59
C PRO D 78 54.31 9.65 11.89
N GLY D 79 53.87 8.39 11.82
CA GLY D 79 52.46 8.02 12.02
C GLY D 79 51.59 8.06 10.74
N VAL D 80 52.14 8.55 9.63
CA VAL D 80 51.48 8.65 8.32
C VAL D 80 52.09 7.62 7.36
N VAL D 81 51.24 6.78 6.75
CA VAL D 81 51.63 5.72 5.82
C VAL D 81 51.00 5.98 4.45
N VAL D 82 51.81 6.05 3.39
CA VAL D 82 51.35 6.28 2.02
C VAL D 82 51.89 5.20 1.07
N ASP D 83 51.00 4.56 0.33
CA ASP D 83 51.31 3.54 -0.68
C ASP D 83 51.00 4.05 -2.10
N ILE D 84 51.73 3.51 -3.09
CA ILE D 84 51.58 3.81 -4.51
C ILE D 84 51.26 2.51 -5.27
N ALA D 85 50.22 2.52 -6.09
CA ALA D 85 49.82 1.36 -6.90
C ALA D 85 50.05 1.59 -8.40
N GLU D 107 48.05 7.01 -8.55
CA GLU D 107 47.46 6.01 -7.66
C GLU D 107 48.12 6.06 -6.28
N VAL D 108 47.89 7.13 -5.53
CA VAL D 108 48.48 7.37 -4.19
C VAL D 108 47.44 7.29 -3.09
N THR D 109 47.61 6.32 -2.19
CA THR D 109 46.71 6.01 -1.06
C THR D 109 47.35 6.41 0.27
N LEU D 110 46.64 7.23 1.03
CA LEU D 110 47.01 7.78 2.32
C LEU D 110 46.21 7.08 3.43
N THR D 111 46.85 6.72 4.54
CA THR D 111 46.20 6.27 5.77
C THR D 111 46.98 6.74 7.01
N MET D 112 46.32 6.87 8.16
CA MET D 112 46.93 7.32 9.42
C MET D 112 46.76 6.30 10.54
N LYS D 113 47.79 6.13 11.37
CA LYS D 113 47.81 5.11 12.45
C LYS D 113 46.97 5.46 13.67
N ALA D 114 46.85 6.74 14.05
CA ALA D 114 46.15 7.17 15.26
C ALA D 114 45.58 8.60 15.14
N ALA D 115 44.59 8.94 15.96
CA ALA D 115 43.96 10.26 15.98
C ALA D 115 44.92 11.34 16.51
N SER D 116 44.83 12.55 15.97
CA SER D 116 45.63 13.70 16.35
C SER D 116 45.13 14.41 17.59
N GLY D 117 46.03 15.04 18.36
CA GLY D 117 45.67 15.89 19.49
C GLY D 117 45.57 17.39 19.15
N SER D 118 45.90 17.77 17.93
CA SER D 118 45.90 19.17 17.45
C SER D 118 45.62 19.24 15.95
N THR D 119 45.18 20.41 15.47
CA THR D 119 44.90 20.63 14.04
C THR D 119 46.21 20.73 13.27
N GLY D 120 46.35 19.96 12.18
CA GLY D 120 47.56 19.97 11.35
C GLY D 120 48.77 19.27 12.00
N ASP D 121 48.53 18.26 12.84
CA ASP D 121 49.55 17.52 13.59
C ASP D 121 50.59 16.82 12.70
N GLN D 122 50.17 16.27 11.55
CA GLN D 122 51.04 15.57 10.61
C GLN D 122 50.98 16.24 9.23
N LYS D 123 52.02 16.05 8.42
CA LYS D 123 52.12 16.62 7.07
C LYS D 123 52.83 15.70 6.10
N VAL D 124 52.53 15.88 4.82
CA VAL D 124 53.16 15.20 3.69
C VAL D 124 53.67 16.25 2.71
N GLN D 125 54.95 16.16 2.36
CA GLN D 125 55.64 17.01 1.41
C GLN D 125 55.78 16.29 0.07
N ILE D 126 55.51 16.99 -1.02
CA ILE D 126 55.64 16.45 -2.39
C ILE D 126 56.76 17.21 -3.11
N SER D 127 57.73 16.50 -3.68
CA SER D 127 58.81 17.08 -4.46
C SER D 127 58.77 16.56 -5.89
N TYR D 128 58.73 17.45 -6.87
CA TYR D 128 58.61 17.08 -8.28
C TYR D 128 59.99 17.01 -8.95
N LYS D 137 57.30 22.25 -5.85
CA LYS D 137 57.00 21.59 -4.55
C LYS D 137 55.56 21.85 -4.10
N ALA D 138 54.99 20.96 -3.27
CA ALA D 138 53.67 21.11 -2.66
C ALA D 138 53.59 20.56 -1.22
N LEU D 139 52.68 21.12 -0.40
CA LEU D 139 52.52 20.76 1.01
C LEU D 139 51.04 20.55 1.41
N LEU D 140 50.75 19.41 2.04
CA LEU D 140 49.46 18.99 2.58
C LEU D 140 49.56 18.75 4.10
N TYR D 141 48.66 19.34 4.87
CA TYR D 141 48.49 19.10 6.32
C TYR D 141 47.37 18.08 6.58
N LEU D 142 47.56 17.22 7.58
CA LEU D 142 46.62 16.16 7.94
C LEU D 142 46.19 16.25 9.41
N THR D 143 44.90 16.06 9.66
CA THR D 143 44.35 15.86 11.01
C THR D 143 43.66 14.49 11.04
N GLY D 144 44.05 13.60 11.96
CA GLY D 144 43.41 12.30 12.10
C GLY D 144 42.33 12.34 13.19
N VAL D 145 41.20 11.70 12.94
CA VAL D 145 40.11 11.55 13.92
C VAL D 145 39.60 10.11 13.94
N GLU D 146 38.98 9.71 15.03
CA GLU D 146 38.29 8.43 15.13
C GLU D 146 36.80 8.74 15.18
N ILE D 147 36.01 8.23 14.23
CA ILE D 147 34.55 8.35 14.20
C ILE D 147 33.99 7.00 13.77
N SER D 148 33.26 6.31 14.63
CA SER D 148 32.64 5.02 14.30
C SER D 148 31.37 4.75 15.11
N LEU D 149 30.45 3.97 14.56
CA LEU D 149 29.22 3.55 15.23
C LEU D 149 29.11 2.02 15.22
N CYS D 150 29.01 1.39 16.40
CA CYS D 150 29.04 -0.09 16.51
C CYS D 150 27.71 -0.85 16.26
N ALA D 151 26.74 -0.75 17.15
CA ALA D 151 25.41 -1.41 17.08
C ALA D 151 25.31 -2.97 17.02
N ASP D 152 26.09 -3.75 17.76
CA ASP D 152 25.98 -5.23 17.79
C ASP D 152 26.00 -5.97 16.42
N ILE D 153 26.95 -5.64 15.53
CA ILE D 153 27.03 -6.23 14.19
C ILE D 153 27.24 -7.75 14.10
N THR D 154 27.95 -8.41 15.03
CA THR D 154 28.25 -9.86 15.00
C THR D 154 27.17 -10.76 15.63
N ARG D 155 26.04 -10.19 16.10
CA ARG D 155 24.94 -10.91 16.78
C ARG D 155 25.24 -11.58 18.14
N THR D 156 26.16 -11.11 18.98
CA THR D 156 26.32 -11.72 20.32
C THR D 156 25.92 -10.81 21.48
N GLY D 157 25.79 -9.51 21.24
CA GLY D 157 25.51 -8.53 22.29
C GLY D 157 26.83 -7.94 22.81
N LYS D 158 26.80 -6.66 23.19
CA LYS D 158 27.94 -5.90 23.75
C LYS D 158 29.22 -6.00 22.90
N VAL D 159 29.11 -5.87 21.58
CA VAL D 159 30.27 -5.94 20.66
C VAL D 159 31.26 -4.78 20.88
N LYS D 160 30.75 -3.55 21.09
CA LYS D 160 31.54 -2.33 21.34
C LYS D 160 32.65 -2.07 20.28
N ARG D 169 28.44 -1.49 5.24
CA ARG D 169 27.94 -2.78 4.70
C ARG D 169 26.45 -2.99 4.98
N THR D 170 25.84 -3.93 4.26
CA THR D 170 24.42 -4.32 4.35
C THR D 170 24.16 -5.50 5.30
N TRP D 171 22.91 -5.80 5.63
CA TRP D 171 22.47 -6.91 6.48
C TRP D 171 22.43 -8.25 5.73
N THR D 172 23.00 -9.31 6.29
CA THR D 172 23.00 -10.66 5.69
C THR D 172 22.52 -11.77 6.63
N TRP D 173 22.10 -12.89 6.03
CA TRP D 173 21.55 -14.06 6.68
C TRP D 173 22.60 -15.17 6.89
N GLY D 174 22.39 -15.99 7.92
CA GLY D 174 23.17 -17.20 8.16
C GLY D 174 24.26 -17.08 9.23
N PRO D 175 24.83 -18.22 9.67
CA PRO D 175 25.84 -18.26 10.73
C PRO D 175 27.15 -17.54 10.38
N CYS D 176 27.39 -17.26 9.10
CA CYS D 176 28.57 -16.54 8.64
C CYS D 176 28.28 -15.08 8.21
N GLY D 177 27.08 -14.54 8.48
CA GLY D 177 26.69 -13.17 8.11
C GLY D 177 26.98 -12.10 9.18
N GLN D 178 26.42 -10.90 9.00
CA GLN D 178 26.57 -9.75 9.88
C GLN D 178 25.36 -8.80 9.77
N GLY D 179 25.14 -7.94 10.75
CA GLY D 179 24.09 -6.93 10.75
C GLY D 179 23.34 -6.89 12.08
N ALA D 180 22.89 -5.70 12.51
CA ALA D 180 22.26 -5.50 13.81
C ALA D 180 20.79 -5.94 13.80
N ILE D 181 20.18 -6.16 14.97
CA ILE D 181 18.78 -6.60 15.10
C ILE D 181 18.01 -5.71 16.07
N LEU D 182 16.75 -5.37 15.76
CA LEU D 182 15.84 -4.62 16.65
C LEU D 182 14.68 -5.49 17.11
N LEU D 183 14.13 -5.23 18.29
CA LEU D 183 12.83 -5.74 18.70
C LEU D 183 11.76 -4.66 18.55
N VAL D 184 10.53 -5.03 18.23
CA VAL D 184 9.43 -4.05 18.27
C VAL D 184 9.03 -3.87 19.72
N ASN D 185 9.00 -2.64 20.23
CA ASN D 185 8.70 -2.39 21.64
C ASN D 185 7.19 -2.49 21.91
N CYS D 186 6.63 -3.69 21.76
CA CYS D 186 5.20 -3.99 21.75
C CYS D 186 4.65 -4.52 23.08
N ASP D 187 5.42 -4.48 24.15
CA ASP D 187 5.00 -4.87 25.49
C ASP D 187 4.59 -3.63 26.30
N ARG D 188 4.30 -3.79 27.58
CA ARG D 188 3.84 -2.70 28.45
C ARG D 188 4.56 -2.73 29.79
N ASP D 189 5.76 -2.14 29.87
CA ASP D 189 6.62 -2.20 31.06
C ASP D 189 6.19 -1.24 32.18
N ASN D 190 5.55 -0.11 31.84
CA ASN D 190 5.03 0.84 32.82
C ASN D 190 3.53 0.60 33.07
N LEU D 191 3.20 0.05 34.25
CA LEU D 191 1.84 -0.40 34.59
C LEU D 191 0.87 0.73 34.97
N GLU D 192 1.29 1.99 34.95
CA GLU D 192 0.42 3.14 35.26
C GLU D 192 -0.43 3.61 34.06
N SER D 193 -0.19 3.05 32.86
CA SER D 193 -0.88 3.37 31.61
C SER D 193 -1.23 2.12 30.80
N SER D 194 -2.36 2.13 30.09
CA SER D 194 -2.80 1.06 29.18
C SER D 194 -2.17 1.12 27.78
N ALA D 195 -1.44 2.19 27.44
CA ALA D 195 -0.84 2.38 26.12
C ALA D 195 0.34 1.42 25.87
N MET D 196 0.63 1.12 24.60
CA MET D 196 1.78 0.29 24.21
C MET D 196 3.08 1.11 24.30
N ASP D 197 4.19 0.55 24.76
CA ASP D 197 5.43 1.32 24.94
C ASP D 197 5.97 2.03 23.69
N CYS D 198 5.77 1.50 22.48
CA CYS D 198 6.22 2.13 21.23
C CYS D 198 5.28 3.25 20.71
N GLU D 199 4.05 3.39 21.24
CA GLU D 199 3.08 4.42 20.84
C GLU D 199 3.42 5.86 21.28
N ASP D 200 4.07 6.05 22.43
CA ASP D 200 4.53 7.37 22.91
C ASP D 200 5.98 7.69 22.50
N ASP D 201 6.45 8.87 22.86
CA ASP D 201 7.81 9.37 22.62
C ASP D 201 8.71 9.42 23.88
N GLU D 202 8.44 8.60 24.90
CA GLU D 202 9.16 8.61 26.19
C GLU D 202 9.59 7.21 26.65
N VAL D 203 10.69 7.14 27.41
CA VAL D 203 11.10 5.95 28.18
C VAL D 203 10.87 6.23 29.65
N LEU D 204 9.83 5.64 30.23
CA LEU D 204 9.35 5.96 31.58
C LEU D 204 9.97 5.09 32.68
N ASP D 205 10.76 4.07 32.34
CA ASP D 205 11.35 3.15 33.32
C ASP D 205 12.60 2.43 32.79
N SER D 206 13.61 2.18 33.63
CA SER D 206 14.83 1.46 33.22
C SER D 206 14.54 0.05 32.71
N GLU D 207 13.42 -0.57 33.08
CA GLU D 207 13.07 -1.90 32.57
C GLU D 207 12.78 -1.86 31.07
N ASP D 208 12.23 -0.77 30.55
CA ASP D 208 11.89 -0.67 29.12
C ASP D 208 13.16 -0.66 28.26
N LEU D 209 14.28 -0.20 28.80
CA LEU D 209 15.58 -0.24 28.12
C LEU D 209 16.08 -1.66 27.83
N GLN D 210 15.63 -2.69 28.54
CA GLN D 210 16.06 -4.06 28.26
C GLN D 210 15.43 -4.57 26.96
N ASP D 211 14.38 -3.91 26.46
CA ASP D 211 13.71 -4.27 25.22
C ASP D 211 14.24 -3.48 24.02
N MET D 212 15.25 -2.63 24.20
CA MET D 212 15.81 -1.76 23.15
C MET D 212 17.24 -2.14 22.82
N SER D 213 17.62 -1.96 21.56
CA SER D 213 18.96 -2.26 21.08
C SER D 213 19.91 -1.10 21.34
N LEU D 214 21.05 -1.43 21.95
CA LEU D 214 22.05 -0.45 22.35
C LEU D 214 23.11 -0.28 21.25
N MET D 215 23.43 0.95 20.89
CA MET D 215 24.56 1.23 20.00
C MET D 215 25.40 2.36 20.56
N THR D 216 26.72 2.26 20.44
CA THR D 216 27.67 3.24 20.98
C THR D 216 28.31 4.03 19.86
N LEU D 217 28.32 5.35 19.96
CA LEU D 217 29.03 6.25 19.06
C LEU D 217 30.38 6.57 19.68
N SER D 218 31.46 6.11 19.05
CA SER D 218 32.81 6.29 19.57
C SER D 218 33.56 7.35 18.78
N THR D 219 34.05 8.39 19.45
CA THR D 219 34.80 9.48 18.82
C THR D 219 36.13 9.81 19.51
N LYS D 220 37.12 10.30 18.75
CA LYS D 220 38.35 10.88 19.28
C LYS D 220 38.90 11.97 18.36
N THR D 221 38.88 13.23 18.80
CA THR D 221 39.31 14.39 18.00
C THR D 221 40.17 15.36 18.83
N PRO D 222 40.94 16.26 18.19
CA PRO D 222 41.57 17.37 18.88
C PRO D 222 40.57 18.18 19.71
N LYS D 223 40.96 18.75 20.85
CA LYS D 223 40.03 19.46 21.74
C LYS D 223 39.26 20.60 21.05
N ASP D 224 39.84 21.20 20.01
CA ASP D 224 39.23 22.31 19.26
C ASP D 224 38.63 21.89 17.91
N PHE D 225 38.60 20.59 17.60
CA PHE D 225 38.14 20.08 16.30
C PHE D 225 36.72 20.50 15.90
N PHE D 226 35.76 20.39 16.82
CA PHE D 226 34.37 20.67 16.54
C PHE D 226 34.02 22.16 16.43
N THR D 227 34.99 23.08 16.45
CA THR D 227 34.69 24.51 16.15
C THR D 227 34.50 24.78 14.66
N ASN D 228 34.96 23.88 13.78
CA ASN D 228 34.81 23.94 12.33
C ASN D 228 34.12 22.69 11.73
N HIS D 229 33.58 21.81 12.56
CA HIS D 229 32.94 20.56 12.15
C HIS D 229 31.71 20.26 13.00
N THR D 230 30.75 19.52 12.49
CA THR D 230 29.61 19.00 13.27
C THR D 230 29.17 17.63 12.80
N LEU D 231 28.57 16.83 13.68
CA LEU D 231 28.04 15.50 13.38
C LEU D 231 26.52 15.48 13.47
N VAL D 232 25.87 14.89 12.48
CA VAL D 232 24.42 14.76 12.37
C VAL D 232 24.02 13.29 12.27
N LEU D 233 23.13 12.79 13.12
CA LEU D 233 22.62 11.43 13.04
C LEU D 233 21.26 11.47 12.34
N HIS D 234 21.01 10.58 11.37
CA HIS D 234 19.73 10.55 10.66
C HIS D 234 19.32 9.16 10.17
N VAL D 235 18.03 9.02 9.87
CA VAL D 235 17.37 7.86 9.29
C VAL D 235 16.70 8.27 7.99
N ALA D 236 16.69 7.42 6.97
CA ALA D 236 16.05 7.77 5.71
C ALA D 236 14.60 8.21 5.92
N ARG D 237 14.16 9.30 5.27
CA ARG D 237 12.80 9.82 5.47
C ARG D 237 11.70 8.77 5.28
N SER D 238 11.84 7.90 4.28
CA SER D 238 10.86 6.86 3.95
C SER D 238 10.63 5.84 5.06
N GLU D 239 11.53 5.70 6.03
CA GLU D 239 11.39 4.77 7.16
C GLU D 239 11.43 5.44 8.54
N MET D 240 11.26 6.76 8.63
CA MET D 240 11.32 7.49 9.90
C MET D 240 10.18 7.13 10.86
N ASP D 241 9.06 6.62 10.37
CA ASP D 241 7.95 6.18 11.21
C ASP D 241 8.07 4.70 11.62
N LYS D 242 9.17 4.02 11.31
CA LYS D 242 9.47 2.63 11.70
C LYS D 242 10.46 2.52 12.84
N VAL D 243 11.17 3.58 13.22
CA VAL D 243 12.21 3.56 14.25
C VAL D 243 12.17 4.81 15.12
N ARG D 244 12.51 4.71 16.41
CA ARG D 244 12.71 5.86 17.30
C ARG D 244 14.02 5.68 18.05
N VAL D 245 14.81 6.74 18.13
CA VAL D 245 16.14 6.69 18.78
C VAL D 245 16.21 7.66 19.93
N PHE D 246 16.53 7.15 21.13
CA PHE D 246 16.62 7.90 22.38
C PHE D 246 18.05 8.21 22.81
N GLN D 247 18.24 9.33 23.51
CA GLN D 247 19.50 9.72 24.14
C GLN D 247 19.75 8.98 25.47
N ALA D 248 20.84 8.22 25.57
CA ALA D 248 21.16 7.42 26.75
C ALA D 248 21.82 8.25 27.87
N THR D 249 21.09 9.21 28.44
CA THR D 249 21.60 9.94 29.62
C THR D 249 21.79 8.93 30.76
N ARG D 250 22.96 8.92 31.41
CA ARG D 250 23.37 7.89 32.41
C ARG D 250 23.61 6.46 31.88
N GLY D 251 23.79 6.28 30.57
CA GLY D 251 24.18 4.99 30.00
C GLY D 251 23.14 3.88 30.17
N LYS D 252 23.48 2.81 30.89
CA LYS D 252 22.60 1.64 31.13
C LYS D 252 21.31 1.95 31.91
N LEU D 253 21.26 3.10 32.60
CA LEU D 253 20.12 3.53 33.41
C LEU D 253 19.19 4.48 32.65
N SER D 254 17.92 4.54 33.04
CA SER D 254 17.00 5.54 32.50
C SER D 254 17.03 6.80 33.35
N SER D 255 16.93 7.95 32.68
CA SER D 255 16.81 9.26 33.33
C SER D 255 15.88 10.15 32.50
N LYS D 256 14.66 9.67 32.22
CA LYS D 256 13.65 10.33 31.37
C LYS D 256 14.26 10.76 30.03
N CYS D 257 14.79 9.80 29.28
CA CYS D 257 15.54 10.05 28.06
C CYS D 257 14.73 10.82 27.00
N SER D 258 15.35 11.82 26.38
CA SER D 258 14.78 12.57 25.25
C SER D 258 15.04 11.86 23.93
N VAL D 259 14.33 12.29 22.89
CA VAL D 259 14.35 11.67 21.55
C VAL D 259 15.38 12.33 20.64
N VAL D 260 16.21 11.54 19.97
CA VAL D 260 17.16 12.04 18.96
C VAL D 260 16.51 12.00 17.57
N LEU D 261 15.91 10.87 17.19
CA LEU D 261 15.18 10.63 15.94
C LEU D 261 13.80 10.07 16.23
N GLY D 262 12.85 10.27 15.33
CA GLY D 262 11.56 9.60 15.40
C GLY D 262 10.57 10.10 14.37
N PRO D 263 9.29 9.71 14.49
CA PRO D 263 8.20 10.10 13.60
C PRO D 263 8.01 11.62 13.43
N LYS D 264 8.53 12.46 14.32
CA LYS D 264 8.43 13.92 14.25
C LYS D 264 9.60 14.61 13.53
N TRP D 265 10.69 13.90 13.23
CA TRP D 265 11.83 14.42 12.45
C TRP D 265 12.91 13.36 12.18
N PRO D 266 13.43 13.25 10.95
CA PRO D 266 14.31 12.16 10.54
C PRO D 266 15.80 12.38 10.85
N SER D 267 16.21 13.54 11.34
CA SER D 267 17.62 13.90 11.50
C SER D 267 17.81 14.89 12.65
N HIS D 268 18.97 14.87 13.29
CA HIS D 268 19.32 15.86 14.31
C HIS D 268 20.82 15.97 14.50
N TYR D 269 21.33 17.17 14.82
CA TYR D 269 22.73 17.38 15.14
C TYR D 269 23.06 16.92 16.55
N LEU D 270 24.32 16.52 16.79
CA LEU D 270 24.81 16.09 18.10
C LEU D 270 25.98 16.97 18.54
N MET D 271 25.93 17.53 19.75
CA MET D 271 26.98 18.38 20.33
C MET D 271 28.16 17.56 20.87
N VAL D 272 28.96 16.96 19.99
CA VAL D 272 30.07 16.09 20.38
C VAL D 272 31.29 16.94 20.78
N PRO D 273 31.80 16.84 22.01
CA PRO D 273 32.99 17.58 22.44
C PRO D 273 34.27 16.94 21.90
N GLY D 274 35.40 17.65 21.98
CA GLY D 274 36.71 17.10 21.62
C GLY D 274 37.29 16.15 22.68
N GLY D 275 38.32 15.39 22.32
CA GLY D 275 38.93 14.35 23.15
C GLY D 275 38.31 12.98 22.88
N LYS D 276 38.53 12.00 23.74
CA LYS D 276 38.04 10.61 23.58
C LYS D 276 36.74 10.43 24.35
N HIS D 277 35.64 10.16 23.65
CA HIS D 277 34.29 10.05 24.23
C HIS D 277 33.50 8.90 23.62
N ASN D 278 32.52 8.40 24.39
CA ASN D 278 31.57 7.37 23.97
C ASN D 278 30.15 7.76 24.40
N MET D 279 29.23 7.93 23.44
CA MET D 279 27.83 8.23 23.66
C MET D 279 26.96 7.02 23.29
N ASP D 280 26.02 6.66 24.16
CA ASP D 280 25.10 5.55 23.95
C ASP D 280 23.75 6.02 23.42
N PHE D 281 23.18 5.23 22.52
CA PHE D 281 21.85 5.41 21.98
C PHE D 281 21.02 4.15 22.19
N TYR D 282 19.71 4.32 22.39
CA TYR D 282 18.76 3.21 22.41
C TYR D 282 17.80 3.29 21.25
N VAL D 283 17.80 2.25 20.42
CA VAL D 283 17.03 2.16 19.18
C VAL D 283 15.93 1.11 19.33
N GLU D 284 14.69 1.48 19.03
CA GLU D 284 13.53 0.59 19.07
C GLU D 284 12.78 0.57 17.75
N ALA D 285 12.22 -0.57 17.37
CA ALA D 285 11.37 -0.63 16.19
C ALA D 285 9.92 -0.32 16.57
N LEU D 286 9.20 0.37 15.69
CA LEU D 286 7.82 0.81 15.91
C LEU D 286 6.78 -0.04 15.16
N ALA D 287 7.21 -0.98 14.32
CA ALA D 287 6.31 -1.79 13.49
C ALA D 287 6.95 -3.12 13.09
N PHE D 288 6.12 -4.12 12.81
CA PHE D 288 6.54 -5.42 12.28
C PHE D 288 6.70 -5.37 10.76
N PRO D 289 7.51 -6.24 10.14
CA PRO D 289 7.56 -6.37 8.70
C PRO D 289 6.18 -6.62 8.08
N ASP D 290 5.93 -6.04 6.91
CA ASP D 290 4.66 -6.09 6.21
C ASP D 290 4.91 -5.87 4.71
N THR D 291 3.86 -5.88 3.88
CA THR D 291 3.98 -5.72 2.42
C THR D 291 4.84 -4.52 2.01
N ASP D 292 4.65 -3.37 2.64
CA ASP D 292 5.39 -2.13 2.38
C ASP D 292 6.64 -1.93 3.26
N PHE D 293 7.06 -2.93 4.05
CA PHE D 293 8.22 -2.82 4.93
C PHE D 293 9.07 -4.11 4.94
N PRO D 294 10.18 -4.15 4.18
CA PRO D 294 11.11 -5.28 4.10
C PRO D 294 11.77 -5.71 5.41
N GLY D 295 11.74 -4.87 6.45
CA GLY D 295 12.34 -5.15 7.74
C GLY D 295 13.69 -4.49 8.01
N LEU D 296 14.36 -3.86 7.05
CA LEU D 296 15.65 -3.21 7.28
C LEU D 296 15.49 -1.71 7.57
N ILE D 297 16.24 -1.21 8.55
CA ILE D 297 16.32 0.19 8.99
C ILE D 297 17.80 0.60 9.04
N THR D 298 18.19 1.71 8.42
CA THR D 298 19.59 2.18 8.39
C THR D 298 19.76 3.52 9.08
N LEU D 299 20.71 3.63 10.01
CA LEU D 299 21.04 4.87 10.71
C LEU D 299 22.42 5.33 10.29
N THR D 300 22.54 6.56 9.83
CA THR D 300 23.75 7.13 9.26
C THR D 300 24.18 8.37 10.02
N ILE D 301 25.48 8.57 10.20
CA ILE D 301 26.07 9.76 10.82
C ILE D 301 26.86 10.52 9.75
N SER D 302 26.59 11.82 9.59
CA SER D 302 27.27 12.69 8.63
C SER D 302 28.21 13.62 9.36
N LEU D 303 29.45 13.75 8.92
CA LEU D 303 30.40 14.77 9.39
C LEU D 303 30.41 15.92 8.39
N LEU D 304 30.07 17.13 8.82
CA LEU D 304 29.92 18.29 7.94
C LEU D 304 31.05 19.30 8.20
N ASP D 305 31.51 19.96 7.16
CA ASP D 305 32.49 21.04 7.29
C ASP D 305 31.76 22.39 7.45
N THR D 306 31.90 23.00 8.62
CA THR D 306 31.20 24.22 9.04
C THR D 306 32.14 25.43 9.12
N SER D 307 33.37 25.30 8.62
CA SER D 307 34.45 26.27 8.78
C SER D 307 34.14 27.67 8.25
N ASN D 308 33.30 27.82 7.23
CA ASN D 308 32.90 29.11 6.67
C ASN D 308 31.43 29.37 6.99
N LEU D 309 31.14 30.31 7.91
CA LEU D 309 29.80 30.55 8.43
C LEU D 309 28.83 31.20 7.44
N GLU D 310 29.29 31.72 6.31
CA GLU D 310 28.43 32.35 5.30
C GLU D 310 28.28 31.49 4.03
N LEU D 311 28.84 30.29 4.08
CA LEU D 311 28.93 29.31 2.99
C LEU D 311 28.20 28.01 3.41
N PRO D 312 27.37 27.38 2.56
CA PRO D 312 26.68 26.13 2.92
C PRO D 312 27.61 25.00 3.37
N GLU D 313 27.16 24.18 4.33
CA GLU D 313 27.94 23.06 4.88
C GLU D 313 28.11 21.92 3.87
N ALA D 314 29.29 21.32 3.84
CA ALA D 314 29.63 20.23 2.93
C ALA D 314 29.82 18.94 3.70
N VAL D 315 29.47 17.79 3.12
CA VAL D 315 29.75 16.50 3.74
C VAL D 315 31.19 16.05 3.41
N VAL D 316 31.94 15.64 4.41
CA VAL D 316 33.33 15.15 4.25
C VAL D 316 33.52 13.69 4.64
N PHE D 317 32.64 13.13 5.46
CA PHE D 317 32.67 11.73 5.90
C PHE D 317 31.28 11.26 6.31
N GLN D 318 30.91 10.02 5.98
CA GLN D 318 29.71 9.35 6.48
C GLN D 318 30.03 7.94 6.95
N ASP D 319 29.27 7.45 7.93
CA ASP D 319 29.32 6.08 8.41
C ASP D 319 27.92 5.65 8.85
N SER D 320 27.62 4.36 8.82
CA SER D 320 26.28 3.88 9.11
C SER D 320 26.24 2.43 9.56
N VAL D 321 25.14 2.05 10.20
CA VAL D 321 24.83 0.67 10.59
C VAL D 321 23.44 0.30 10.12
N VAL D 322 23.24 -0.98 9.78
CA VAL D 322 21.97 -1.50 9.29
C VAL D 322 21.37 -2.47 10.30
N PHE D 323 20.12 -2.26 10.65
CA PHE D 323 19.35 -3.11 11.56
C PHE D 323 18.29 -3.90 10.79
N ARG D 324 17.91 -5.09 11.26
CA ARG D 324 16.68 -5.76 10.81
C ARG D 324 15.72 -5.90 11.97
N VAL D 325 14.43 -5.70 11.74
CA VAL D 325 13.41 -5.87 12.78
C VAL D 325 13.09 -7.35 12.94
N ALA D 326 13.18 -7.87 14.16
CA ALA D 326 12.92 -9.28 14.43
C ALA D 326 11.49 -9.68 14.05
N PRO D 327 11.28 -10.70 13.20
CA PRO D 327 9.96 -11.15 12.80
C PRO D 327 9.24 -11.91 13.92
N TRP D 328 7.91 -11.97 13.85
CA TRP D 328 7.09 -12.80 14.72
C TRP D 328 7.22 -14.29 14.37
N ILE D 329 7.59 -15.12 15.34
CA ILE D 329 7.81 -16.56 15.16
C ILE D 329 6.78 -17.35 15.96
N MET D 330 6.13 -18.35 15.38
CA MET D 330 5.17 -19.22 16.07
C MET D 330 5.79 -20.53 16.58
N THR D 331 5.26 -21.05 17.69
CA THR D 331 5.66 -22.32 18.30
C THR D 331 4.71 -23.47 17.97
N PRO D 332 5.17 -24.60 17.41
CA PRO D 332 4.34 -25.79 17.14
C PRO D 332 4.11 -26.65 18.39
N ASN D 333 3.30 -27.70 18.29
CA ASN D 333 3.00 -28.63 19.39
C ASN D 333 4.20 -29.43 19.91
N THR D 334 5.32 -29.47 19.19
CA THR D 334 6.52 -30.21 19.62
C THR D 334 7.47 -29.40 20.50
N GLN D 335 7.20 -28.11 20.73
CA GLN D 335 8.01 -27.32 21.66
C GLN D 335 7.51 -27.55 23.09
N PRO D 336 8.38 -27.75 24.09
CA PRO D 336 7.95 -27.94 25.47
C PRO D 336 7.03 -26.81 25.97
N PRO D 337 5.92 -27.11 26.65
CA PRO D 337 5.02 -26.08 27.19
C PRO D 337 5.61 -25.35 28.40
N GLN D 338 5.14 -24.12 28.62
CA GLN D 338 5.46 -23.27 29.78
C GLN D 338 4.23 -22.96 30.64
N GLU D 339 3.14 -22.46 30.06
CA GLU D 339 1.93 -22.15 30.82
C GLU D 339 0.64 -22.34 30.01
N VAL D 340 -0.47 -22.57 30.72
CA VAL D 340 -1.79 -22.84 30.16
C VAL D 340 -2.78 -21.82 30.70
N TYR D 341 -3.56 -21.19 29.82
CA TYR D 341 -4.65 -20.31 30.19
C TYR D 341 -5.95 -21.05 29.95
N ALA D 342 -6.79 -21.23 30.98
CA ALA D 342 -8.06 -21.93 30.86
C ALA D 342 -9.20 -21.25 31.63
N PHE D 351 -14.23 -29.80 33.14
CA PHE D 351 -13.17 -29.57 32.16
C PHE D 351 -11.85 -29.18 32.82
N LEU D 352 -11.88 -28.21 33.75
CA LEU D 352 -10.69 -27.70 34.42
C LEU D 352 -10.01 -28.75 35.31
N LYS D 353 -10.75 -29.73 35.84
CA LYS D 353 -10.19 -30.85 36.62
C LYS D 353 -9.24 -31.70 35.78
N SER D 354 -9.60 -31.96 34.52
CA SER D 354 -8.75 -32.69 33.57
C SER D 354 -7.59 -31.83 33.09
N VAL D 355 -7.80 -30.54 32.86
CA VAL D 355 -6.71 -29.62 32.47
C VAL D 355 -5.69 -29.46 33.61
N THR D 356 -6.14 -29.34 34.86
CA THR D 356 -5.24 -29.26 36.03
C THR D 356 -4.42 -30.53 36.18
N THR D 357 -5.04 -31.71 36.00
CA THR D 357 -4.35 -33.00 36.05
C THR D 357 -3.24 -33.08 35.00
N LEU D 358 -3.53 -32.66 33.75
CA LEU D 358 -2.54 -32.59 32.69
C LEU D 358 -1.45 -31.54 32.97
N ALA D 359 -1.81 -30.37 33.47
CA ALA D 359 -0.85 -29.32 33.80
C ALA D 359 0.14 -29.78 34.88
N MET D 360 -0.34 -30.51 35.90
CA MET D 360 0.50 -31.12 36.93
C MET D 360 1.43 -32.20 36.38
N LYS D 361 0.94 -33.17 35.59
CA LYS D 361 1.81 -34.21 35.00
C LYS D 361 2.87 -33.65 34.04
N ALA D 362 2.54 -32.58 33.31
CA ALA D 362 3.44 -31.89 32.39
C ALA D 362 4.34 -30.83 33.08
N LYS D 363 4.21 -30.63 34.39
CA LYS D 363 4.94 -29.62 35.18
C LYS D 363 4.77 -28.18 34.66
N CYS D 364 3.55 -27.80 34.27
CA CYS D 364 3.22 -26.48 33.72
C CYS D 364 2.44 -25.59 34.70
N LYS D 365 2.52 -24.28 34.49
CA LYS D 365 1.76 -23.26 35.23
C LYS D 365 0.39 -23.02 34.60
N LEU D 366 -0.68 -23.34 35.32
CA LEU D 366 -2.08 -23.21 34.88
C LEU D 366 -2.73 -21.97 35.54
N THR D 367 -3.25 -21.04 34.74
CA THR D 367 -3.89 -19.81 35.24
C THR D 367 -5.22 -19.48 34.55
N ILE D 368 -5.87 -18.40 34.97
CA ILE D 368 -7.16 -17.90 34.47
C ILE D 368 -7.00 -17.19 33.12
N GLN D 381 -10.60 -14.50 28.09
CA GLN D 381 -9.95 -14.17 26.84
C GLN D 381 -10.38 -15.13 25.70
N ASP D 382 -10.25 -14.69 24.45
CA ASP D 382 -10.57 -15.49 23.26
C ASP D 382 -9.38 -16.35 22.81
N GLU D 383 -9.57 -17.13 21.73
CA GLU D 383 -8.44 -17.87 21.15
C GLU D 383 -7.51 -16.89 20.40
N MET D 384 -6.21 -16.95 20.69
CA MET D 384 -5.17 -16.12 20.08
C MET D 384 -3.94 -16.99 19.87
N GLU D 385 -3.08 -16.63 18.94
CA GLU D 385 -1.86 -17.40 18.70
C GLU D 385 -0.69 -16.74 19.43
N ILE D 386 -0.02 -17.47 20.32
CA ILE D 386 1.09 -16.95 21.14
C ILE D 386 2.40 -17.37 20.51
N GLY D 387 3.20 -16.40 20.11
CA GLY D 387 4.53 -16.57 19.55
C GLY D 387 5.56 -15.75 20.29
N TYR D 388 6.63 -15.34 19.63
CA TYR D 388 7.68 -14.53 20.21
C TYR D 388 8.50 -13.79 19.15
N ILE D 389 9.27 -12.79 19.57
CA ILE D 389 10.35 -12.15 18.80
C ILE D 389 11.64 -12.22 19.58
N GLN D 390 12.75 -12.49 18.90
CA GLN D 390 14.03 -12.73 19.55
C GLN D 390 15.14 -11.87 18.97
N ALA D 391 15.99 -11.33 19.82
CA ALA D 391 17.21 -10.62 19.48
C ALA D 391 18.36 -11.11 20.38
N PRO D 392 19.64 -10.92 20.01
CA PRO D 392 20.73 -11.47 20.81
C PRO D 392 20.69 -11.10 22.30
N HIS D 393 20.15 -9.93 22.65
CA HIS D 393 20.10 -9.42 24.02
C HIS D 393 18.85 -9.80 24.83
N LYS D 394 17.76 -10.29 24.21
CA LYS D 394 16.47 -10.59 24.88
C LYS D 394 15.50 -11.38 23.99
N THR D 395 14.66 -12.23 24.59
CA THR D 395 13.53 -12.91 23.94
C THR D 395 12.21 -12.44 24.56
N LEU D 396 11.24 -12.05 23.74
CA LEU D 396 9.95 -11.51 24.19
C LEU D 396 8.78 -12.34 23.63
N PRO D 397 7.86 -12.88 24.45
CA PRO D 397 6.60 -13.44 23.97
C PRO D 397 5.71 -12.39 23.33
N VAL D 398 5.01 -12.72 22.23
CA VAL D 398 4.11 -11.81 21.51
C VAL D 398 2.79 -12.51 21.17
N VAL D 399 1.65 -11.84 21.40
CA VAL D 399 0.31 -12.35 21.06
C VAL D 399 -0.15 -11.82 19.71
N PHE D 400 -0.58 -12.69 18.79
CA PHE D 400 -1.08 -12.29 17.47
C PHE D 400 -2.61 -12.37 17.43
N ASP D 401 -3.27 -11.23 17.20
CA ASP D 401 -4.73 -11.07 17.25
C ASP D 401 -5.37 -10.83 15.87
N SER D 402 -6.18 -11.78 15.40
CA SER D 402 -6.89 -11.69 14.12
C SER D 402 -8.00 -10.62 14.10
N VAL D 416 -4.35 -6.91 27.59
CA VAL D 416 -3.69 -8.00 26.89
C VAL D 416 -2.15 -7.89 26.95
N MET D 417 -1.62 -6.69 27.10
CA MET D 417 -0.18 -6.42 27.23
C MET D 417 0.28 -6.50 28.69
N GLY D 418 1.48 -7.02 28.91
CA GLY D 418 2.15 -7.11 30.20
C GLY D 418 3.61 -6.68 30.12
N PRO D 419 4.36 -6.63 31.24
CA PRO D 419 5.73 -6.12 31.26
C PRO D 419 6.65 -6.67 30.16
N ASP D 420 6.59 -7.97 29.92
CA ASP D 420 7.30 -8.63 28.82
C ASP D 420 6.34 -9.56 28.07
N PHE D 421 5.10 -9.13 27.85
CA PHE D 421 4.07 -9.89 27.14
C PHE D 421 3.49 -9.02 26.00
N GLY D 422 4.03 -9.18 24.79
CA GLY D 422 3.79 -8.31 23.64
C GLY D 422 2.45 -8.51 22.93
N TYR D 423 1.99 -7.50 22.20
CA TYR D 423 0.74 -7.54 21.46
C TYR D 423 0.84 -6.93 20.05
N VAL D 424 0.47 -7.69 19.02
CA VAL D 424 0.50 -7.26 17.61
C VAL D 424 -0.81 -7.64 16.89
N THR D 425 -1.32 -6.77 16.00
CA THR D 425 -2.55 -7.03 15.22
C THR D 425 -2.31 -7.28 13.73
N ARG D 426 -2.22 -6.23 12.90
CA ARG D 426 -1.97 -6.25 11.44
C ARG D 426 -2.98 -7.08 10.60
N GLY D 427 -4.25 -7.09 11.00
CA GLY D 427 -5.33 -7.83 10.33
C GLY D 427 -6.06 -7.00 9.27
N LEU D 436 -12.68 -13.87 7.52
CA LEU D 436 -13.65 -14.29 8.54
C LEU D 436 -13.26 -15.63 9.20
N ASP D 437 -12.10 -16.17 8.85
CA ASP D 437 -11.56 -17.41 9.41
C ASP D 437 -10.66 -17.12 10.63
N SER D 438 -11.07 -17.64 11.79
CA SER D 438 -10.43 -17.50 13.11
C SER D 438 -9.17 -18.38 13.25
N PHE D 439 -8.46 -18.29 14.37
CA PHE D 439 -7.16 -18.97 14.56
C PHE D 439 -7.20 -20.50 14.64
N GLY D 440 -8.38 -21.12 14.68
CA GLY D 440 -8.51 -22.56 14.44
C GLY D 440 -8.03 -22.98 13.03
N ASN D 441 -7.97 -22.04 12.09
CA ASN D 441 -7.47 -22.22 10.74
C ASN D 441 -5.98 -21.85 10.53
N LEU D 442 -5.24 -21.50 11.57
CA LEU D 442 -3.82 -21.17 11.46
C LEU D 442 -2.98 -22.01 12.44
N GLU D 443 -2.09 -22.87 11.95
CA GLU D 443 -1.23 -23.77 12.73
C GLU D 443 0.20 -23.83 12.19
N VAL D 444 1.10 -24.58 12.84
CA VAL D 444 2.52 -24.60 12.49
C VAL D 444 3.06 -26.03 12.51
N SER D 445 3.88 -26.40 11.55
CA SER D 445 4.53 -27.72 11.59
C SER D 445 5.75 -27.71 12.53
N PRO D 446 6.24 -28.86 12.96
CA PRO D 446 7.58 -29.00 13.51
C PRO D 446 8.68 -28.68 12.48
N PRO D 447 9.96 -28.58 12.88
CA PRO D 447 11.07 -28.39 11.96
C PRO D 447 11.14 -29.48 10.88
N VAL D 448 11.37 -29.10 9.63
CA VAL D 448 11.41 -30.04 8.48
C VAL D 448 12.58 -29.80 7.54
N THR D 449 12.87 -30.79 6.69
CA THR D 449 13.76 -30.67 5.53
C THR D 449 13.01 -31.04 4.26
N VAL D 450 12.92 -30.12 3.28
CA VAL D 450 12.10 -30.24 2.07
C VAL D 450 13.01 -30.25 0.84
N ARG D 451 13.21 -31.42 0.21
CA ARG D 451 14.07 -31.61 -0.98
C ARG D 451 15.47 -31.01 -0.83
N GLY D 452 16.07 -31.15 0.34
CA GLY D 452 17.40 -30.65 0.68
C GLY D 452 17.43 -29.28 1.39
N LYS D 453 16.33 -28.52 1.41
CA LYS D 453 16.28 -27.21 2.07
C LYS D 453 15.78 -27.36 3.51
N GLU D 454 16.47 -26.80 4.48
CA GLU D 454 16.11 -26.91 5.90
C GLU D 454 15.21 -25.74 6.33
N TYR D 455 14.22 -26.04 7.17
CA TYR D 455 13.35 -25.06 7.84
C TYR D 455 13.45 -25.26 9.35
N PRO D 456 14.49 -24.72 10.02
CA PRO D 456 14.74 -24.96 11.43
C PRO D 456 13.59 -24.59 12.37
N LEU D 457 12.71 -23.68 11.95
CA LEU D 457 11.55 -23.20 12.71
C LEU D 457 10.22 -23.76 12.17
N GLY D 458 10.24 -24.74 11.27
CA GLY D 458 9.06 -25.33 10.65
C GLY D 458 8.43 -24.44 9.56
N ARG D 459 7.17 -24.72 9.20
CA ARG D 459 6.39 -23.97 8.21
C ARG D 459 5.02 -23.63 8.78
N ILE D 460 4.39 -22.54 8.33
CA ILE D 460 3.09 -22.10 8.87
C ILE D 460 1.98 -22.59 7.96
N LEU D 461 1.01 -23.34 8.47
CA LEU D 461 -0.05 -23.97 7.69
C LEU D 461 -1.34 -23.20 7.90
N PHE D 462 -2.04 -22.83 6.83
CA PHE D 462 -3.40 -22.28 6.93
C PHE D 462 -4.29 -22.84 5.82
N GLY D 463 -5.58 -22.94 6.10
CA GLY D 463 -6.56 -23.52 5.18
C GLY D 463 -7.22 -22.49 4.28
N ASP D 464 -7.55 -22.84 3.04
CA ASP D 464 -8.37 -22.04 2.13
C ASP D 464 -9.05 -22.90 1.03
N SER D 465 -9.51 -22.28 -0.07
CA SER D 465 -10.12 -22.97 -1.21
C SER D 465 -9.12 -23.46 -2.25
N CYS D 466 -9.38 -24.61 -2.87
CA CYS D 466 -8.57 -25.22 -3.93
C CYS D 466 -8.50 -24.41 -5.25
N TYR D 467 -9.49 -23.56 -5.50
CA TYR D 467 -9.53 -22.55 -6.55
C TYR D 467 -10.62 -21.51 -6.22
N PRO D 468 -10.41 -20.21 -6.46
CA PRO D 468 -11.39 -19.19 -6.09
C PRO D 468 -12.69 -19.30 -6.90
N SER D 469 -13.82 -18.93 -6.33
CA SER D 469 -15.12 -18.89 -7.02
C SER D 469 -15.95 -17.68 -6.54
N ASN D 470 -17.20 -17.58 -7.00
CA ASN D 470 -18.13 -16.53 -6.62
C ASN D 470 -18.80 -16.78 -5.26
N ASP D 471 -18.53 -17.90 -4.58
CA ASP D 471 -19.05 -18.18 -3.24
C ASP D 471 -18.07 -18.93 -2.30
N SER D 472 -16.77 -18.94 -2.59
CA SER D 472 -15.77 -19.65 -1.78
C SER D 472 -15.24 -18.79 -0.63
N ARG D 473 -14.48 -19.37 0.30
CA ARG D 473 -13.87 -18.67 1.44
C ARG D 473 -12.36 -18.77 1.43
N GLN D 474 -11.67 -17.77 1.99
CA GLN D 474 -10.23 -17.76 2.19
C GLN D 474 -9.83 -16.84 3.35
N MET D 475 -8.68 -17.09 3.97
CA MET D 475 -8.11 -16.21 4.99
C MET D 475 -7.81 -14.82 4.38
N HIS D 476 -8.19 -13.74 5.05
CA HIS D 476 -8.05 -12.36 4.54
C HIS D 476 -6.63 -12.06 4.07
N GLN D 477 -6.47 -11.37 2.95
CA GLN D 477 -5.15 -11.12 2.37
C GLN D 477 -4.18 -10.41 3.32
N ALA D 478 -4.64 -9.52 4.19
CA ALA D 478 -3.78 -8.87 5.17
C ALA D 478 -3.05 -9.87 6.07
N LEU D 479 -3.68 -10.99 6.42
CA LEU D 479 -3.07 -12.04 7.25
C LEU D 479 -2.07 -12.86 6.43
N GLN D 480 -2.39 -13.14 5.16
CA GLN D 480 -1.46 -13.86 4.29
C GLN D 480 -0.21 -13.01 4.02
N ASP D 481 -0.37 -11.71 3.84
CA ASP D 481 0.73 -10.76 3.62
C ASP D 481 1.59 -10.57 4.87
N PHE D 482 0.98 -10.43 6.04
CA PHE D 482 1.71 -10.34 7.31
C PHE D 482 2.55 -11.59 7.57
N LEU D 483 1.96 -12.78 7.48
CA LEU D 483 2.69 -14.04 7.71
C LEU D 483 3.75 -14.30 6.63
N SER D 484 3.51 -13.92 5.38
CA SER D 484 4.47 -14.09 4.28
C SER D 484 5.60 -13.08 4.31
N ALA D 485 5.36 -11.88 4.86
CA ALA D 485 6.35 -10.82 5.02
C ALA D 485 7.49 -11.15 6.01
N GLN D 486 7.31 -12.20 6.81
CA GLN D 486 8.23 -12.66 7.83
C GLN D 486 8.76 -14.03 7.42
N GLN D 487 9.75 -14.02 6.54
CA GLN D 487 10.24 -15.18 5.80
C GLN D 487 10.94 -16.29 6.59
N VAL D 488 11.15 -16.14 7.90
CA VAL D 488 11.73 -17.17 8.78
C VAL D 488 10.88 -18.43 8.91
N GLN D 489 9.57 -18.38 8.67
CA GLN D 489 8.68 -19.55 8.67
C GLN D 489 7.80 -19.50 7.42
N ALA D 490 8.17 -20.27 6.40
CA ALA D 490 7.49 -20.26 5.10
C ALA D 490 6.02 -20.73 5.23
N PRO D 491 5.06 -20.08 4.58
CA PRO D 491 3.67 -20.54 4.59
C PRO D 491 3.38 -21.74 3.69
N VAL D 492 2.33 -22.49 4.01
CA VAL D 492 1.74 -23.57 3.20
C VAL D 492 0.23 -23.38 3.10
N LYS D 493 -0.31 -23.54 1.89
CA LYS D 493 -1.75 -23.48 1.60
C LYS D 493 -2.34 -24.89 1.67
N LEU D 494 -3.32 -25.12 2.53
CA LEU D 494 -4.06 -26.39 2.64
C LEU D 494 -5.52 -26.22 2.24
N TYR D 495 -6.19 -27.30 1.87
CA TYR D 495 -7.59 -27.23 1.44
C TYR D 495 -8.52 -27.43 2.62
N SER D 496 -9.23 -26.40 3.06
CA SER D 496 -10.15 -26.51 4.19
C SER D 496 -11.56 -26.00 3.91
N ASP D 497 -11.80 -25.33 2.78
CA ASP D 497 -13.13 -24.77 2.48
C ASP D 497 -14.26 -25.83 2.43
N TRP D 498 -13.96 -27.12 2.36
CA TRP D 498 -14.94 -28.21 2.40
C TRP D 498 -15.61 -28.38 3.78
N LEU D 499 -15.06 -27.81 4.85
CA LEU D 499 -15.60 -27.88 6.21
C LEU D 499 -16.64 -26.79 6.45
N SER D 500 -17.59 -27.01 7.37
CA SER D 500 -18.61 -26.03 7.76
C SER D 500 -18.01 -24.76 8.32
N VAL D 501 -16.85 -24.85 8.99
CA VAL D 501 -16.12 -23.74 9.62
C VAL D 501 -14.86 -23.33 8.84
N GLY D 502 -14.36 -24.21 7.98
CA GLY D 502 -13.15 -23.99 7.17
C GLY D 502 -11.82 -24.05 7.92
N HIS D 503 -11.69 -24.74 9.06
CA HIS D 503 -10.45 -24.71 9.86
C HIS D 503 -9.56 -25.94 9.66
N VAL D 504 -8.25 -25.74 9.54
CA VAL D 504 -7.24 -26.82 9.48
C VAL D 504 -7.29 -27.76 10.69
N ASP D 505 -7.46 -27.23 11.90
CA ASP D 505 -7.44 -28.02 13.13
C ASP D 505 -8.52 -29.12 13.20
N GLU D 506 -9.54 -29.05 12.35
CA GLU D 506 -10.59 -30.07 12.26
C GLU D 506 -10.09 -31.43 11.71
N PHE D 507 -9.08 -31.47 10.85
CA PHE D 507 -8.54 -32.74 10.33
C PHE D 507 -7.05 -33.00 10.55
N LEU D 508 -6.27 -31.96 10.84
CA LEU D 508 -4.82 -32.03 10.96
C LEU D 508 -4.34 -31.56 12.34
N SER D 509 -3.49 -32.35 12.98
CA SER D 509 -2.77 -31.99 14.20
C SER D 509 -1.42 -32.70 14.28
N PHE D 510 -0.51 -32.23 15.12
CA PHE D 510 0.84 -32.78 15.29
C PHE D 510 1.05 -33.18 16.76
N VAL D 511 1.81 -34.25 16.99
CA VAL D 511 2.26 -34.65 18.33
C VAL D 511 3.75 -35.03 18.34
N PRO D 512 4.43 -35.01 19.50
CA PRO D 512 5.82 -35.48 19.56
C PRO D 512 5.98 -36.98 19.29
N ALA D 513 7.18 -37.37 18.89
CA ALA D 513 7.57 -38.77 18.77
C ALA D 513 9.06 -38.94 19.11
N PRO D 514 9.46 -40.03 19.80
CA PRO D 514 10.83 -40.19 20.26
C PRO D 514 11.80 -40.65 19.16
N ASP D 515 11.28 -41.19 18.06
CA ASP D 515 12.08 -41.88 17.03
C ASP D 515 12.46 -40.99 15.82
N ARG D 516 12.87 -41.62 14.71
CA ARG D 516 13.56 -41.03 13.55
C ARG D 516 13.21 -39.58 13.24
N LYS D 517 11.93 -39.31 12.99
CA LYS D 517 11.42 -37.99 12.60
C LYS D 517 11.34 -36.94 13.71
N GLY D 518 11.09 -37.38 14.94
CA GLY D 518 10.87 -36.51 16.10
C GLY D 518 9.41 -36.10 16.34
N PHE D 519 8.51 -36.43 15.41
CA PHE D 519 7.09 -36.08 15.46
C PHE D 519 6.21 -37.01 14.60
N ARG D 520 4.90 -36.91 14.78
CA ARG D 520 3.90 -37.53 13.91
C ARG D 520 2.89 -36.50 13.43
N LEU D 521 2.45 -36.68 12.20
CA LEU D 521 1.37 -35.93 11.57
C LEU D 521 0.10 -36.74 11.71
N LEU D 522 -0.94 -36.20 12.32
CA LEU D 522 -2.19 -36.90 12.57
C LEU D 522 -3.27 -36.37 11.63
N LEU D 523 -3.90 -37.24 10.86
CA LEU D 523 -5.03 -36.90 9.99
C LEU D 523 -6.29 -37.61 10.44
N ALA D 524 -7.44 -36.95 10.30
CA ALA D 524 -8.72 -37.62 10.39
C ALA D 524 -8.85 -38.66 9.28
N SER D 525 -9.37 -39.84 9.57
CA SER D 525 -9.54 -40.90 8.58
C SER D 525 -10.88 -41.59 8.73
N PRO D 526 -11.86 -41.29 7.86
CA PRO D 526 -13.09 -42.05 7.77
C PRO D 526 -12.86 -43.51 7.45
N ARG D 527 -11.77 -43.83 6.74
CA ARG D 527 -11.38 -45.20 6.38
C ARG D 527 -11.02 -46.03 7.62
N SER D 528 -10.28 -45.44 8.56
CA SER D 528 -9.94 -46.08 9.84
C SER D 528 -11.17 -46.37 10.70
N CYS D 529 -12.17 -45.48 10.74
CA CYS D 529 -13.40 -45.70 11.50
C CYS D 529 -14.30 -46.78 10.88
N TYR D 530 -14.48 -46.76 9.56
CA TYR D 530 -15.26 -47.80 8.88
C TYR D 530 -14.60 -49.17 9.00
N LYS D 531 -13.28 -49.28 8.89
CA LYS D 531 -12.58 -50.56 9.12
C LYS D 531 -12.80 -51.05 10.56
N LEU D 532 -12.68 -50.17 11.56
CA LEU D 532 -12.92 -50.53 12.96
C LEU D 532 -14.36 -51.02 13.19
N PHE D 533 -15.36 -50.34 12.64
CA PHE D 533 -16.75 -50.77 12.77
C PHE D 533 -17.02 -52.10 12.03
N GLN D 534 -16.47 -52.32 10.82
CA GLN D 534 -16.65 -53.57 10.10
C GLN D 534 -16.02 -54.75 10.85
N GLU D 535 -14.87 -54.60 11.47
CA GLU D 535 -14.26 -55.66 12.29
C GLU D 535 -15.14 -56.03 13.49
N GLN D 536 -15.76 -55.06 14.17
CA GLN D 536 -16.70 -55.32 15.27
C GLN D 536 -17.97 -56.05 14.78
N GLN D 537 -18.50 -55.67 13.62
CA GLN D 537 -19.62 -56.32 12.95
C GLN D 537 -19.29 -57.78 12.58
N ASN D 538 -18.08 -58.04 12.07
CA ASN D 538 -17.61 -59.38 11.73
C ASN D 538 -17.47 -60.27 12.98
N GLU D 539 -17.15 -59.71 14.14
CA GLU D 539 -17.05 -60.47 15.40
C GLU D 539 -18.39 -60.62 16.15
N GLY D 540 -19.50 -60.12 15.60
CA GLY D 540 -20.85 -60.23 16.18
C GLY D 540 -21.30 -59.11 17.13
N HIS D 541 -20.72 -57.92 17.03
CA HIS D 541 -21.06 -56.76 17.87
C HIS D 541 -21.92 -55.68 17.16
N GLY D 542 -22.61 -56.01 16.05
CA GLY D 542 -23.42 -55.06 15.27
C GLY D 542 -24.50 -54.30 16.07
N GLU D 543 -24.96 -54.83 17.21
CA GLU D 543 -25.96 -54.20 18.07
C GLU D 543 -25.38 -53.14 19.03
N ALA D 544 -24.06 -52.98 19.12
CA ALA D 544 -23.44 -52.00 20.02
C ALA D 544 -23.71 -50.54 19.56
N LEU D 545 -23.95 -49.64 20.52
CA LEU D 545 -24.19 -48.22 20.27
C LEU D 545 -23.14 -47.29 20.91
N LYS D 557 -26.32 -47.54 16.21
CA LYS D 557 -25.72 -48.87 16.27
C LYS D 557 -24.68 -49.07 15.18
N ILE D 558 -23.72 -49.99 15.34
CA ILE D 558 -22.70 -50.28 14.32
C ILE D 558 -23.35 -50.78 13.03
N LYS D 559 -24.32 -51.71 13.09
CA LYS D 559 -25.00 -52.19 11.88
C LYS D 559 -25.76 -51.08 11.16
N ASN D 560 -26.29 -50.10 11.88
CA ASN D 560 -27.04 -48.99 11.30
C ASN D 560 -26.11 -47.96 10.64
N ILE D 561 -24.87 -47.82 11.13
CA ILE D 561 -23.84 -46.97 10.52
C ILE D 561 -23.24 -47.65 9.27
N LEU D 562 -22.88 -48.92 9.34
CA LEU D 562 -22.29 -49.63 8.17
C LEU D 562 -23.27 -49.78 7.00
N SER D 563 -24.58 -49.90 7.28
CA SER D 563 -25.65 -50.00 6.26
C SER D 563 -26.14 -48.67 5.69
N ASN D 564 -25.69 -47.52 6.20
CA ASN D 564 -26.16 -46.20 5.77
C ASN D 564 -25.39 -45.69 4.54
N LYS D 565 -25.98 -45.88 3.35
CA LYS D 565 -25.37 -45.53 2.05
C LYS D 565 -25.11 -44.03 1.91
N THR D 566 -26.01 -43.18 2.41
CA THR D 566 -25.85 -41.72 2.38
C THR D 566 -24.64 -41.28 3.22
N LEU D 567 -24.46 -41.85 4.41
CA LEU D 567 -23.30 -41.52 5.23
C LEU D 567 -21.99 -41.95 4.56
N ARG D 568 -21.94 -43.14 3.96
CA ARG D 568 -20.76 -43.59 3.22
C ARG D 568 -20.43 -42.68 2.04
N GLU D 569 -21.41 -42.20 1.28
CA GLU D 569 -21.16 -41.29 0.15
C GLU D 569 -20.65 -39.92 0.62
N HIS D 570 -21.16 -39.39 1.74
CA HIS D 570 -20.64 -38.15 2.32
C HIS D 570 -19.18 -38.29 2.75
N ASN D 571 -18.83 -39.41 3.37
CA ASN D 571 -17.45 -39.67 3.76
C ASN D 571 -16.55 -39.93 2.55
N SER D 572 -17.02 -40.51 1.45
CA SER D 572 -16.23 -40.66 0.22
C SER D 572 -15.73 -39.32 -0.34
N PHE D 573 -16.59 -38.30 -0.36
CA PHE D 573 -16.17 -36.94 -0.69
C PHE D 573 -15.07 -36.45 0.26
N VAL D 574 -15.26 -36.62 1.57
CA VAL D 574 -14.27 -36.20 2.57
C VAL D 574 -12.96 -36.97 2.42
N GLU D 575 -12.98 -38.28 2.17
CA GLU D 575 -11.77 -39.06 1.93
C GLU D 575 -10.91 -38.45 0.83
N ARG D 576 -11.48 -38.08 -0.33
CA ARG D 576 -10.71 -37.38 -1.38
C ARG D 576 -10.21 -36.00 -0.92
N CYS D 577 -10.96 -35.24 -0.14
CA CYS D 577 -10.51 -33.95 0.37
C CYS D 577 -9.31 -34.09 1.30
N ILE D 578 -9.35 -35.00 2.26
CA ILE D 578 -8.24 -35.18 3.21
C ILE D 578 -7.04 -35.79 2.48
N ASP D 579 -7.26 -36.76 1.59
CA ASP D 579 -6.18 -37.31 0.78
C ASP D 579 -5.47 -36.27 -0.12
N TRP D 580 -6.18 -35.27 -0.64
CA TRP D 580 -5.55 -34.15 -1.34
C TRP D 580 -4.61 -33.40 -0.40
N ASN D 581 -5.05 -33.13 0.83
CA ASN D 581 -4.20 -32.50 1.85
C ASN D 581 -3.03 -33.38 2.28
N ARG D 582 -3.19 -34.70 2.34
CA ARG D 582 -2.11 -35.65 2.57
C ARG D 582 -0.98 -35.46 1.57
N GLU D 583 -1.29 -35.32 0.28
CA GLU D 583 -0.30 -35.02 -0.75
C GLU D 583 0.35 -33.66 -0.57
N LEU D 584 -0.41 -32.60 -0.28
CA LEU D 584 0.15 -31.27 -0.08
C LEU D 584 1.08 -31.24 1.13
N LEU D 585 0.70 -31.92 2.21
CA LEU D 585 1.46 -31.96 3.44
C LEU D 585 2.74 -32.76 3.25
N LYS D 586 2.69 -33.99 2.70
CA LYS D 586 3.93 -34.73 2.50
C LYS D 586 4.85 -34.13 1.42
N ARG D 587 4.34 -33.43 0.41
CA ARG D 587 5.17 -32.72 -0.60
C ARG D 587 5.87 -31.49 -0.03
N GLU D 588 5.15 -30.64 0.71
CA GLU D 588 5.68 -29.36 1.22
C GLU D 588 6.49 -29.48 2.51
N LEU D 589 6.20 -30.47 3.35
CA LEU D 589 6.84 -30.70 4.65
C LEU D 589 7.93 -31.80 4.64
N GLY D 590 8.21 -32.41 3.49
CA GLY D 590 9.22 -33.46 3.31
C GLY D 590 8.98 -34.78 4.05
N LEU D 591 7.74 -35.26 4.10
CA LEU D 591 7.32 -36.44 4.88
C LEU D 591 7.16 -37.74 4.07
N ALA D 592 7.19 -38.88 4.76
CA ALA D 592 6.90 -40.22 4.26
C ALA D 592 5.53 -40.70 4.75
N GLU D 593 4.89 -41.68 4.10
CA GLU D 593 3.62 -42.24 4.59
C GLU D 593 3.72 -42.81 6.02
N SER D 594 4.86 -43.36 6.42
CA SER D 594 5.11 -43.91 7.75
C SER D 594 5.13 -42.84 8.85
N ASP D 595 5.17 -41.55 8.49
CA ASP D 595 5.19 -40.41 9.42
C ASP D 595 3.79 -39.89 9.75
N ILE D 596 2.77 -40.50 9.14
CA ILE D 596 1.37 -40.07 9.20
C ILE D 596 0.54 -41.16 9.87
N ILE D 597 -0.30 -40.80 10.84
CA ILE D 597 -1.22 -41.74 11.51
C ILE D 597 -2.66 -41.40 11.14
N ASP D 598 -3.43 -42.44 10.79
CA ASP D 598 -4.81 -42.32 10.34
C ASP D 598 -5.79 -42.56 11.50
N ILE D 599 -6.31 -41.50 12.13
CA ILE D 599 -7.16 -41.62 13.32
C ILE D 599 -8.64 -41.72 12.91
N PRO D 600 -9.38 -42.76 13.36
CA PRO D 600 -10.76 -42.95 12.95
C PRO D 600 -11.62 -41.73 13.28
N GLN D 601 -12.31 -41.17 12.29
CA GLN D 601 -13.17 -39.98 12.41
C GLN D 601 -14.13 -39.94 11.24
N LEU D 602 -15.44 -39.92 11.48
CA LEU D 602 -16.47 -39.82 10.44
C LEU D 602 -17.02 -38.39 10.33
N PHE D 603 -17.47 -38.06 9.12
CA PHE D 603 -18.05 -36.77 8.75
C PHE D 603 -19.41 -36.95 8.06
N LYS D 604 -20.26 -35.93 8.15
CA LYS D 604 -21.55 -35.80 7.46
C LYS D 604 -21.65 -34.42 6.82
N LEU D 605 -22.40 -34.25 5.74
CA LEU D 605 -22.58 -32.95 5.08
C LEU D 605 -23.85 -32.25 5.60
N LYS D 606 -23.81 -30.93 5.80
CA LYS D 606 -24.96 -30.15 6.30
C LYS D 606 -25.89 -29.70 5.18
N GLU D 607 -26.95 -28.95 5.51
CA GLU D 607 -27.94 -28.45 4.53
C GLU D 607 -27.33 -27.50 3.49
N PHE D 608 -26.11 -26.99 3.73
CA PHE D 608 -25.34 -26.16 2.79
C PHE D 608 -24.20 -26.91 2.07
N SER D 609 -24.16 -28.25 2.15
CA SER D 609 -23.19 -29.20 1.59
C SER D 609 -21.77 -29.18 2.15
N LYS D 610 -21.52 -28.50 3.28
CA LYS D 610 -20.22 -28.48 3.95
C LYS D 610 -20.11 -29.57 5.03
N ALA D 611 -18.91 -30.11 5.22
CA ALA D 611 -18.62 -31.18 6.15
C ALA D 611 -18.63 -30.76 7.62
N GLU D 612 -19.21 -31.59 8.48
CA GLU D 612 -19.26 -31.47 9.95
C GLU D 612 -18.94 -32.83 10.57
N ALA D 613 -18.41 -32.86 11.80
CA ALA D 613 -18.07 -34.13 12.46
C ALA D 613 -19.33 -34.94 12.79
N PHE D 614 -19.30 -36.26 12.57
CA PHE D 614 -20.36 -37.20 12.98
C PHE D 614 -20.39 -37.46 14.50
N PHE D 615 -19.22 -37.57 15.13
CA PHE D 615 -19.02 -37.72 16.56
C PHE D 615 -17.80 -36.90 17.01
N PRO D 616 -17.64 -36.59 18.31
CA PRO D 616 -16.65 -35.64 18.81
C PRO D 616 -15.26 -35.81 18.18
N ASN D 617 -14.64 -34.69 17.80
CA ASN D 617 -13.40 -34.71 17.02
C ASN D 617 -12.19 -35.19 17.83
N MET D 618 -11.63 -36.34 17.48
CA MET D 618 -10.50 -36.91 18.21
C MET D 618 -9.13 -36.47 17.70
N VAL D 619 -9.05 -35.58 16.70
CA VAL D 619 -7.76 -35.08 16.17
C VAL D 619 -7.38 -33.72 16.77
N ASN D 620 -8.37 -32.85 16.98
CA ASN D 620 -8.21 -31.51 17.56
C ASN D 620 -8.00 -31.56 19.09
N MET D 621 -6.87 -32.11 19.53
CA MET D 621 -6.53 -32.37 20.94
C MET D 621 -5.61 -31.30 21.55
N LEU D 622 -5.55 -31.25 22.88
CA LEU D 622 -4.67 -30.39 23.68
C LEU D 622 -3.33 -31.10 23.94
N VAL D 623 -2.21 -30.58 23.45
CA VAL D 623 -0.89 -31.23 23.57
C VAL D 623 0.00 -30.47 24.55
N LEU D 624 0.41 -31.11 25.64
CA LEU D 624 1.35 -30.59 26.64
C LEU D 624 2.52 -31.56 26.79
N GLY D 625 3.55 -31.42 25.96
CA GLY D 625 4.65 -32.37 25.93
C GLY D 625 4.14 -33.77 25.56
N LYS D 626 4.41 -34.78 26.38
CA LYS D 626 3.95 -36.16 26.12
C LYS D 626 2.53 -36.47 26.63
N HIS D 627 1.78 -35.51 27.18
CA HIS D 627 0.44 -35.75 27.71
C HIS D 627 -0.66 -35.12 26.83
N LEU D 628 -1.61 -35.92 26.34
CA LEU D 628 -2.62 -35.53 25.37
C LEU D 628 -4.01 -35.42 26.00
N GLY D 629 -4.62 -34.24 25.93
CA GLY D 629 -5.99 -34.00 26.35
C GLY D 629 -6.94 -34.17 25.18
N ILE D 630 -7.49 -35.36 25.00
CA ILE D 630 -8.23 -35.75 23.80
C ILE D 630 -9.74 -35.69 24.08
N PRO D 631 -10.57 -35.04 23.25
CA PRO D 631 -12.02 -35.06 23.44
C PRO D 631 -12.57 -36.48 23.50
N LYS D 632 -13.44 -36.80 24.46
CA LYS D 632 -13.97 -38.15 24.64
C LYS D 632 -15.03 -38.52 23.60
N PRO D 633 -14.91 -39.63 22.86
CA PRO D 633 -15.97 -40.15 22.00
C PRO D 633 -17.02 -40.91 22.83
N PHE D 634 -18.25 -41.04 22.30
CA PHE D 634 -19.33 -41.82 22.93
C PHE D 634 -19.87 -42.89 21.97
N GLY D 635 -18.95 -43.56 21.29
CA GLY D 635 -19.23 -44.62 20.32
C GLY D 635 -19.40 -46.01 20.95
N PRO D 636 -19.48 -47.07 20.13
CA PRO D 636 -19.72 -48.42 20.60
C PRO D 636 -18.71 -48.89 21.65
N VAL D 637 -19.19 -49.60 22.67
CA VAL D 637 -18.39 -50.10 23.79
C VAL D 637 -18.41 -51.63 23.84
N ILE D 638 -17.21 -52.24 23.88
CA ILE D 638 -16.98 -53.67 23.98
C ILE D 638 -16.09 -53.97 25.19
N ASN D 639 -16.52 -54.87 26.08
CA ASN D 639 -15.79 -55.27 27.30
C ASN D 639 -15.40 -54.10 28.24
N GLY D 640 -16.25 -53.09 28.39
CA GLY D 640 -16.03 -51.93 29.27
C GLY D 640 -15.25 -50.75 28.67
N ARG D 641 -14.76 -50.83 27.43
CA ARG D 641 -13.98 -49.77 26.75
C ARG D 641 -14.62 -49.35 25.42
N CYS D 642 -14.61 -48.07 25.12
CA CYS D 642 -15.09 -47.59 23.83
C CYS D 642 -14.12 -48.02 22.71
N CYS D 643 -14.62 -48.60 21.62
CA CYS D 643 -13.78 -49.08 20.51
C CYS D 643 -12.92 -47.97 19.90
N LEU D 644 -13.43 -46.75 19.81
CA LEU D 644 -12.70 -45.59 19.29
C LEU D 644 -11.55 -45.21 20.22
N GLU D 645 -11.71 -45.30 21.54
CA GLU D 645 -10.63 -45.02 22.47
C GLU D 645 -9.54 -46.09 22.42
N GLU D 646 -9.90 -47.37 22.30
CA GLU D 646 -8.88 -48.41 22.21
C GLU D 646 -8.07 -48.25 20.90
N LYS D 647 -8.71 -47.90 19.78
CA LYS D 647 -7.98 -47.73 18.52
C LYS D 647 -7.02 -46.55 18.60
N VAL D 648 -7.42 -45.42 19.18
CA VAL D 648 -6.57 -44.24 19.37
C VAL D 648 -5.38 -44.57 20.28
N CYS D 649 -5.61 -45.25 21.41
CA CYS D 649 -4.53 -45.65 22.30
C CYS D 649 -3.49 -46.54 21.61
N SER D 650 -3.93 -47.51 20.80
CA SER D 650 -3.03 -48.43 20.09
C SER D 650 -2.15 -47.73 19.05
N LEU D 651 -2.49 -46.51 18.66
CA LEU D 651 -1.76 -45.72 17.67
C LEU D 651 -0.80 -44.71 18.32
N LEU D 652 -1.18 -44.14 19.47
CA LEU D 652 -0.41 -43.09 20.15
C LEU D 652 0.40 -43.58 21.35
N GLU D 653 -0.11 -44.51 22.17
CA GLU D 653 0.63 -44.96 23.36
C GLU D 653 1.97 -45.63 23.05
N PRO D 654 2.18 -46.36 21.94
CA PRO D 654 3.49 -46.89 21.58
C PRO D 654 4.59 -45.85 21.39
N LEU D 655 4.25 -44.56 21.25
CA LEU D 655 5.21 -43.48 21.09
C LEU D 655 5.65 -42.85 22.43
N GLY D 656 5.11 -43.34 23.55
CA GLY D 656 5.32 -42.79 24.90
C GLY D 656 4.28 -41.72 25.31
N LEU D 657 3.32 -41.41 24.44
CA LEU D 657 2.30 -40.39 24.69
C LEU D 657 1.18 -40.94 25.60
N GLN D 658 0.83 -40.18 26.63
CA GLN D 658 -0.17 -40.52 27.65
C GLN D 658 -1.53 -39.93 27.24
N CYS D 659 -2.52 -40.77 26.99
CA CYS D 659 -3.82 -40.34 26.45
C CYS D 659 -4.89 -40.27 27.54
N THR D 660 -5.55 -39.12 27.69
CA THR D 660 -6.74 -39.02 28.56
C THR D 660 -7.92 -38.44 27.80
N PHE D 661 -9.10 -39.03 27.97
CA PHE D 661 -10.29 -38.67 27.22
C PHE D 661 -11.20 -37.79 28.07
N ILE D 662 -11.42 -36.55 27.64
CA ILE D 662 -12.07 -35.48 28.39
C ILE D 662 -13.55 -35.37 28.00
N ASN D 663 -14.44 -35.45 28.99
CA ASN D 663 -15.88 -35.27 28.78
C ASN D 663 -16.23 -33.82 28.42
N ASP D 664 -17.05 -33.63 27.38
CA ASP D 664 -17.53 -32.31 26.93
C ASP D 664 -16.40 -31.27 26.72
N PHE D 665 -15.33 -31.68 26.04
CA PHE D 665 -14.14 -30.87 25.77
C PHE D 665 -14.48 -29.48 25.17
N PHE D 666 -15.38 -29.44 24.19
CA PHE D 666 -15.79 -28.23 23.47
C PHE D 666 -17.01 -27.56 24.12
N GLY D 678 -11.84 -20.25 24.70
CA GLY D 678 -11.04 -19.39 25.55
C GLY D 678 -9.84 -20.08 26.23
N THR D 679 -9.22 -21.06 25.57
CA THR D 679 -8.03 -21.80 26.05
C THR D 679 -6.81 -21.48 25.17
N ASN D 680 -5.68 -21.10 25.79
CA ASN D 680 -4.43 -20.76 25.10
C ASN D 680 -3.24 -21.38 25.84
N VAL D 681 -2.23 -21.88 25.12
CA VAL D 681 -1.02 -22.46 25.72
C VAL D 681 0.22 -21.79 25.17
N ARG D 682 1.12 -21.30 26.04
CA ARG D 682 2.39 -20.69 25.61
C ARG D 682 3.48 -21.75 25.64
N ARG D 683 4.21 -21.92 24.54
CA ARG D 683 5.30 -22.89 24.42
C ARG D 683 6.66 -22.20 24.51
N LYS D 684 7.67 -22.96 24.89
CA LYS D 684 9.08 -22.55 24.94
C LYS D 684 9.57 -22.11 23.56
N PRO D 685 10.21 -20.94 23.39
CA PRO D 685 10.80 -20.51 22.12
C PRO D 685 11.83 -21.49 21.56
N PHE D 686 12.09 -21.48 20.25
CA PHE D 686 13.10 -22.39 19.68
C PHE D 686 14.50 -22.11 20.19
N SER D 687 15.30 -23.17 20.41
CA SER D 687 16.71 -23.06 20.73
C SER D 687 17.53 -22.52 19.56
N PHE D 688 17.08 -22.73 18.32
CA PHE D 688 17.70 -22.18 17.11
C PHE D 688 17.45 -20.67 16.97
N LYS D 689 18.48 -19.89 16.60
CA LYS D 689 18.35 -18.44 16.40
C LYS D 689 17.94 -18.10 14.96
N TRP D 690 16.81 -17.42 14.76
CA TRP D 690 16.21 -17.22 13.43
C TRP D 690 17.13 -16.50 12.43
N TRP D 691 18.04 -15.65 12.87
CA TRP D 691 18.98 -14.94 11.99
C TRP D 691 20.07 -15.84 11.41
N ASN D 692 20.21 -17.09 11.88
CA ASN D 692 21.14 -18.06 11.29
C ASN D 692 20.49 -18.90 10.16
N MET D 693 19.21 -18.69 9.85
CA MET D 693 18.56 -19.33 8.72
C MET D 693 18.84 -18.57 7.42
N VAL D 694 18.80 -19.23 6.27
CA VAL D 694 18.92 -18.56 4.95
C VAL D 694 17.65 -18.85 4.14
N PRO D 695 16.61 -18.00 4.26
CA PRO D 695 15.36 -18.12 3.53
C PRO D 695 15.51 -18.16 2.01
N GLU E 1 24.95 43.98 12.98
CA GLU E 1 24.97 43.49 14.36
C GLU E 1 23.74 42.62 14.68
N VAL E 2 23.85 41.72 15.66
CA VAL E 2 22.78 40.80 16.05
C VAL E 2 21.91 41.37 17.17
N GLN E 3 20.59 41.31 17.02
CA GLN E 3 19.62 41.79 17.99
C GLN E 3 18.40 40.87 18.09
N LEU E 4 17.92 40.62 19.30
CA LEU E 4 16.70 39.85 19.60
C LEU E 4 15.72 40.75 20.35
N VAL E 5 14.49 40.89 19.86
CA VAL E 5 13.47 41.73 20.49
C VAL E 5 12.23 40.92 20.81
N GLU E 6 11.99 40.69 22.10
CA GLU E 6 10.81 39.97 22.59
C GLU E 6 9.56 40.86 22.64
N SER E 7 8.39 40.26 22.46
CA SER E 7 7.08 40.89 22.62
C SER E 7 6.02 39.85 22.98
N GLY E 8 4.76 40.27 23.14
CA GLY E 8 3.64 39.40 23.46
C GLY E 8 3.35 39.23 24.97
N GLY E 9 4.08 39.93 25.84
CA GLY E 9 3.88 39.85 27.29
C GLY E 9 2.65 40.61 27.77
N GLY E 10 2.46 40.62 29.09
CA GLY E 10 1.33 41.26 29.75
C GLY E 10 0.73 40.42 30.88
N LEU E 11 -0.49 40.78 31.27
CA LEU E 11 -1.24 40.23 32.39
C LEU E 11 -2.34 39.28 31.89
N VAL E 12 -2.41 38.06 32.42
CA VAL E 12 -3.48 37.09 32.09
C VAL E 12 -4.10 36.44 33.32
N GLN E 13 -5.26 35.80 33.12
CA GLN E 13 -6.01 35.08 34.16
C GLN E 13 -5.50 33.62 34.30
N PRO E 14 -5.52 33.04 35.52
CA PRO E 14 -5.22 31.62 35.72
C PRO E 14 -6.12 30.73 34.85
N GLY E 15 -5.53 29.71 34.22
CA GLY E 15 -6.20 28.82 33.29
C GLY E 15 -6.22 29.30 31.83
N GLY E 16 -5.78 30.53 31.55
CA GLY E 16 -5.78 31.11 30.20
C GLY E 16 -4.55 30.78 29.37
N SER E 17 -4.40 31.48 28.25
CA SER E 17 -3.31 31.31 27.28
C SER E 17 -2.70 32.66 26.87
N LEU E 18 -1.48 32.61 26.34
CA LEU E 18 -0.71 33.77 25.91
C LEU E 18 0.35 33.33 24.91
N ARG E 19 0.59 34.07 23.83
CA ARG E 19 1.66 33.78 22.85
C ARG E 19 2.74 34.85 22.88
N LEU E 20 3.99 34.44 23.06
CA LEU E 20 5.15 35.31 22.94
C LEU E 20 5.75 35.21 21.54
N SER E 21 6.43 36.26 21.12
CA SER E 21 7.18 36.33 19.87
C SER E 21 8.53 36.98 20.12
N CYS E 22 9.52 36.71 19.28
CA CYS E 22 10.81 37.37 19.30
C CYS E 22 11.35 37.55 17.89
N ALA E 23 11.45 38.79 17.43
CA ALA E 23 11.94 39.10 16.10
C ALA E 23 13.47 39.15 16.09
N ALA E 24 14.09 38.49 15.11
CA ALA E 24 15.53 38.45 14.95
C ALA E 24 16.03 39.44 13.89
N SER E 25 17.18 40.06 14.13
CA SER E 25 17.87 40.91 13.16
C SER E 25 19.38 40.65 13.20
N GLY E 26 20.05 40.67 12.04
CA GLY E 26 21.49 40.40 11.91
C GLY E 26 21.86 38.96 11.55
N PHE E 27 20.93 38.02 11.59
CA PHE E 27 21.13 36.61 11.24
C PHE E 27 19.83 35.97 10.77
N ASN E 28 19.92 34.83 10.07
CA ASN E 28 18.76 34.05 9.63
C ASN E 28 18.46 32.93 10.62
N VAL E 29 17.31 32.99 11.31
CA VAL E 29 16.95 32.01 12.35
C VAL E 29 16.95 30.56 11.89
N SER E 30 16.87 30.27 10.59
CA SER E 30 16.88 28.88 10.11
C SER E 30 18.21 28.18 10.35
N TYR E 31 19.28 28.89 10.67
CA TYR E 31 20.58 28.27 10.91
C TYR E 31 20.99 28.21 12.38
N TYR E 32 20.11 28.58 13.32
CA TYR E 32 20.39 28.61 14.77
C TYR E 32 19.30 27.88 15.56
N SER E 33 19.64 27.38 16.74
CA SER E 33 18.64 26.85 17.67
C SER E 33 18.18 27.99 18.57
N ILE E 34 16.88 28.12 18.80
CA ILE E 34 16.31 29.20 19.61
C ILE E 34 15.78 28.63 20.91
N HIS E 35 16.15 29.22 22.04
CA HIS E 35 15.79 28.80 23.39
C HIS E 35 14.95 29.86 24.08
N TRP E 36 14.09 29.43 25.01
CA TRP E 36 13.42 30.32 25.96
C TRP E 36 13.83 29.96 27.38
N VAL E 37 14.16 30.97 28.20
CA VAL E 37 14.59 30.80 29.59
C VAL E 37 13.73 31.69 30.47
N ARG E 38 13.20 31.14 31.55
CA ARG E 38 12.30 31.80 32.49
C ARG E 38 13.00 32.15 33.79
N GLN E 39 12.71 33.32 34.35
CA GLN E 39 13.20 33.73 35.66
C GLN E 39 12.08 34.36 36.49
N ALA E 40 11.59 33.65 37.49
CA ALA E 40 10.55 34.16 38.37
C ALA E 40 11.10 35.27 39.28
N PRO E 41 10.30 36.24 39.75
CA PRO E 41 10.81 37.30 40.62
C PRO E 41 11.52 36.76 41.86
N GLY E 42 12.75 37.20 42.09
CA GLY E 42 13.58 36.75 43.22
C GLY E 42 14.24 35.38 43.07
N LYS E 43 14.07 34.70 41.93
CA LYS E 43 14.58 33.34 41.66
C LYS E 43 15.65 33.32 40.56
N GLY E 44 16.23 32.15 40.30
CA GLY E 44 17.24 31.96 39.25
C GLY E 44 16.68 31.62 37.88
N LEU E 45 17.52 31.11 36.98
CA LEU E 45 17.13 30.79 35.60
C LEU E 45 16.58 29.36 35.49
N GLU E 46 15.50 29.20 34.74
CA GLU E 46 14.88 27.90 34.43
C GLU E 46 14.80 27.75 32.92
N TRP E 47 15.35 26.68 32.34
CA TRP E 47 15.23 26.41 30.91
C TRP E 47 13.79 25.97 30.59
N VAL E 48 13.16 26.53 29.55
CA VAL E 48 11.75 26.26 29.23
C VAL E 48 11.61 25.33 28.03
N ALA E 49 12.12 25.75 26.88
CA ALA E 49 11.91 25.06 25.62
C ALA E 49 12.96 25.45 24.58
N SER E 50 13.14 24.63 23.56
CA SER E 50 14.01 24.92 22.42
C SER E 50 13.45 24.38 21.12
N ILE E 51 13.79 25.03 20.01
CA ILE E 51 13.42 24.66 18.65
C ILE E 51 14.63 24.78 17.74
N SER E 52 14.75 23.89 16.77
CA SER E 52 15.80 23.97 15.75
C SER E 52 15.17 23.97 14.36
N PRO E 53 14.78 25.12 13.78
CA PRO E 53 14.00 25.14 12.54
C PRO E 53 14.62 24.36 11.38
N TYR E 54 15.95 24.26 11.33
CA TYR E 54 16.63 23.48 10.29
C TYR E 54 16.29 21.99 10.31
N TYR E 55 16.07 21.40 11.50
CA TYR E 55 15.74 19.97 11.63
C TYR E 55 14.26 19.72 11.98
N GLY E 56 13.56 20.73 12.48
CA GLY E 56 12.14 20.68 12.83
C GLY E 56 11.83 20.16 14.23
N SER E 57 12.84 19.84 15.03
CA SER E 57 12.68 19.29 16.38
C SER E 57 12.30 20.35 17.41
N THR E 58 11.59 19.93 18.45
CA THR E 58 11.29 20.75 19.63
C THR E 58 11.53 19.97 20.91
N TYR E 59 11.92 20.64 21.98
CA TYR E 59 12.07 20.06 23.32
C TYR E 59 11.49 20.97 24.39
N TYR E 60 10.96 20.40 25.47
CA TYR E 60 10.33 21.14 26.56
C TYR E 60 10.81 20.66 27.93
N ALA E 61 10.87 21.55 28.90
CA ALA E 61 11.12 21.18 30.30
C ALA E 61 9.93 20.44 30.91
N ASP E 62 10.19 19.53 31.85
CA ASP E 62 9.13 18.75 32.51
C ASP E 62 8.03 19.62 33.13
N SER E 63 8.38 20.81 33.61
CA SER E 63 7.43 21.73 34.26
C SER E 63 6.40 22.32 33.29
N VAL E 64 6.61 22.25 31.97
CA VAL E 64 5.69 22.79 30.94
C VAL E 64 5.27 21.78 29.88
N LYS E 65 5.79 20.55 29.90
CA LYS E 65 5.42 19.49 28.94
C LYS E 65 3.91 19.29 28.95
N GLY E 66 3.32 19.30 27.77
CA GLY E 66 1.88 19.17 27.55
C GLY E 66 1.11 20.49 27.59
N ARG E 67 1.72 21.62 27.97
CA ARG E 67 1.04 22.92 28.01
C ARG E 67 1.64 23.89 27.00
N PHE E 68 2.97 23.99 26.99
CA PHE E 68 3.72 24.89 26.13
C PHE E 68 3.96 24.29 24.74
N THR E 69 3.89 25.12 23.70
CA THR E 69 4.26 24.75 22.32
C THR E 69 5.18 25.80 21.73
N ILE E 70 6.30 25.41 21.14
CA ILE E 70 7.28 26.30 20.53
C ILE E 70 7.27 26.14 19.00
N SER E 71 7.41 27.23 18.27
CA SER E 71 7.41 27.23 16.80
C SER E 71 8.23 28.40 16.25
N ALA E 72 8.47 28.42 14.94
CA ALA E 72 9.22 29.48 14.27
C ALA E 72 8.79 29.69 12.83
N ASP E 73 8.93 30.92 12.33
CA ASP E 73 8.64 31.30 10.94
C ASP E 73 9.92 31.83 10.28
N THR E 74 10.47 31.05 9.35
CA THR E 74 11.73 31.37 8.66
C THR E 74 11.56 32.44 7.57
N SER E 75 10.32 32.80 7.19
CA SER E 75 10.05 33.87 6.23
C SER E 75 9.94 35.21 6.93
N LYS E 76 9.50 35.21 8.19
CA LYS E 76 9.40 36.40 9.06
C LYS E 76 10.59 36.57 10.01
N ASN E 77 11.56 35.65 9.99
CA ASN E 77 12.74 35.68 10.86
C ASN E 77 12.37 35.82 12.34
N THR E 78 11.28 35.18 12.75
CA THR E 78 10.68 35.34 14.08
C THR E 78 10.40 34.00 14.74
N ALA E 79 10.68 33.90 16.04
CA ALA E 79 10.34 32.74 16.86
C ALA E 79 9.10 33.03 17.73
N TYR E 80 8.36 31.98 18.09
CA TYR E 80 7.13 32.07 18.87
C TYR E 80 7.11 31.05 20.00
N LEU E 81 6.41 31.36 21.09
CA LEU E 81 6.14 30.41 22.18
C LEU E 81 4.70 30.57 22.65
N GLN E 82 3.89 29.52 22.49
CA GLN E 82 2.48 29.51 22.80
C GLN E 82 2.29 28.85 24.16
N MET E 83 1.71 29.58 25.11
CA MET E 83 1.41 29.09 26.46
C MET E 83 -0.08 28.77 26.58
N ASN E 84 -0.40 27.73 27.32
CA ASN E 84 -1.77 27.28 27.60
C ASN E 84 -1.86 26.85 29.07
N SER E 85 -3.05 26.90 29.66
CA SER E 85 -3.28 26.47 31.05
C SER E 85 -2.29 27.07 32.04
N LEU E 86 -2.06 28.37 31.97
CA LEU E 86 -1.11 29.06 32.86
C LEU E 86 -1.62 29.09 34.31
N ARG E 87 -0.71 28.94 35.27
CA ARG E 87 -0.97 28.96 36.70
C ARG E 87 -0.14 30.05 37.35
N ALA E 88 -0.43 30.45 38.59
CA ALA E 88 0.29 31.54 39.25
C ALA E 88 1.81 31.34 39.29
N GLU E 89 2.27 30.09 39.40
CA GLU E 89 3.68 29.68 39.39
C GLU E 89 4.41 29.99 38.08
N ASP E 90 3.70 30.30 36.99
CA ASP E 90 4.31 30.59 35.70
C ASP E 90 4.67 32.08 35.54
N THR E 91 4.42 32.93 36.55
CA THR E 91 4.78 34.35 36.54
C THR E 91 6.28 34.55 36.58
N ALA E 92 6.84 35.22 35.58
CA ALA E 92 8.29 35.35 35.43
C ALA E 92 8.65 36.25 34.25
N VAL E 93 9.92 36.65 34.14
CA VAL E 93 10.39 37.26 32.89
C VAL E 93 10.89 36.16 31.98
N TYR E 94 10.45 36.13 30.72
CA TYR E 94 10.80 35.15 29.71
C TYR E 94 11.79 35.79 28.74
N TYR E 95 12.98 35.21 28.64
CA TYR E 95 14.05 35.66 27.75
C TYR E 95 14.13 34.75 26.53
N CYS E 96 14.40 35.32 25.37
CA CYS E 96 14.70 34.57 24.15
C CYS E 96 16.20 34.66 23.86
N ALA E 97 16.86 33.54 23.57
CA ALA E 97 18.29 33.50 23.31
C ALA E 97 18.65 32.61 22.13
N ARG E 98 19.73 32.95 21.43
CA ARG E 98 20.25 32.25 20.26
C ARG E 98 21.32 31.23 20.65
N HIS E 99 21.25 30.00 20.14
CA HIS E 99 22.28 28.98 20.36
C HIS E 99 23.01 28.62 19.05
N PRO E 100 24.21 29.15 18.78
CA PRO E 100 24.94 28.89 17.53
C PRO E 100 25.63 27.53 17.53
N TYR E 101 24.86 26.44 17.54
CA TYR E 101 25.41 25.09 17.60
C TYR E 101 26.39 24.75 16.48
N ARG E 102 26.34 25.47 15.35
CA ARG E 102 27.26 25.29 14.22
C ARG E 102 28.72 25.65 14.55
N LYS E 103 28.95 26.38 15.66
CA LYS E 103 30.27 26.79 16.16
C LYS E 103 30.88 25.79 17.15
N GLY E 104 30.16 24.71 17.48
CA GLY E 104 30.65 23.64 18.35
C GLY E 104 30.44 23.80 19.86
N TYR E 105 29.93 24.94 20.34
CA TYR E 105 29.73 25.18 21.77
C TYR E 105 28.27 25.14 22.19
N SER E 106 27.98 24.83 23.47
CA SER E 106 26.62 24.79 23.99
C SER E 106 26.11 26.12 24.57
N GLY E 107 26.98 27.05 24.95
CA GLY E 107 26.56 28.35 25.51
C GLY E 107 25.71 29.20 24.58
N LEU E 108 24.86 30.05 25.16
CA LEU E 108 23.93 30.95 24.49
C LEU E 108 24.55 32.34 24.36
N ASP E 109 24.88 32.79 23.15
CA ASP E 109 25.65 34.03 22.98
C ASP E 109 24.83 35.32 23.07
N TYR E 110 23.85 35.52 22.18
CA TYR E 110 23.00 36.71 22.16
C TYR E 110 21.67 36.43 22.84
N TRP E 111 21.29 37.33 23.74
CA TRP E 111 20.04 37.30 24.47
C TRP E 111 19.27 38.58 24.18
N GLY E 112 17.94 38.51 24.24
CA GLY E 112 17.10 39.69 24.16
C GLY E 112 16.99 40.42 25.50
N GLN E 113 16.04 41.35 25.59
CA GLN E 113 15.84 42.20 26.78
C GLN E 113 14.88 41.56 27.80
N GLY E 114 14.00 40.66 27.38
CA GLY E 114 13.06 39.92 28.22
C GLY E 114 11.69 40.60 28.28
N THR E 115 10.63 39.79 28.34
CA THR E 115 9.25 40.28 28.47
C THR E 115 8.51 39.60 29.63
N LEU E 116 7.86 40.40 30.47
CA LEU E 116 7.24 39.93 31.70
C LEU E 116 5.86 39.35 31.41
N VAL E 117 5.60 38.14 31.90
CA VAL E 117 4.29 37.50 31.85
C VAL E 117 3.78 37.31 33.27
N THR E 118 2.63 37.90 33.60
CA THR E 118 2.02 37.82 34.93
C THR E 118 0.71 37.06 34.88
N VAL E 119 0.55 36.06 35.74
CA VAL E 119 -0.65 35.24 35.85
C VAL E 119 -1.30 35.50 37.20
N SER E 120 -2.45 36.18 37.20
CA SER E 120 -3.12 36.56 38.46
C SER E 120 -4.59 36.90 38.23
N SER E 121 -5.43 36.56 39.22
CA SER E 121 -6.85 36.97 39.26
C SER E 121 -7.07 38.40 39.77
N ALA E 122 -6.02 39.07 40.27
CA ALA E 122 -6.10 40.42 40.81
C ALA E 122 -6.49 41.44 39.75
N SER E 123 -7.37 42.37 40.09
CA SER E 123 -7.78 43.49 39.25
C SER E 123 -6.80 44.67 39.37
N THR E 124 -6.87 45.61 38.43
CA THR E 124 -6.10 46.87 38.54
C THR E 124 -6.64 47.65 39.74
N LYS E 125 -5.77 48.08 40.66
CA LYS E 125 -6.16 48.77 41.90
C LYS E 125 -5.10 49.74 42.41
N GLY E 126 -5.52 50.98 42.68
CA GLY E 126 -4.68 52.02 43.27
C GLY E 126 -4.24 51.77 44.72
N PRO E 127 -3.05 52.22 45.12
CA PRO E 127 -2.49 52.01 46.47
C PRO E 127 -3.23 52.78 47.55
N SER E 128 -3.25 52.22 48.74
CA SER E 128 -3.73 52.90 49.92
C SER E 128 -2.48 53.28 50.71
N VAL E 129 -2.26 54.57 50.91
CA VAL E 129 -1.03 55.05 51.55
C VAL E 129 -1.36 55.41 52.98
N PHE E 130 -0.50 54.97 53.90
CA PHE E 130 -0.66 55.19 55.32
C PHE E 130 0.63 55.75 55.93
N PRO E 131 0.58 56.90 56.58
CA PRO E 131 1.81 57.49 57.08
C PRO E 131 2.31 56.73 58.29
N LEU E 132 3.62 56.72 58.43
CA LEU E 132 4.24 56.23 59.62
C LEU E 132 4.86 57.45 60.28
N ALA E 133 4.09 58.07 61.17
CA ALA E 133 4.51 59.31 61.76
C ALA E 133 5.68 59.04 62.67
N PRO E 134 6.65 59.97 62.70
CA PRO E 134 7.77 59.89 63.65
C PRO E 134 7.33 60.15 65.09
N SER E 135 7.97 59.47 66.03
CA SER E 135 7.67 59.61 67.46
C SER E 135 8.87 59.09 68.25
N SER E 136 8.75 59.09 69.59
CA SER E 136 9.79 58.53 70.49
C SER E 136 10.04 57.01 70.28
N LYS E 137 9.13 56.34 69.57
CA LYS E 137 9.24 54.91 69.28
C LYS E 137 10.13 54.63 68.06
N SER E 138 10.40 55.68 67.28
CA SER E 138 11.29 55.58 66.13
C SER E 138 12.52 56.47 66.25
N THR E 139 12.83 56.91 67.47
CA THR E 139 14.00 57.78 67.70
C THR E 139 15.19 57.03 68.29
N SER E 140 16.37 57.22 67.69
CA SER E 140 17.61 56.61 68.16
C SER E 140 18.77 57.57 67.92
N GLY E 141 19.47 57.90 68.99
CA GLY E 141 20.57 58.86 68.90
C GLY E 141 20.00 60.23 68.54
N GLY E 142 20.52 60.83 67.48
CA GLY E 142 20.07 62.16 67.11
C GLY E 142 19.09 62.16 65.96
N THR E 143 18.65 60.97 65.55
CA THR E 143 17.76 60.82 64.42
C THR E 143 16.44 60.10 64.67
N ALA E 144 15.51 60.27 63.73
CA ALA E 144 14.24 59.60 63.82
C ALA E 144 13.85 58.97 62.49
N ALA E 145 13.20 57.82 62.56
CA ALA E 145 12.80 57.14 61.35
C ALA E 145 11.36 57.46 61.16
N LEU E 146 10.99 57.65 59.90
CA LEU E 146 9.61 57.81 59.51
C LEU E 146 9.48 57.26 58.09
N GLY E 147 8.23 57.07 57.64
CA GLY E 147 8.01 56.56 56.31
C GLY E 147 6.54 56.50 55.96
N CYS E 148 6.28 55.81 54.86
CA CYS E 148 4.93 55.58 54.35
C CYS E 148 4.79 54.11 54.01
N LEU E 149 3.60 53.59 54.23
CA LEU E 149 3.24 52.29 53.73
C LEU E 149 2.45 52.54 52.44
N VAL E 150 2.69 51.70 51.47
CA VAL E 150 1.95 51.81 50.25
C VAL E 150 1.45 50.42 50.06
N LYS E 151 0.21 50.20 50.47
CA LYS E 151 -0.32 48.84 50.59
C LYS E 151 -1.48 48.62 49.64
N ASP E 152 -1.70 47.35 49.31
CA ASP E 152 -2.83 46.90 48.51
C ASP E 152 -2.96 47.50 47.11
N TYR E 153 -1.89 47.32 46.32
CA TYR E 153 -1.92 47.77 44.93
C TYR E 153 -1.61 46.66 43.96
N PHE E 154 -2.07 46.87 42.72
CA PHE E 154 -1.83 45.98 41.60
C PHE E 154 -2.09 46.71 40.26
N PRO E 155 -1.29 46.44 39.20
CA PRO E 155 -0.03 45.67 39.20
C PRO E 155 1.19 46.52 39.59
N GLU E 156 2.39 45.91 39.57
CA GLU E 156 3.67 46.60 39.70
C GLU E 156 3.81 47.52 38.46
N PRO E 157 4.72 48.49 38.42
CA PRO E 157 5.50 48.98 39.56
C PRO E 157 4.82 50.19 40.26
N VAL E 158 5.34 50.54 41.43
CA VAL E 158 4.95 51.81 42.02
C VAL E 158 6.24 52.62 42.23
N THR E 159 6.22 53.88 41.84
CA THR E 159 7.38 54.71 42.01
C THR E 159 7.10 55.63 43.21
N VAL E 160 8.04 55.69 44.15
CA VAL E 160 7.83 56.52 45.36
C VAL E 160 8.98 57.48 45.54
N SER E 161 8.68 58.75 45.79
CA SER E 161 9.74 59.72 46.10
C SER E 161 9.24 60.66 47.19
N TRP E 162 10.18 61.38 47.82
CA TRP E 162 9.84 62.29 48.90
C TRP E 162 10.04 63.71 48.50
N ASN E 163 9.08 64.58 48.84
CA ASN E 163 9.21 65.99 48.52
C ASN E 163 9.52 66.17 47.06
N SER E 164 8.83 65.38 46.24
CA SER E 164 8.99 65.38 44.80
C SER E 164 10.44 65.21 44.35
N GLY E 165 11.21 64.40 45.04
CA GLY E 165 12.60 64.16 44.65
C GLY E 165 13.62 65.03 45.38
N ALA E 166 13.15 66.04 46.12
CA ALA E 166 14.02 66.94 46.85
C ALA E 166 14.72 66.20 47.96
N LEU E 167 14.02 65.23 48.57
CA LEU E 167 14.56 64.44 49.65
C LEU E 167 14.94 63.03 49.20
N THR E 168 16.24 62.81 49.03
CA THR E 168 16.72 61.51 48.64
C THR E 168 17.71 60.95 49.66
N SER E 169 18.28 61.80 50.50
CA SER E 169 19.26 61.33 51.48
C SER E 169 18.62 60.63 52.67
N GLY E 170 19.09 59.41 52.90
CA GLY E 170 18.59 58.65 54.00
C GLY E 170 17.32 57.95 53.58
N VAL E 171 16.96 58.01 52.28
CA VAL E 171 15.73 57.37 51.80
C VAL E 171 15.98 55.98 51.24
N HIS E 172 15.18 55.03 51.68
CA HIS E 172 15.28 53.66 51.28
C HIS E 172 13.90 53.23 50.90
N THR E 173 13.73 52.79 49.67
CA THR E 173 12.43 52.34 49.22
C THR E 173 12.65 50.87 49.04
N PHE E 174 11.74 50.06 49.58
CA PHE E 174 11.96 48.61 49.53
C PHE E 174 11.27 47.98 48.35
N PRO E 175 11.78 46.86 47.85
CA PRO E 175 11.04 46.07 46.85
C PRO E 175 9.75 45.66 47.49
N ALA E 176 8.68 45.54 46.71
CA ALA E 176 7.38 45.15 47.24
C ALA E 176 7.25 43.65 47.51
N VAL E 177 6.38 43.28 48.44
CA VAL E 177 6.14 41.86 48.65
C VAL E 177 4.72 41.52 48.27
N LEU E 178 4.61 40.43 47.52
CA LEU E 178 3.34 39.92 47.04
C LEU E 178 2.58 39.40 48.27
N GLN E 179 1.34 39.83 48.45
CA GLN E 179 0.59 39.34 49.58
C GLN E 179 -0.27 38.17 49.13
N SER E 180 -0.75 37.39 50.09
CA SER E 180 -1.56 36.23 49.77
C SER E 180 -2.88 36.68 49.13
N SER E 181 -3.21 37.96 49.28
CA SER E 181 -4.44 38.49 48.68
C SER E 181 -4.33 38.64 47.14
N GLY E 182 -3.14 38.57 46.57
CA GLY E 182 -2.89 38.84 45.15
C GLY E 182 -2.41 40.27 44.86
N LEU E 183 -2.45 41.17 45.84
CA LEU E 183 -1.96 42.54 45.73
C LEU E 183 -0.53 42.66 46.30
N TYR E 184 0.20 43.69 45.91
CA TYR E 184 1.53 44.03 46.39
C TYR E 184 1.50 45.10 47.48
N SER E 185 2.50 45.06 48.36
CA SER E 185 2.68 46.02 49.43
C SER E 185 4.16 46.36 49.56
N LEU E 186 4.48 47.65 49.59
CA LEU E 186 5.85 48.10 49.86
C LEU E 186 5.95 49.12 50.99
N SER E 187 7.16 49.33 51.48
CA SER E 187 7.38 50.38 52.45
C SER E 187 8.44 51.34 51.94
N SER E 188 8.38 52.61 52.33
CA SER E 188 9.44 53.53 51.95
C SER E 188 9.74 54.37 53.16
N VAL E 189 10.99 54.40 53.57
CA VAL E 189 11.31 55.04 54.83
C VAL E 189 12.47 55.98 54.66
N VAL E 190 12.53 56.96 55.57
CA VAL E 190 13.66 57.86 55.62
C VAL E 190 14.09 58.15 57.04
N THR E 191 15.41 58.26 57.22
CA THR E 191 15.99 58.64 58.51
C THR E 191 16.46 60.09 58.51
N VAL E 192 15.96 60.89 59.45
CA VAL E 192 16.27 62.31 59.46
C VAL E 192 16.74 62.78 60.82
N PRO E 193 17.46 63.90 60.88
CA PRO E 193 17.84 64.44 62.16
C PRO E 193 16.52 64.71 62.84
N SER E 194 16.42 64.38 64.13
CA SER E 194 15.18 64.58 64.87
C SER E 194 14.92 66.05 65.09
N SER E 195 15.97 66.87 64.95
CA SER E 195 15.91 68.31 65.16
C SER E 195 15.07 69.01 64.10
N SER E 196 14.85 68.29 63.01
CA SER E 196 14.06 68.71 61.86
C SER E 196 12.55 68.39 61.93
N LEU E 197 12.11 67.60 62.89
CA LEU E 197 10.69 67.18 62.92
C LEU E 197 9.72 68.35 63.17
N GLY E 198 8.69 68.43 62.32
CA GLY E 198 7.76 69.55 62.42
C GLY E 198 8.17 70.82 61.69
N THR E 199 9.39 70.83 61.12
CA THR E 199 9.93 72.01 60.40
C THR E 199 10.19 71.66 58.91
N GLN E 200 10.87 70.51 58.69
CA GLN E 200 11.19 69.97 57.36
C GLN E 200 9.97 69.26 56.81
N THR E 201 9.76 69.38 55.52
CA THR E 201 8.60 68.76 54.91
C THR E 201 8.86 67.25 54.67
N TYR E 202 7.91 66.42 55.07
CA TYR E 202 8.03 64.98 54.81
C TYR E 202 6.78 64.48 54.15
N ILE E 203 6.68 64.72 52.84
CA ILE E 203 5.52 64.31 52.07
C ILE E 203 5.99 63.24 51.14
N CYS E 204 5.36 62.08 51.17
CA CYS E 204 5.73 61.04 50.22
C CYS E 204 4.79 61.05 49.03
N ASN E 205 5.36 60.81 47.86
CA ASN E 205 4.63 60.97 46.61
C ASN E 205 4.60 59.62 46.05
N VAL E 206 3.41 59.05 45.96
CA VAL E 206 3.27 57.70 45.47
C VAL E 206 2.59 57.73 44.12
N ASN E 207 3.24 57.17 43.12
CA ASN E 207 2.73 57.20 41.78
C ASN E 207 2.46 55.77 41.24
N HIS E 208 1.20 55.42 41.01
CA HIS E 208 0.83 54.11 40.46
C HIS E 208 0.14 54.38 39.14
N LYS E 209 0.95 54.37 38.07
CA LYS E 209 0.51 54.75 36.75
C LYS E 209 -0.65 53.89 36.17
N PRO E 210 -0.67 52.55 36.33
CA PRO E 210 -1.74 51.71 35.77
C PRO E 210 -3.18 52.08 36.19
N SER E 211 -3.35 52.82 37.29
CA SER E 211 -4.68 53.27 37.78
C SER E 211 -4.82 54.79 37.79
N ASN E 212 -3.80 55.52 37.32
CA ASN E 212 -3.71 56.97 37.32
C ASN E 212 -3.90 57.56 38.72
N THR E 213 -3.26 56.94 39.70
CA THR E 213 -3.37 57.36 41.08
C THR E 213 -2.07 58.02 41.59
N LYS E 214 -2.21 59.21 42.16
CA LYS E 214 -1.08 59.95 42.73
C LYS E 214 -1.51 60.36 44.10
N VAL E 215 -0.74 59.97 45.11
CA VAL E 215 -1.09 60.27 46.48
C VAL E 215 0.03 61.08 47.12
N ASP E 216 -0.32 62.25 47.63
CA ASP E 216 0.66 63.07 48.33
C ASP E 216 0.29 62.99 49.80
N LYS E 217 1.11 62.29 50.59
CA LYS E 217 0.76 62.03 51.97
C LYS E 217 1.77 62.68 52.91
N LYS E 218 1.32 63.59 53.77
CA LYS E 218 2.23 64.24 54.70
C LYS E 218 2.42 63.37 55.94
N VAL E 219 3.67 63.15 56.31
CA VAL E 219 3.97 62.29 57.46
C VAL E 219 4.45 63.20 58.59
N GLU E 220 3.71 63.25 59.68
CA GLU E 220 4.08 64.11 60.82
C GLU E 220 3.48 63.58 62.12
N PRO E 221 4.07 63.91 63.27
CA PRO E 221 3.53 63.47 64.57
C PRO E 221 2.04 63.75 64.79
N ASP F 1 18.24 13.43 32.58
CA ASP F 1 17.87 14.40 33.61
C ASP F 1 18.90 14.44 34.75
N ILE F 2 20.11 14.93 34.45
CA ILE F 2 21.21 15.03 35.41
C ILE F 2 21.07 16.32 36.23
N GLN F 3 21.03 16.20 37.56
CA GLN F 3 20.84 17.32 38.49
C GLN F 3 22.18 17.95 38.89
N MET F 4 22.15 19.22 39.31
CA MET F 4 23.34 19.93 39.78
C MET F 4 23.08 20.88 40.96
N THR F 5 24.09 21.08 41.81
CA THR F 5 24.11 22.00 42.95
C THR F 5 25.20 23.05 42.78
N GLN F 6 24.90 24.34 42.87
CA GLN F 6 25.86 25.44 42.77
C GLN F 6 26.07 26.10 44.15
N SER F 7 27.31 26.41 44.52
CA SER F 7 27.68 26.98 45.82
C SER F 7 29.03 27.73 45.79
N PRO F 8 29.36 28.55 46.81
CA PRO F 8 28.51 29.06 47.88
C PRO F 8 27.38 29.98 47.39
N SER F 9 26.22 29.96 48.04
CA SER F 9 25.05 30.78 47.70
C SER F 9 25.27 32.30 47.89
N SER F 10 26.26 32.68 48.68
CA SER F 10 26.68 34.07 48.84
C SER F 10 28.18 34.14 49.08
N LEU F 11 28.86 34.96 48.30
CA LEU F 11 30.29 35.21 48.37
C LEU F 11 30.55 36.68 48.70
N SER F 12 31.67 36.98 49.37
CA SER F 12 32.08 38.37 49.61
C SER F 12 33.59 38.55 49.54
N ALA F 13 34.00 39.69 48.99
CA ALA F 13 35.39 40.09 48.82
C ALA F 13 35.47 41.61 48.62
N SER F 14 36.65 42.18 48.86
CA SER F 14 37.00 43.52 48.45
C SER F 14 37.57 43.52 47.03
N VAL F 15 37.67 44.71 46.44
CA VAL F 15 38.22 44.90 45.09
C VAL F 15 39.70 44.50 45.07
N GLY F 16 40.10 43.70 44.10
CA GLY F 16 41.47 43.19 43.97
C GLY F 16 41.70 41.76 44.48
N ASP F 17 40.74 41.15 45.17
CA ASP F 17 40.88 39.80 45.71
C ASP F 17 40.58 38.71 44.64
N ARG F 18 40.71 37.44 45.03
CA ARG F 18 40.48 36.25 44.19
C ARG F 18 39.38 35.40 44.80
N VAL F 19 38.34 35.13 44.03
CA VAL F 19 37.18 34.32 44.44
C VAL F 19 36.88 33.21 43.46
N THR F 20 36.27 32.13 43.95
CA THR F 20 35.86 31.00 43.12
C THR F 20 34.42 30.58 43.40
N ILE F 21 33.70 30.18 42.36
CA ILE F 21 32.34 29.65 42.45
C ILE F 21 32.37 28.24 41.86
N THR F 22 31.74 27.28 42.53
CA THR F 22 31.74 25.87 42.11
C THR F 22 30.35 25.32 41.92
N CYS F 23 30.22 24.26 41.13
CA CYS F 23 28.99 23.49 41.02
C CYS F 23 29.28 22.01 40.76
N ARG F 24 28.50 21.13 41.39
CA ARG F 24 28.63 19.68 41.32
C ARG F 24 27.49 19.11 40.51
N ALA F 25 27.80 18.31 39.49
CA ALA F 25 26.81 17.54 38.76
C ALA F 25 26.71 16.14 39.40
N SER F 26 25.53 15.52 39.42
CA SER F 26 25.38 14.15 39.92
C SER F 26 26.00 13.08 39.00
N GLN F 27 26.16 13.38 37.71
CA GLN F 27 26.73 12.51 36.67
C GLN F 27 27.61 13.36 35.73
N SER F 28 28.64 12.77 35.12
CA SER F 28 29.47 13.51 34.14
C SER F 28 28.69 13.89 32.88
N VAL F 29 29.01 15.07 32.32
CA VAL F 29 28.43 15.63 31.09
C VAL F 29 29.50 15.88 30.01
N SER F 30 30.67 15.24 30.12
CA SER F 30 31.77 15.35 29.15
C SER F 30 32.14 16.81 28.81
N SER F 31 32.32 17.64 29.84
CA SER F 31 32.70 19.07 29.73
C SER F 31 31.64 20.02 29.12
N ALA F 32 30.40 19.58 28.96
CA ALA F 32 29.31 20.39 28.41
C ALA F 32 28.73 21.37 29.45
N VAL F 33 29.46 22.45 29.76
CA VAL F 33 29.03 23.49 30.72
C VAL F 33 29.25 24.89 30.18
N ALA F 34 28.62 25.89 30.78
CA ALA F 34 28.79 27.30 30.46
C ALA F 34 28.56 28.16 31.71
N TRP F 35 29.06 29.38 31.71
CA TRP F 35 28.91 30.33 32.82
C TRP F 35 28.33 31.65 32.34
N TYR F 36 27.42 32.23 33.12
CA TYR F 36 26.78 33.51 32.84
C TYR F 36 26.88 34.46 34.03
N GLN F 37 26.86 35.75 33.76
CA GLN F 37 26.81 36.83 34.73
C GLN F 37 25.54 37.66 34.53
N GLN F 38 24.83 38.02 35.58
CA GLN F 38 23.62 38.85 35.50
C GLN F 38 23.65 39.99 36.53
N LYS F 39 23.26 41.18 36.09
CA LYS F 39 23.05 42.38 36.90
C LYS F 39 21.56 42.68 37.01
N PRO F 40 21.05 43.31 38.08
CA PRO F 40 19.63 43.59 38.22
C PRO F 40 19.08 44.34 37.01
N GLY F 41 17.97 43.86 36.46
CA GLY F 41 17.29 44.45 35.30
C GLY F 41 17.89 44.12 33.92
N LYS F 42 18.95 43.30 33.82
CA LYS F 42 19.60 42.94 32.55
C LYS F 42 19.46 41.46 32.25
N ALA F 43 19.50 41.10 30.98
CA ALA F 43 19.56 39.69 30.59
C ALA F 43 20.92 39.08 30.95
N PRO F 44 21.02 37.76 31.22
CA PRO F 44 22.29 37.11 31.47
C PRO F 44 23.28 37.29 30.32
N LYS F 45 24.56 37.50 30.65
CA LYS F 45 25.65 37.62 29.68
C LYS F 45 26.57 36.41 29.75
N LEU F 46 26.88 35.81 28.61
CA LEU F 46 27.72 34.61 28.51
C LEU F 46 29.19 34.95 28.75
N LEU F 47 29.87 34.21 29.64
CA LEU F 47 31.30 34.34 29.90
C LEU F 47 32.08 33.17 29.33
N ILE F 48 31.63 31.95 29.61
CA ILE F 48 32.29 30.71 29.23
C ILE F 48 31.29 29.85 28.47
N TYR F 49 31.65 29.36 27.27
CA TYR F 49 30.74 28.59 26.41
C TYR F 49 30.96 27.07 26.43
N SER F 50 32.01 26.62 27.08
CA SER F 50 32.37 25.22 27.27
C SER F 50 33.27 25.12 28.51
N ALA F 51 33.53 23.93 29.04
CA ALA F 51 34.42 23.86 30.19
C ALA F 51 35.72 24.66 29.87
N SER F 52 36.17 25.51 30.79
CA SER F 52 37.41 26.31 30.68
C SER F 52 37.44 27.44 29.64
N SER F 53 37.20 27.18 28.35
CA SER F 53 37.35 28.19 27.28
C SER F 53 36.49 29.46 27.41
N LEU F 54 37.10 30.64 27.27
CA LEU F 54 36.46 31.94 27.48
C LEU F 54 35.81 32.47 26.21
N TYR F 55 34.64 33.08 26.34
CA TYR F 55 33.92 33.69 25.24
C TYR F 55 34.62 34.98 24.76
N SER F 56 34.66 35.19 23.45
CA SER F 56 35.29 36.38 22.86
C SER F 56 34.71 37.67 23.43
N GLY F 57 35.58 38.64 23.73
CA GLY F 57 35.23 39.93 24.33
C GLY F 57 35.20 39.97 25.86
N VAL F 58 35.35 38.84 26.57
CA VAL F 58 35.34 38.85 28.04
C VAL F 58 36.74 39.16 28.61
N PRO F 59 36.85 40.01 29.65
CA PRO F 59 38.13 40.30 30.28
C PRO F 59 38.89 39.05 30.72
N SER F 60 40.21 39.07 30.63
CA SER F 60 41.06 37.92 31.00
C SER F 60 40.97 37.52 32.48
N ARG F 61 40.28 38.29 33.33
CA ARG F 61 40.08 37.98 34.76
C ARG F 61 39.32 36.67 35.01
N PHE F 62 38.53 36.23 34.02
CA PHE F 62 37.67 35.05 34.12
C PHE F 62 38.29 33.83 33.45
N SER F 63 38.29 32.70 34.13
CA SER F 63 38.66 31.40 33.56
C SER F 63 37.96 30.24 34.28
N GLY F 64 37.68 29.14 33.58
CA GLY F 64 36.99 27.98 34.16
C GLY F 64 37.87 26.73 34.28
N SER F 65 37.38 25.72 34.99
CA SER F 65 38.05 24.40 35.11
C SER F 65 37.09 23.27 35.48
N ARG F 66 37.57 22.03 35.36
CA ARG F 66 36.84 20.79 35.71
C ARG F 66 37.74 19.82 36.49
N SER F 67 37.18 19.18 37.51
CA SER F 67 37.78 18.03 38.20
C SER F 67 36.72 16.97 38.47
N GLY F 68 36.66 15.92 37.67
CA GLY F 68 35.56 14.95 37.71
C GLY F 68 34.24 15.63 37.33
N THR F 69 33.27 15.61 38.25
CA THR F 69 31.95 16.25 38.07
C THR F 69 31.84 17.64 38.70
N ASP F 70 32.91 18.15 39.31
CA ASP F 70 32.94 19.48 39.91
C ASP F 70 33.57 20.49 38.95
N PHE F 71 32.82 21.53 38.63
CA PHE F 71 33.21 22.63 37.75
C PHE F 71 33.39 23.90 38.57
N THR F 72 34.38 24.69 38.20
CA THR F 72 34.77 25.91 38.92
C THR F 72 34.97 27.08 37.97
N LEU F 73 34.60 28.26 38.42
CA LEU F 73 34.90 29.56 37.82
C LEU F 73 35.80 30.29 38.79
N THR F 74 36.91 30.82 38.28
CA THR F 74 37.87 31.62 39.03
C THR F 74 37.83 33.03 38.48
N ILE F 75 37.70 34.01 39.37
CA ILE F 75 37.72 35.43 39.04
C ILE F 75 38.91 36.08 39.75
N SER F 76 39.98 36.42 39.01
CA SER F 76 41.19 37.01 39.61
C SER F 76 41.10 38.53 39.57
N SER F 77 41.76 39.20 40.52
CA SER F 77 41.81 40.67 40.60
C SER F 77 40.41 41.29 40.48
N LEU F 78 39.46 40.83 41.30
CA LEU F 78 38.03 41.19 41.28
C LEU F 78 37.80 42.71 41.20
N GLN F 79 37.10 43.18 40.17
CA GLN F 79 36.84 44.60 39.92
C GLN F 79 35.40 44.99 40.31
N PRO F 80 35.11 46.28 40.57
CA PRO F 80 33.73 46.73 40.86
C PRO F 80 32.69 46.24 39.86
N GLU F 81 33.02 46.16 38.56
CA GLU F 81 32.07 45.66 37.56
C GLU F 81 31.79 44.14 37.63
N ASP F 82 32.55 43.38 38.41
CA ASP F 82 32.39 41.91 38.54
C ASP F 82 31.41 41.51 39.64
N PHE F 83 30.89 42.44 40.43
CA PHE F 83 29.95 42.14 41.53
C PHE F 83 28.53 42.00 40.98
N ALA F 84 28.08 40.76 40.83
CA ALA F 84 26.88 40.37 40.10
C ALA F 84 26.40 38.96 40.52
N THR F 85 25.24 38.52 40.07
CA THR F 85 24.82 37.13 40.28
C THR F 85 25.38 36.26 39.16
N TYR F 86 25.96 35.11 39.49
CA TYR F 86 26.51 34.17 38.50
C TYR F 86 25.68 32.90 38.46
N TYR F 87 25.55 32.30 37.28
CA TYR F 87 24.82 31.04 37.11
C TYR F 87 25.69 30.01 36.41
N CYS F 88 25.59 28.76 36.85
CA CYS F 88 26.20 27.65 36.14
C CYS F 88 25.15 26.98 35.26
N GLN F 89 25.47 26.77 33.99
CA GLN F 89 24.63 26.08 33.02
C GLN F 89 25.19 24.72 32.68
N GLN F 90 24.39 23.67 32.84
CA GLN F 90 24.73 22.33 32.40
C GLN F 90 24.00 22.01 31.11
N SER F 91 24.71 21.45 30.15
CA SER F 91 24.24 21.17 28.81
C SER F 91 24.62 19.73 28.46
N SER F 92 24.14 19.19 27.34
CA SER F 92 24.55 17.86 26.90
C SER F 92 24.32 17.68 25.40
N TYR F 93 24.20 16.44 24.95
CA TYR F 93 23.82 16.14 23.57
C TYR F 93 22.34 16.54 23.42
N LEU F 94 21.95 17.12 22.27
CA LEU F 94 20.65 17.77 22.03
C LEU F 94 20.46 19.10 22.80
N PRO F 95 19.67 20.06 22.28
CA PRO F 95 19.46 21.36 22.90
C PRO F 95 18.55 21.34 24.14
N LEU F 96 18.97 20.69 25.22
CA LEU F 96 18.24 20.67 26.49
C LEU F 96 19.19 21.07 27.62
N PHE F 97 18.95 22.22 28.25
CA PHE F 97 19.85 22.83 29.23
C PHE F 97 19.25 22.81 30.63
N THR F 98 20.08 22.70 31.66
CA THR F 98 19.66 22.79 33.07
C THR F 98 20.50 23.83 33.80
N PHE F 99 19.87 24.72 34.54
CA PHE F 99 20.57 25.77 35.28
C PHE F 99 20.71 25.42 36.77
N GLY F 100 21.79 25.87 37.40
CA GLY F 100 21.97 25.79 38.84
C GLY F 100 21.16 26.84 39.59
N GLN F 101 21.25 26.83 40.92
CA GLN F 101 20.49 27.73 41.80
C GLN F 101 20.95 29.19 41.72
N GLY F 102 22.24 29.40 41.42
CA GLY F 102 22.86 30.71 41.26
C GLY F 102 23.52 31.20 42.54
N THR F 103 24.55 32.03 42.41
CA THR F 103 25.32 32.56 43.54
C THR F 103 25.52 34.06 43.40
N LYS F 104 25.38 34.80 44.49
CA LYS F 104 25.56 36.25 44.49
C LYS F 104 26.92 36.62 45.08
N VAL F 105 27.68 37.49 44.42
CA VAL F 105 28.95 38.01 44.93
C VAL F 105 28.72 39.43 45.42
N GLU F 106 28.93 39.70 46.71
CA GLU F 106 28.73 41.04 47.30
C GLU F 106 30.04 41.66 47.80
N ILE F 107 29.98 42.89 48.33
CA ILE F 107 31.17 43.65 48.77
C ILE F 107 31.44 43.50 50.28
N LYS F 108 32.67 43.11 50.66
CA LYS F 108 33.15 42.94 52.05
C LYS F 108 33.35 44.29 52.76
N ARG F 109 32.87 44.42 54.01
CA ARG F 109 33.06 45.58 54.88
C ARG F 109 32.95 45.22 56.37
N THR F 110 33.25 46.17 57.26
CA THR F 110 33.14 46.01 58.73
C THR F 110 31.69 45.77 59.17
N VAL F 111 31.45 44.83 60.08
CA VAL F 111 30.12 44.48 60.62
C VAL F 111 29.44 45.69 61.28
N ALA F 112 28.18 45.96 60.94
CA ALA F 112 27.42 47.12 61.44
C ALA F 112 26.09 46.71 62.07
N ALA F 113 25.87 47.16 63.31
CA ALA F 113 24.72 46.90 64.15
C ALA F 113 23.58 47.60 63.46
N PRO F 114 22.42 46.97 63.39
CA PRO F 114 21.23 47.62 62.82
C PRO F 114 20.63 48.68 63.75
N SER F 115 20.03 49.69 63.15
CA SER F 115 19.20 50.63 63.88
C SER F 115 17.76 50.15 63.88
N VAL F 116 17.25 49.86 65.07
CA VAL F 116 15.96 49.19 65.22
C VAL F 116 14.90 50.21 65.59
N PHE F 117 13.83 50.27 64.78
CA PHE F 117 12.69 51.14 65.00
C PHE F 117 11.36 50.40 64.91
N ILE F 118 10.38 50.86 65.67
CA ILE F 118 9.07 50.28 65.66
C ILE F 118 8.03 51.42 65.49
N PHE F 119 6.96 51.12 64.75
CA PHE F 119 5.86 52.03 64.52
C PHE F 119 4.54 51.35 64.84
N PRO F 120 3.66 52.01 65.59
CA PRO F 120 2.30 51.50 65.73
C PRO F 120 1.50 51.77 64.46
N PRO F 121 0.42 51.03 64.27
CA PRO F 121 -0.56 51.34 63.23
C PRO F 121 -1.17 52.74 63.42
N SER F 122 -1.31 53.46 62.30
CA SER F 122 -1.87 54.79 62.32
C SER F 122 -3.41 54.70 62.36
N ASP F 123 -4.07 55.77 62.79
CA ASP F 123 -5.53 55.79 62.83
C ASP F 123 -6.19 55.61 61.46
N SER F 124 -5.54 56.13 60.41
CA SER F 124 -6.08 56.03 59.07
C SER F 124 -6.20 54.58 58.56
N GLN F 125 -5.30 53.71 59.01
CA GLN F 125 -5.35 52.32 58.61
C GLN F 125 -6.33 51.57 59.47
N LEU F 126 -6.32 51.86 60.78
CA LEU F 126 -7.19 51.18 61.74
C LEU F 126 -8.66 51.38 61.41
N LYS F 127 -9.02 52.59 60.98
CA LYS F 127 -10.38 52.88 60.52
C LYS F 127 -10.89 52.11 59.29
N SER F 128 -9.98 51.52 58.51
CA SER F 128 -10.33 50.73 57.33
C SER F 128 -10.45 49.21 57.64
N GLY F 129 -10.14 48.84 58.88
CA GLY F 129 -10.23 47.44 59.29
C GLY F 129 -8.96 46.61 59.24
N THR F 130 -7.83 47.28 59.04
CA THR F 130 -6.55 46.59 58.93
C THR F 130 -5.55 47.29 59.84
N ALA F 131 -4.42 46.64 60.10
CA ALA F 131 -3.36 47.26 60.87
C ALA F 131 -2.04 46.63 60.48
N SER F 132 -1.03 47.49 60.30
CA SER F 132 0.30 46.99 60.05
C SER F 132 1.26 47.58 61.08
N VAL F 133 2.05 46.71 61.69
CA VAL F 133 3.05 47.10 62.66
C VAL F 133 4.38 46.98 61.95
N VAL F 134 5.15 48.05 61.98
CA VAL F 134 6.34 48.14 61.17
C VAL F 134 7.56 48.10 62.05
N CYS F 135 8.53 47.30 61.61
CA CYS F 135 9.82 47.22 62.29
C CYS F 135 10.92 47.44 61.29
N LEU F 136 11.79 48.39 61.55
CA LEU F 136 12.85 48.69 60.60
C LEU F 136 14.20 48.33 61.16
N LEU F 137 15.01 47.76 60.27
CA LEU F 137 16.40 47.43 60.52
C LEU F 137 17.21 48.17 59.47
N ASN F 138 17.66 49.37 59.82
CA ASN F 138 18.30 50.25 58.90
C ASN F 138 19.80 50.14 59.00
N ASN F 139 20.46 50.21 57.84
CA ASN F 139 21.92 50.35 57.72
C ASN F 139 22.75 49.34 58.47
N PHE F 140 22.60 48.04 58.20
CA PHE F 140 23.40 47.00 58.84
C PHE F 140 24.16 46.10 57.88
N TYR F 141 25.17 45.39 58.39
CA TYR F 141 25.98 44.46 57.61
C TYR F 141 26.54 43.35 58.52
N PRO F 142 26.55 42.07 58.10
CA PRO F 142 26.09 41.55 56.80
C PRO F 142 24.56 41.47 56.68
N ARG F 143 24.06 41.06 55.51
CA ARG F 143 22.64 41.00 55.10
C ARG F 143 21.72 40.13 55.96
N GLU F 144 22.20 39.01 56.48
CA GLU F 144 21.43 38.06 57.26
C GLU F 144 21.10 38.69 58.61
N ALA F 145 19.83 38.57 59.00
CA ALA F 145 19.32 39.05 60.29
C ALA F 145 18.13 38.22 60.81
N LYS F 146 18.02 38.14 62.14
CA LYS F 146 16.95 37.40 62.79
C LYS F 146 15.97 38.37 63.42
N VAL F 147 14.75 38.43 62.89
CA VAL F 147 13.73 39.34 63.41
C VAL F 147 12.49 38.57 63.74
N GLN F 148 12.02 38.73 64.98
CA GLN F 148 10.84 38.02 65.46
C GLN F 148 9.84 38.99 66.11
N TRP F 149 8.54 38.70 65.93
CA TRP F 149 7.44 39.44 66.55
C TRP F 149 6.83 38.76 67.80
N LYS F 150 6.87 39.44 68.95
CA LYS F 150 6.34 38.83 70.18
C LYS F 150 5.30 39.70 70.94
N VAL F 151 4.04 39.57 70.56
CA VAL F 151 2.95 40.38 71.11
C VAL F 151 2.33 39.75 72.36
N ASP F 152 2.40 40.48 73.46
CA ASP F 152 2.03 39.98 74.79
C ASP F 152 2.63 38.59 75.16
N ASN F 153 3.91 38.42 74.80
CA ASN F 153 4.70 37.16 74.92
C ASN F 153 4.28 36.00 73.98
N ALA F 154 3.39 36.27 73.04
CA ALA F 154 2.99 35.27 72.04
C ALA F 154 3.67 35.47 70.68
N LEU F 155 4.65 34.61 70.40
CA LEU F 155 5.45 34.64 69.17
C LEU F 155 4.60 34.41 67.91
N GLN F 156 4.71 35.31 66.93
CA GLN F 156 3.94 35.17 65.69
C GLN F 156 4.65 34.33 64.59
N SER F 157 3.85 33.72 63.72
CA SER F 157 4.34 32.94 62.57
C SER F 157 3.32 32.96 61.42
N GLY F 158 3.79 33.23 60.20
CA GLY F 158 2.93 33.23 59.03
C GLY F 158 2.30 34.56 58.64
N ASN F 159 2.40 35.56 59.51
CA ASN F 159 1.79 36.88 59.21
C ASN F 159 2.80 38.05 59.20
N SER F 160 4.06 37.72 58.92
CA SER F 160 5.17 38.67 58.94
C SER F 160 5.91 38.60 57.62
N GLN F 161 5.94 39.70 56.89
CA GLN F 161 6.72 39.69 55.64
C GLN F 161 8.03 40.45 55.72
N GLU F 162 8.98 40.09 54.88
CA GLU F 162 10.28 40.73 54.88
C GLU F 162 10.65 41.11 53.49
N SER F 163 11.33 42.25 53.40
CA SER F 163 11.89 42.76 52.15
C SER F 163 13.26 43.33 52.43
N VAL F 164 14.21 43.03 51.57
CA VAL F 164 15.57 43.52 51.79
C VAL F 164 16.06 44.24 50.56
N THR F 165 16.69 45.38 50.78
CA THR F 165 17.22 46.24 49.72
C THR F 165 18.53 45.72 49.07
N GLU F 166 18.94 46.26 47.94
CA GLU F 166 20.27 45.90 47.41
C GLU F 166 21.37 46.59 48.23
N GLN F 167 22.58 46.03 48.20
CA GLN F 167 23.71 46.57 48.94
C GLN F 167 23.93 48.05 48.58
N ASP F 168 24.00 48.96 49.56
CA ASP F 168 24.18 50.39 49.34
C ASP F 168 25.49 50.72 48.63
N SER F 169 25.36 51.53 47.58
CA SER F 169 26.48 51.86 46.72
C SER F 169 27.46 52.80 47.40
N LYS F 170 27.03 53.41 48.50
CA LYS F 170 27.91 54.39 49.19
C LYS F 170 28.61 53.84 50.42
N ASP F 171 27.92 53.02 51.21
CA ASP F 171 28.48 52.42 52.43
C ASP F 171 28.34 50.90 52.53
N SER F 172 27.91 50.23 51.47
CA SER F 172 27.80 48.78 51.38
C SER F 172 26.96 48.11 52.47
N THR F 173 26.02 48.81 53.12
CA THR F 173 25.09 48.22 54.10
C THR F 173 23.76 47.76 53.46
N TYR F 174 22.93 47.05 54.23
CA TYR F 174 21.60 46.54 53.85
C TYR F 174 20.53 47.16 54.77
N SER F 175 19.28 47.30 54.31
CA SER F 175 18.20 47.72 55.16
C SER F 175 17.16 46.65 55.02
N LEU F 176 16.53 46.29 56.11
CA LEU F 176 15.50 45.28 56.09
C LEU F 176 14.17 45.81 56.64
N SER F 177 13.11 45.54 55.89
CA SER F 177 11.79 45.94 56.31
C SER F 177 11.00 44.71 56.75
N SER F 178 10.50 44.76 58.00
CA SER F 178 9.72 43.67 58.55
C SER F 178 8.34 44.17 58.95
N THR F 179 7.31 43.62 58.32
CA THR F 179 5.96 44.06 58.60
C THR F 179 4.95 42.98 59.09
N LEU F 180 4.32 43.27 60.21
CA LEU F 180 3.36 42.36 60.81
C LEU F 180 1.95 42.80 60.43
N THR F 181 1.25 41.93 59.71
CA THR F 181 -0.07 42.26 59.17
C THR F 181 -1.21 41.63 59.99
N LEU F 182 -2.00 42.52 60.56
CA LEU F 182 -3.11 42.13 61.42
C LEU F 182 -4.40 42.77 60.94
N SER F 183 -5.50 42.09 61.26
CA SER F 183 -6.83 42.66 61.13
C SER F 183 -7.05 43.58 62.31
N LYS F 184 -8.01 44.50 62.15
CA LYS F 184 -8.40 45.42 63.21
C LYS F 184 -8.74 44.68 64.48
N ALA F 185 -9.55 43.62 64.37
CA ALA F 185 -9.94 42.79 65.51
C ALA F 185 -8.77 42.05 66.20
N ASP F 186 -7.87 41.46 65.43
CA ASP F 186 -6.72 40.76 66.00
C ASP F 186 -5.73 41.71 66.71
N TYR F 187 -5.63 42.95 66.19
CA TYR F 187 -4.88 44.03 66.82
C TYR F 187 -5.43 44.51 68.16
N GLU F 188 -6.75 44.71 68.23
CA GLU F 188 -7.43 45.13 69.47
C GLU F 188 -7.32 44.10 70.59
N LYS F 189 -7.27 42.82 70.22
CA LYS F 189 -7.16 41.73 71.19
C LYS F 189 -5.90 41.84 72.01
N HIS F 190 -4.89 42.53 71.49
CA HIS F 190 -3.61 42.57 72.17
C HIS F 190 -3.16 43.99 72.59
N LYS F 191 -2.28 44.07 73.58
CA LYS F 191 -1.81 45.33 74.13
C LYS F 191 -0.32 45.61 73.81
N VAL F 192 0.57 44.73 74.25
CA VAL F 192 2.01 45.02 74.18
C VAL F 192 2.72 44.44 72.93
N TYR F 193 3.18 45.32 72.05
CA TYR F 193 3.85 44.88 70.82
C TYR F 193 5.36 45.10 70.83
N ALA F 194 6.09 44.14 70.26
CA ALA F 194 7.54 44.19 70.29
C ALA F 194 8.18 43.55 69.06
N CYS F 195 9.28 44.16 68.64
CA CYS F 195 10.06 43.64 67.53
C CYS F 195 11.42 43.33 68.11
N GLU F 196 11.80 42.04 68.14
CA GLU F 196 13.07 41.64 68.73
C GLU F 196 14.09 41.34 67.65
N VAL F 197 15.24 42.01 67.75
CA VAL F 197 16.26 41.83 66.73
C VAL F 197 17.59 41.27 67.23
N THR F 198 18.04 40.25 66.51
CA THR F 198 19.34 39.64 66.74
C THR F 198 20.14 39.68 65.46
N HIS F 199 21.39 40.11 65.60
CA HIS F 199 22.30 40.29 64.48
C HIS F 199 23.72 40.16 65.02
N GLN F 200 24.65 39.80 64.14
CA GLN F 200 26.07 39.67 64.46
C GLN F 200 26.68 40.92 65.12
N GLY F 201 26.22 42.10 64.70
CA GLY F 201 26.68 43.37 65.26
C GLY F 201 26.11 43.86 66.59
N LEU F 202 25.21 43.09 67.17
CA LEU F 202 24.61 43.51 68.44
C LEU F 202 25.22 42.70 69.57
N SER F 203 25.79 43.40 70.55
CA SER F 203 26.39 42.76 71.73
C SER F 203 25.31 42.11 72.59
N SER F 204 24.07 42.58 72.41
CA SER F 204 22.93 42.00 73.08
C SER F 204 21.66 42.28 72.25
N PRO F 205 20.67 41.38 72.33
CA PRO F 205 19.39 41.54 71.61
C PRO F 205 18.73 42.90 71.87
N VAL F 206 18.20 43.51 70.81
CA VAL F 206 17.55 44.82 70.90
C VAL F 206 16.09 44.70 70.52
N THR F 207 15.23 45.13 71.45
CA THR F 207 13.78 45.07 71.31
C THR F 207 13.16 46.47 71.48
N LYS F 208 12.28 46.84 70.56
CA LYS F 208 11.54 48.09 70.64
C LYS F 208 10.09 47.69 70.87
N SER F 209 9.35 48.47 71.64
CA SER F 209 7.98 48.08 71.96
C SER F 209 7.04 49.25 72.19
N PHE F 210 5.74 48.99 72.08
CA PHE F 210 4.72 49.99 72.37
C PHE F 210 3.42 49.37 72.90
N ASN F 211 2.62 50.19 73.57
CA ASN F 211 1.34 49.73 74.06
C ASN F 211 0.18 50.35 73.30
N ARG F 212 -0.69 49.51 72.78
CA ARG F 212 -1.85 49.95 72.00
C ARG F 212 -2.71 50.95 72.80
N GLY F 213 -2.97 52.10 72.18
CA GLY F 213 -3.79 53.13 72.79
C GLY F 213 -3.05 54.16 73.66
N GLU F 214 -1.78 53.90 73.99
CA GLU F 214 -1.02 54.82 74.85
C GLU F 214 -0.13 55.79 74.05
N CYS F 215 0.01 55.51 72.75
CA CYS F 215 0.84 56.29 71.81
C CYS F 215 2.24 56.49 72.30
#